data_5OB6
# 
_entry.id   5OB6 
# 
_audit_conform.dict_name       mmcif_pdbx.dic 
_audit_conform.dict_version    5.398 
_audit_conform.dict_location   http://mmcif.pdb.org/dictionaries/ascii/mmcif_pdbx.dic 
# 
loop_
_database_2.database_id 
_database_2.database_code 
_database_2.pdbx_database_accession 
_database_2.pdbx_DOI 
PDB   5OB6         pdb_00005ob6 10.2210/pdb5ob6/pdb 
WWPDB D_1200005504 ?            ?                   
# 
loop_
_pdbx_audit_revision_history.ordinal 
_pdbx_audit_revision_history.data_content_type 
_pdbx_audit_revision_history.major_revision 
_pdbx_audit_revision_history.minor_revision 
_pdbx_audit_revision_history.revision_date 
1 'Structure model' 1 0 2017-07-26 
2 'Structure model' 1 1 2017-08-02 
3 'Structure model' 1 2 2024-01-17 
4 'Structure model' 1 3 2024-11-06 
# 
_pdbx_audit_revision_details.ordinal             1 
_pdbx_audit_revision_details.revision_ordinal    1 
_pdbx_audit_revision_details.data_content_type   'Structure model' 
_pdbx_audit_revision_details.provider            repository 
_pdbx_audit_revision_details.type                'Initial release' 
_pdbx_audit_revision_details.description         ? 
_pdbx_audit_revision_details.details             ? 
# 
loop_
_pdbx_audit_revision_group.ordinal 
_pdbx_audit_revision_group.revision_ordinal 
_pdbx_audit_revision_group.data_content_type 
_pdbx_audit_revision_group.group 
1 2 'Structure model' 'Database references'    
2 3 'Structure model' Advisory                 
3 3 'Structure model' 'Data collection'        
4 3 'Structure model' 'Database references'    
5 3 'Structure model' 'Refinement description' 
6 4 'Structure model' 'Structure summary'      
# 
loop_
_pdbx_audit_revision_category.ordinal 
_pdbx_audit_revision_category.revision_ordinal 
_pdbx_audit_revision_category.data_content_type 
_pdbx_audit_revision_category.category 
1 2 'Structure model' citation                      
2 3 'Structure model' chem_comp_atom                
3 3 'Structure model' chem_comp_bond                
4 3 'Structure model' database_2                    
5 3 'Structure model' pdbx_initial_refinement_model 
6 3 'Structure model' pdbx_unobs_or_zero_occ_atoms  
7 4 'Structure model' pdbx_entry_details            
8 4 'Structure model' pdbx_modification_feature     
# 
loop_
_pdbx_audit_revision_item.ordinal 
_pdbx_audit_revision_item.revision_ordinal 
_pdbx_audit_revision_item.data_content_type 
_pdbx_audit_revision_item.item 
1 2 'Structure model' '_citation.country'                   
2 2 'Structure model' '_citation.journal_volume'            
3 2 'Structure model' '_citation.page_first'                
4 2 'Structure model' '_citation.page_last'                 
5 3 'Structure model' '_database_2.pdbx_DOI'                
6 3 'Structure model' '_database_2.pdbx_database_accession' 
# 
_pdbx_database_status.status_code                     REL 
_pdbx_database_status.status_code_sf                  REL 
_pdbx_database_status.status_code_mr                  ? 
_pdbx_database_status.entry_id                        5OB6 
_pdbx_database_status.recvd_initial_deposition_date   2017-06-26 
_pdbx_database_status.SG_entry                        N 
_pdbx_database_status.deposit_site                    PDBE 
_pdbx_database_status.process_site                    PDBE 
_pdbx_database_status.status_code_cs                  ? 
_pdbx_database_status.methods_development_category    ? 
_pdbx_database_status.pdb_format_compatible           Y 
_pdbx_database_status.status_code_nmr_data            ? 
# 
loop_
_audit_author.name 
_audit_author.pdbx_ordinal 
_audit_author.identifier_ORCID 
'Pontillo, N.' 1 ? 
'Ferraro, G.'  2 ? 
'Merlino, A.'  3 ? 
# 
_citation.abstract                  ? 
_citation.abstract_id_CAS           ? 
_citation.book_id_ISBN              ? 
_citation.book_publisher            ? 
_citation.book_publisher_city       ? 
_citation.book_title                ? 
_citation.coordinate_linkage        ? 
_citation.country                   UK 
_citation.database_id_Medline       ? 
_citation.details                   ? 
_citation.id                        primary 
_citation.journal_abbrev            'Dalton Trans' 
_citation.journal_id_ASTM           ? 
_citation.journal_id_CSD            ? 
_citation.journal_id_ISSN           1477-9234 
_citation.journal_full              ? 
_citation.journal_issue             ? 
_citation.journal_volume            46 
_citation.language                  ? 
_citation.page_first                9621 
_citation.page_last                 9629 
_citation.title                     
;Ru-Based CO releasing molecules with azole ligands: interaction with proteins and the CO release mechanism disclosed by X-ray crystallography.
;
_citation.year                      2017 
_citation.database_id_CSD           ? 
_citation.pdbx_database_id_DOI      10.1039/c7dt01991b 
_citation.pdbx_database_id_PubMed   28702564 
_citation.unpublished_flag          ? 
# 
loop_
_citation_author.citation_id 
_citation_author.name 
_citation_author.ordinal 
_citation_author.identifier_ORCID 
primary 'Pontillo, N.' 1 ? 
primary 'Ferraro, G.'  2 ? 
primary 'Messori, L.'  3 ? 
primary 'Tamasi, G.'   4 ? 
primary 'Merlino, A.'  5 ? 
# 
loop_
_entity.id 
_entity.type 
_entity.src_method 
_entity.pdbx_description 
_entity.formula_weight 
_entity.pdbx_number_of_molecules 
_entity.pdbx_ec 
_entity.pdbx_mutation 
_entity.pdbx_fragment 
_entity.details 
1 polymer     nat 'Lysozyme C'                                              14331.160 1   3.2.1.17 ? ? ? 
2 non-polymer syn GLYCEROL                                                  92.094    1   ?        ? ? ? 
3 non-polymer syn 'CHLORIDE ION'                                            35.453    2   ?        ? ? ? 
4 non-polymer syn 'SODIUM ION'                                              22.990    1   ?        ? ? ? 
5 non-polymer syn 'tris(oxidaniumylidynemethyl)-tris(oxidanyl)ruthenium'    236.122   1   ?        ? ? ? 
6 non-polymer syn 'pentakis(oxidaniumyl)-(oxidaniumylidynemethyl)ruthenium' 219.156   3   ?        ? ? ? 
7 non-polymer syn 'bis(oxidaniumylidynemethyl)ruthenium(2+)'                157.090   1   ?        ? ? ? 
8 water       nat water                                                     18.015    147 ?        ? ? ? 
# 
_entity_name_com.entity_id   1 
_entity_name_com.name        '1,4-beta-N-acetylmuramidase C,Allergen Gal d IV' 
# 
_entity_poly.entity_id                      1 
_entity_poly.type                           'polypeptide(L)' 
_entity_poly.nstd_linkage                   no 
_entity_poly.nstd_monomer                   no 
_entity_poly.pdbx_seq_one_letter_code       
;KVFGRCELAAAMKRHGLDNYRGYSLGNWVCAAKFESNFNTQATNRNTDGSTDYGILQINSRWWCNDGRTPGSRNLCNIPC
SALLSSDITASVNCAKKIVSDGNGMNAWVAWRNRCKGTDVQAWIRGCRL
;
_entity_poly.pdbx_seq_one_letter_code_can   
;KVFGRCELAAAMKRHGLDNYRGYSLGNWVCAAKFESNFNTQATNRNTDGSTDYGILQINSRWWCNDGRTPGSRNLCNIPC
SALLSSDITASVNCAKKIVSDGNGMNAWVAWRNRCKGTDVQAWIRGCRL
;
_entity_poly.pdbx_strand_id                 A 
_entity_poly.pdbx_target_identifier         ? 
# 
loop_
_pdbx_entity_nonpoly.entity_id 
_pdbx_entity_nonpoly.name 
_pdbx_entity_nonpoly.comp_id 
2 GLYCEROL                                                  GOL 
3 'CHLORIDE ION'                                            CL  
4 'SODIUM ION'                                              NA  
5 'tris(oxidaniumylidynemethyl)-tris(oxidanyl)ruthenium'    9Q8 
6 'pentakis(oxidaniumyl)-(oxidaniumylidynemethyl)ruthenium' RU2 
7 'bis(oxidaniumylidynemethyl)ruthenium(2+)'                RU1 
8 water                                                     HOH 
# 
loop_
_entity_poly_seq.entity_id 
_entity_poly_seq.num 
_entity_poly_seq.mon_id 
_entity_poly_seq.hetero 
1 1   LYS n 
1 2   VAL n 
1 3   PHE n 
1 4   GLY n 
1 5   ARG n 
1 6   CYS n 
1 7   GLU n 
1 8   LEU n 
1 9   ALA n 
1 10  ALA n 
1 11  ALA n 
1 12  MET n 
1 13  LYS n 
1 14  ARG n 
1 15  HIS n 
1 16  GLY n 
1 17  LEU n 
1 18  ASP n 
1 19  ASN n 
1 20  TYR n 
1 21  ARG n 
1 22  GLY n 
1 23  TYR n 
1 24  SER n 
1 25  LEU n 
1 26  GLY n 
1 27  ASN n 
1 28  TRP n 
1 29  VAL n 
1 30  CYS n 
1 31  ALA n 
1 32  ALA n 
1 33  LYS n 
1 34  PHE n 
1 35  GLU n 
1 36  SER n 
1 37  ASN n 
1 38  PHE n 
1 39  ASN n 
1 40  THR n 
1 41  GLN n 
1 42  ALA n 
1 43  THR n 
1 44  ASN n 
1 45  ARG n 
1 46  ASN n 
1 47  THR n 
1 48  ASP n 
1 49  GLY n 
1 50  SER n 
1 51  THR n 
1 52  ASP n 
1 53  TYR n 
1 54  GLY n 
1 55  ILE n 
1 56  LEU n 
1 57  GLN n 
1 58  ILE n 
1 59  ASN n 
1 60  SER n 
1 61  ARG n 
1 62  TRP n 
1 63  TRP n 
1 64  CYS n 
1 65  ASN n 
1 66  ASP n 
1 67  GLY n 
1 68  ARG n 
1 69  THR n 
1 70  PRO n 
1 71  GLY n 
1 72  SER n 
1 73  ARG n 
1 74  ASN n 
1 75  LEU n 
1 76  CYS n 
1 77  ASN n 
1 78  ILE n 
1 79  PRO n 
1 80  CYS n 
1 81  SER n 
1 82  ALA n 
1 83  LEU n 
1 84  LEU n 
1 85  SER n 
1 86  SER n 
1 87  ASP n 
1 88  ILE n 
1 89  THR n 
1 90  ALA n 
1 91  SER n 
1 92  VAL n 
1 93  ASN n 
1 94  CYS n 
1 95  ALA n 
1 96  LYS n 
1 97  LYS n 
1 98  ILE n 
1 99  VAL n 
1 100 SER n 
1 101 ASP n 
1 102 GLY n 
1 103 ASN n 
1 104 GLY n 
1 105 MET n 
1 106 ASN n 
1 107 ALA n 
1 108 TRP n 
1 109 VAL n 
1 110 ALA n 
1 111 TRP n 
1 112 ARG n 
1 113 ASN n 
1 114 ARG n 
1 115 CYS n 
1 116 LYS n 
1 117 GLY n 
1 118 THR n 
1 119 ASP n 
1 120 VAL n 
1 121 GLN n 
1 122 ALA n 
1 123 TRP n 
1 124 ILE n 
1 125 ARG n 
1 126 GLY n 
1 127 CYS n 
1 128 ARG n 
1 129 LEU n 
# 
_entity_src_nat.entity_id                  1 
_entity_src_nat.pdbx_src_id                1 
_entity_src_nat.pdbx_alt_source_flag       sample 
_entity_src_nat.pdbx_beg_seq_num           1 
_entity_src_nat.pdbx_end_seq_num           129 
_entity_src_nat.common_name                Chicken 
_entity_src_nat.pdbx_organism_scientific   'Gallus gallus' 
_entity_src_nat.pdbx_ncbi_taxonomy_id      9031 
_entity_src_nat.genus                      ? 
_entity_src_nat.species                    ? 
_entity_src_nat.strain                     ? 
_entity_src_nat.tissue                     ? 
_entity_src_nat.tissue_fraction            ? 
_entity_src_nat.pdbx_secretion             ? 
_entity_src_nat.pdbx_fragment              ? 
_entity_src_nat.pdbx_variant               ? 
_entity_src_nat.pdbx_cell_line             ? 
_entity_src_nat.pdbx_atcc                  ? 
_entity_src_nat.pdbx_cellular_location     ? 
_entity_src_nat.pdbx_organ                 ? 
_entity_src_nat.pdbx_organelle             ? 
_entity_src_nat.pdbx_cell                  ? 
_entity_src_nat.pdbx_plasmid_name          ? 
_entity_src_nat.pdbx_plasmid_details       ? 
_entity_src_nat.details                    ? 
# 
loop_
_chem_comp.id 
_chem_comp.type 
_chem_comp.mon_nstd_flag 
_chem_comp.name 
_chem_comp.pdbx_synonyms 
_chem_comp.formula 
_chem_comp.formula_weight 
9Q8 non-polymer         . 'tris(oxidaniumylidynemethyl)-tris(oxidanyl)ruthenium'    ?                               
'C3 H3 O6 Ru 3'  236.122 
ALA 'L-peptide linking' y ALANINE                                                   ?                               'C3 H7 N O2' 
89.093  
ARG 'L-peptide linking' y ARGININE                                                  ?                               
'C6 H15 N4 O2 1' 175.209 
ASN 'L-peptide linking' y ASPARAGINE                                                ?                               'C4 H8 N2 O3' 
132.118 
ASP 'L-peptide linking' y 'ASPARTIC ACID'                                           ?                               'C4 H7 N O4' 
133.103 
CL  non-polymer         . 'CHLORIDE ION'                                            ?                               'Cl -1' 35.453 
CYS 'L-peptide linking' y CYSTEINE                                                  ?                               'C3 H7 N O2 S' 
121.158 
GLN 'L-peptide linking' y GLUTAMINE                                                 ?                               'C5 H10 N2 O3' 
146.144 
GLU 'L-peptide linking' y 'GLUTAMIC ACID'                                           ?                               'C5 H9 N O4' 
147.129 
GLY 'peptide linking'   y GLYCINE                                                   ?                               'C2 H5 N O2' 
75.067  
GOL non-polymer         . GLYCEROL                                                  'GLYCERIN; PROPANE-1,2,3-TRIOL' 'C3 H8 O3' 
92.094  
HIS 'L-peptide linking' y HISTIDINE                                                 ?                               
'C6 H10 N3 O2 1' 156.162 
HOH non-polymer         . WATER                                                     ?                               'H2 O' 18.015  
ILE 'L-peptide linking' y ISOLEUCINE                                                ?                               'C6 H13 N O2' 
131.173 
LEU 'L-peptide linking' y LEUCINE                                                   ?                               'C6 H13 N O2' 
131.173 
LYS 'L-peptide linking' y LYSINE                                                    ?                               
'C6 H15 N2 O2 1' 147.195 
MET 'L-peptide linking' y METHIONINE                                                ?                               
'C5 H11 N O2 S'  149.211 
NA  non-polymer         . 'SODIUM ION'                                              ?                               'Na 1' 22.990  
PHE 'L-peptide linking' y PHENYLALANINE                                             ?                               'C9 H11 N O2' 
165.189 
PRO 'L-peptide linking' y PROLINE                                                   ?                               'C5 H9 N O2' 
115.130 
RU1 non-polymer         . 'bis(oxidaniumylidynemethyl)ruthenium(2+)'                ?                               'C2 O2 Ru 4' 
157.090 
RU2 non-polymer         . 'pentakis(oxidaniumyl)-(oxidaniumylidynemethyl)ruthenium' ?                               
'C H10 O6 Ru 6'  219.156 
SER 'L-peptide linking' y SERINE                                                    ?                               'C3 H7 N O3' 
105.093 
THR 'L-peptide linking' y THREONINE                                                 ?                               'C4 H9 N O3' 
119.119 
TRP 'L-peptide linking' y TRYPTOPHAN                                                ?                               
'C11 H12 N2 O2'  204.225 
TYR 'L-peptide linking' y TYROSINE                                                  ?                               'C9 H11 N O3' 
181.189 
VAL 'L-peptide linking' y VALINE                                                    ?                               'C5 H11 N O2' 
117.146 
# 
loop_
_pdbx_poly_seq_scheme.asym_id 
_pdbx_poly_seq_scheme.entity_id 
_pdbx_poly_seq_scheme.seq_id 
_pdbx_poly_seq_scheme.mon_id 
_pdbx_poly_seq_scheme.ndb_seq_num 
_pdbx_poly_seq_scheme.pdb_seq_num 
_pdbx_poly_seq_scheme.auth_seq_num 
_pdbx_poly_seq_scheme.pdb_mon_id 
_pdbx_poly_seq_scheme.auth_mon_id 
_pdbx_poly_seq_scheme.pdb_strand_id 
_pdbx_poly_seq_scheme.pdb_ins_code 
_pdbx_poly_seq_scheme.hetero 
A 1 1   LYS 1   1   1   LYS LYS A . n 
A 1 2   VAL 2   2   2   VAL VAL A . n 
A 1 3   PHE 3   3   3   PHE PHE A . n 
A 1 4   GLY 4   4   4   GLY GLY A . n 
A 1 5   ARG 5   5   5   ARG ARG A . n 
A 1 6   CYS 6   6   6   CYS CYS A . n 
A 1 7   GLU 7   7   7   GLU GLU A . n 
A 1 8   LEU 8   8   8   LEU LEU A . n 
A 1 9   ALA 9   9   9   ALA ALA A . n 
A 1 10  ALA 10  10  10  ALA ALA A . n 
A 1 11  ALA 11  11  11  ALA ALA A . n 
A 1 12  MET 12  12  12  MET MET A . n 
A 1 13  LYS 13  13  13  LYS LYS A . n 
A 1 14  ARG 14  14  14  ARG ARG A . n 
A 1 15  HIS 15  15  15  HIS HIS A . n 
A 1 16  GLY 16  16  16  GLY GLY A . n 
A 1 17  LEU 17  17  17  LEU LEU A . n 
A 1 18  ASP 18  18  18  ASP ASP A . n 
A 1 19  ASN 19  19  19  ASN ASN A . n 
A 1 20  TYR 20  20  20  TYR TYR A . n 
A 1 21  ARG 21  21  21  ARG ARG A . n 
A 1 22  GLY 22  22  22  GLY GLY A . n 
A 1 23  TYR 23  23  23  TYR TYR A . n 
A 1 24  SER 24  24  24  SER SER A . n 
A 1 25  LEU 25  25  25  LEU LEU A . n 
A 1 26  GLY 26  26  26  GLY GLY A . n 
A 1 27  ASN 27  27  27  ASN ASN A . n 
A 1 28  TRP 28  28  28  TRP TRP A . n 
A 1 29  VAL 29  29  29  VAL VAL A . n 
A 1 30  CYS 30  30  30  CYS CYS A . n 
A 1 31  ALA 31  31  31  ALA ALA A . n 
A 1 32  ALA 32  32  32  ALA ALA A . n 
A 1 33  LYS 33  33  33  LYS LYS A . n 
A 1 34  PHE 34  34  34  PHE PHE A . n 
A 1 35  GLU 35  35  35  GLU GLU A . n 
A 1 36  SER 36  36  36  SER SER A . n 
A 1 37  ASN 37  37  37  ASN ASN A . n 
A 1 38  PHE 38  38  38  PHE PHE A . n 
A 1 39  ASN 39  39  39  ASN ASN A . n 
A 1 40  THR 40  40  40  THR THR A . n 
A 1 41  GLN 41  41  41  GLN GLN A . n 
A 1 42  ALA 42  42  42  ALA ALA A . n 
A 1 43  THR 43  43  43  THR THR A . n 
A 1 44  ASN 44  44  44  ASN ASN A . n 
A 1 45  ARG 45  45  45  ARG ARG A . n 
A 1 46  ASN 46  46  46  ASN ASN A . n 
A 1 47  THR 47  47  47  THR THR A . n 
A 1 48  ASP 48  48  48  ASP ASP A . n 
A 1 49  GLY 49  49  49  GLY GLY A . n 
A 1 50  SER 50  50  50  SER SER A . n 
A 1 51  THR 51  51  51  THR THR A . n 
A 1 52  ASP 52  52  52  ASP ASP A . n 
A 1 53  TYR 53  53  53  TYR TYR A . n 
A 1 54  GLY 54  54  54  GLY GLY A . n 
A 1 55  ILE 55  55  55  ILE ILE A . n 
A 1 56  LEU 56  56  56  LEU LEU A . n 
A 1 57  GLN 57  57  57  GLN GLN A . n 
A 1 58  ILE 58  58  58  ILE ILE A . n 
A 1 59  ASN 59  59  59  ASN ASN A . n 
A 1 60  SER 60  60  60  SER SER A . n 
A 1 61  ARG 61  61  61  ARG ARG A . n 
A 1 62  TRP 62  62  62  TRP TRP A . n 
A 1 63  TRP 63  63  63  TRP TRP A . n 
A 1 64  CYS 64  64  64  CYS CYS A . n 
A 1 65  ASN 65  65  65  ASN ASN A . n 
A 1 66  ASP 66  66  66  ASP ASP A . n 
A 1 67  GLY 67  67  67  GLY GLY A . n 
A 1 68  ARG 68  68  68  ARG ARG A . n 
A 1 69  THR 69  69  69  THR THR A . n 
A 1 70  PRO 70  70  70  PRO PRO A . n 
A 1 71  GLY 71  71  71  GLY GLY A . n 
A 1 72  SER 72  72  72  SER SER A . n 
A 1 73  ARG 73  73  73  ARG ARG A . n 
A 1 74  ASN 74  74  74  ASN ASN A . n 
A 1 75  LEU 75  75  75  LEU LEU A . n 
A 1 76  CYS 76  76  76  CYS CYS A . n 
A 1 77  ASN 77  77  77  ASN ASN A . n 
A 1 78  ILE 78  78  78  ILE ILE A . n 
A 1 79  PRO 79  79  79  PRO PRO A . n 
A 1 80  CYS 80  80  80  CYS CYS A . n 
A 1 81  SER 81  81  81  SER SER A . n 
A 1 82  ALA 82  82  82  ALA ALA A . n 
A 1 83  LEU 83  83  83  LEU LEU A . n 
A 1 84  LEU 84  84  84  LEU LEU A . n 
A 1 85  SER 85  85  85  SER SER A . n 
A 1 86  SER 86  86  86  SER SER A . n 
A 1 87  ASP 87  87  87  ASP ASP A . n 
A 1 88  ILE 88  88  88  ILE ILE A . n 
A 1 89  THR 89  89  89  THR THR A . n 
A 1 90  ALA 90  90  90  ALA ALA A . n 
A 1 91  SER 91  91  91  SER SER A . n 
A 1 92  VAL 92  92  92  VAL VAL A . n 
A 1 93  ASN 93  93  93  ASN ASN A . n 
A 1 94  CYS 94  94  94  CYS CYS A . n 
A 1 95  ALA 95  95  95  ALA ALA A . n 
A 1 96  LYS 96  96  96  LYS LYS A . n 
A 1 97  LYS 97  97  97  LYS LYS A . n 
A 1 98  ILE 98  98  98  ILE ILE A . n 
A 1 99  VAL 99  99  99  VAL VAL A . n 
A 1 100 SER 100 100 100 SER SER A . n 
A 1 101 ASP 101 101 101 ASP ASP A . n 
A 1 102 GLY 102 102 102 GLY GLY A . n 
A 1 103 ASN 103 103 103 ASN ASN A . n 
A 1 104 GLY 104 104 104 GLY GLY A . n 
A 1 105 MET 105 105 105 MET MET A . n 
A 1 106 ASN 106 106 106 ASN ASN A . n 
A 1 107 ALA 107 107 107 ALA ALA A . n 
A 1 108 TRP 108 108 108 TRP TRP A . n 
A 1 109 VAL 109 109 109 VAL VAL A . n 
A 1 110 ALA 110 110 110 ALA ALA A . n 
A 1 111 TRP 111 111 111 TRP TRP A . n 
A 1 112 ARG 112 112 112 ARG ARG A . n 
A 1 113 ASN 113 113 113 ASN ASN A . n 
A 1 114 ARG 114 114 114 ARG ARG A . n 
A 1 115 CYS 115 115 115 CYS CYS A . n 
A 1 116 LYS 116 116 116 LYS LYS A . n 
A 1 117 GLY 117 117 117 GLY GLY A . n 
A 1 118 THR 118 118 118 THR THR A . n 
A 1 119 ASP 119 119 119 ASP ASP A . n 
A 1 120 VAL 120 120 120 VAL VAL A . n 
A 1 121 GLN 121 121 121 GLN GLN A . n 
A 1 122 ALA 122 122 122 ALA ALA A . n 
A 1 123 TRP 123 123 123 TRP TRP A . n 
A 1 124 ILE 124 124 124 ILE ILE A . n 
A 1 125 ARG 125 125 125 ARG ARG A . n 
A 1 126 GLY 126 126 126 GLY GLY A . n 
A 1 127 CYS 127 127 127 CYS CYS A . n 
A 1 128 ARG 128 128 128 ARG ARG A . n 
A 1 129 LEU 129 129 129 LEU LEU A . n 
# 
loop_
_pdbx_nonpoly_scheme.asym_id 
_pdbx_nonpoly_scheme.entity_id 
_pdbx_nonpoly_scheme.mon_id 
_pdbx_nonpoly_scheme.ndb_seq_num 
_pdbx_nonpoly_scheme.pdb_seq_num 
_pdbx_nonpoly_scheme.auth_seq_num 
_pdbx_nonpoly_scheme.pdb_mon_id 
_pdbx_nonpoly_scheme.auth_mon_id 
_pdbx_nonpoly_scheme.pdb_strand_id 
_pdbx_nonpoly_scheme.pdb_ins_code 
B 2 GOL 1   201 1   GOL GOL A . 
C 3 CL  1   202 1   CL  CL  A . 
D 4 NA  1   203 2   NA  NA  A . 
E 3 CL  1   204 3   CL  CL  A . 
F 5 9Q8 1   205 1   9Q8 RU1 A . 
G 6 RU2 1   206 2   RU2 RU2 A . 
H 6 RU2 1   207 3   RU2 RU2 A . 
I 7 RU1 1   208 4   RU1 RU1 A . 
J 6 RU2 1   209 5   RU2 RUW A . 
K 8 HOH 1   301 133 HOH HOH A . 
K 8 HOH 2   302 103 HOH HOH A . 
K 8 HOH 3   303 82  HOH HOH A . 
K 8 HOH 4   304 75  HOH HOH A . 
K 8 HOH 5   305 57  HOH HOH A . 
K 8 HOH 6   306 86  HOH HOH A . 
K 8 HOH 7   307 30  HOH HOH A . 
K 8 HOH 8   308 107 HOH HOH A . 
K 8 HOH 9   309 222 HOH HOH A . 
K 8 HOH 10  310 232 HOH HOH A . 
K 8 HOH 11  311 76  HOH HOH A . 
K 8 HOH 12  312 71  HOH HOH A . 
K 8 HOH 13  313 13  HOH HOH A . 
K 8 HOH 14  314 88  HOH HOH A . 
K 8 HOH 15  315 48  HOH HOH A . 
K 8 HOH 16  316 131 HOH HOH A . 
K 8 HOH 17  317 84  HOH HOH A . 
K 8 HOH 18  318 16  HOH HOH A . 
K 8 HOH 19  319 53  HOH HOH A . 
K 8 HOH 20  320 226 HOH HOH A . 
K 8 HOH 21  321 74  HOH HOH A . 
K 8 HOH 22  322 83  HOH HOH A . 
K 8 HOH 23  323 19  HOH HOH A . 
K 8 HOH 24  324 31  HOH HOH A . 
K 8 HOH 25  325 1   HOH HOH A . 
K 8 HOH 26  326 3   HOH HOH A . 
K 8 HOH 27  327 148 HOH HOH A . 
K 8 HOH 28  328 79  HOH HOH A . 
K 8 HOH 29  329 49  HOH HOH A . 
K 8 HOH 30  330 169 HOH HOH A . 
K 8 HOH 31  331 50  HOH HOH A . 
K 8 HOH 32  332 32  HOH HOH A . 
K 8 HOH 33  333 80  HOH HOH A . 
K 8 HOH 34  334 223 HOH HOH A . 
K 8 HOH 35  335 65  HOH HOH A . 
K 8 HOH 36  336 22  HOH HOH A . 
K 8 HOH 37  337 63  HOH HOH A . 
K 8 HOH 38  338 155 HOH HOH A . 
K 8 HOH 39  339 58  HOH HOH A . 
K 8 HOH 40  340 21  HOH HOH A . 
K 8 HOH 41  341 70  HOH HOH A . 
K 8 HOH 42  342 18  HOH HOH A . 
K 8 HOH 43  343 184 HOH HOH A . 
K 8 HOH 44  344 98  HOH HOH A . 
K 8 HOH 45  345 178 HOH HOH A . 
K 8 HOH 46  346 7   HOH HOH A . 
K 8 HOH 47  347 174 HOH HOH A . 
K 8 HOH 48  348 102 HOH HOH A . 
K 8 HOH 49  349 229 HOH HOH A . 
K 8 HOH 50  350 106 HOH HOH A . 
K 8 HOH 51  351 44  HOH HOH A . 
K 8 HOH 52  352 230 HOH HOH A . 
K 8 HOH 53  353 66  HOH HOH A . 
K 8 HOH 54  354 56  HOH HOH A . 
K 8 HOH 55  355 89  HOH HOH A . 
K 8 HOH 56  356 146 HOH HOH A . 
K 8 HOH 57  357 15  HOH HOH A . 
K 8 HOH 58  358 11  HOH HOH A . 
K 8 HOH 59  359 115 HOH HOH A . 
K 8 HOH 60  360 145 HOH HOH A . 
K 8 HOH 61  361 111 HOH HOH A . 
K 8 HOH 62  362 110 HOH HOH A . 
K 8 HOH 63  363 116 HOH HOH A . 
K 8 HOH 64  364 99  HOH HOH A . 
K 8 HOH 65  365 12  HOH HOH A . 
K 8 HOH 66  366 136 HOH HOH A . 
K 8 HOH 67  367 221 HOH HOH A . 
K 8 HOH 68  368 137 HOH HOH A . 
K 8 HOH 69  369 46  HOH HOH A . 
K 8 HOH 70  370 100 HOH HOH A . 
K 8 HOH 71  371 55  HOH HOH A . 
K 8 HOH 72  372 227 HOH HOH A . 
K 8 HOH 73  373 9   HOH HOH A . 
K 8 HOH 74  374 61  HOH HOH A . 
K 8 HOH 75  375 165 HOH HOH A . 
K 8 HOH 76  376 8   HOH HOH A . 
K 8 HOH 77  377 20  HOH HOH A . 
K 8 HOH 78  378 14  HOH HOH A . 
K 8 HOH 79  379 42  HOH HOH A . 
K 8 HOH 80  380 38  HOH HOH A . 
K 8 HOH 81  381 225 HOH HOH A . 
K 8 HOH 82  382 17  HOH HOH A . 
K 8 HOH 83  383 73  HOH HOH A . 
K 8 HOH 84  384 37  HOH HOH A . 
K 8 HOH 85  385 183 HOH HOH A . 
K 8 HOH 86  386 26  HOH HOH A . 
K 8 HOH 87  387 109 HOH HOH A . 
K 8 HOH 88  388 218 HOH HOH A . 
K 8 HOH 89  389 231 HOH HOH A . 
K 8 HOH 90  390 198 HOH HOH A . 
K 8 HOH 91  391 81  HOH HOH A . 
K 8 HOH 92  392 2   HOH HOH A . 
K 8 HOH 93  393 68  HOH HOH A . 
K 8 HOH 94  394 147 HOH HOH A . 
K 8 HOH 95  395 220 HOH HOH A . 
K 8 HOH 96  396 157 HOH HOH A . 
K 8 HOH 97  397 69  HOH HOH A . 
K 8 HOH 98  398 94  HOH HOH A . 
K 8 HOH 99  399 128 HOH HOH A . 
K 8 HOH 100 400 117 HOH HOH A . 
K 8 HOH 101 401 97  HOH HOH A . 
K 8 HOH 102 402 130 HOH HOH A . 
K 8 HOH 103 403 91  HOH HOH A . 
K 8 HOH 104 404 41  HOH HOH A . 
K 8 HOH 105 405 34  HOH HOH A . 
K 8 HOH 106 406 190 HOH HOH A . 
K 8 HOH 107 407 33  HOH HOH A . 
K 8 HOH 108 408 10  HOH HOH A . 
K 8 HOH 109 409 52  HOH HOH A . 
K 8 HOH 110 410 105 HOH HOH A . 
K 8 HOH 111 411 54  HOH HOH A . 
K 8 HOH 112 412 139 HOH HOH A . 
K 8 HOH 113 413 47  HOH HOH A . 
K 8 HOH 114 414 202 HOH HOH A . 
K 8 HOH 115 415 203 HOH HOH A . 
K 8 HOH 116 416 96  HOH HOH A . 
K 8 HOH 117 417 112 HOH HOH A . 
K 8 HOH 118 418 134 HOH HOH A . 
K 8 HOH 119 419 124 HOH HOH A . 
K 8 HOH 120 420 90  HOH HOH A . 
K 8 HOH 121 421 85  HOH HOH A . 
K 8 HOH 122 422 39  HOH HOH A . 
K 8 HOH 123 423 113 HOH HOH A . 
K 8 HOH 124 424 211 HOH HOH A . 
K 8 HOH 125 425 72  HOH HOH A . 
K 8 HOH 126 426 135 HOH HOH A . 
K 8 HOH 127 427 62  HOH HOH A . 
K 8 HOH 128 428 228 HOH HOH A . 
K 8 HOH 129 429 152 HOH HOH A . 
K 8 HOH 130 430 185 HOH HOH A . 
K 8 HOH 131 431 195 HOH HOH A . 
K 8 HOH 132 432 173 HOH HOH A . 
K 8 HOH 133 433 188 HOH HOH A . 
K 8 HOH 134 434 92  HOH HOH A . 
K 8 HOH 135 435 45  HOH HOH A . 
K 8 HOH 136 436 216 HOH HOH A . 
K 8 HOH 137 437 125 HOH HOH A . 
K 8 HOH 138 438 176 HOH HOH A . 
K 8 HOH 139 439 156 HOH HOH A . 
K 8 HOH 140 440 51  HOH HOH A . 
K 8 HOH 141 441 171 HOH HOH A . 
K 8 HOH 142 442 64  HOH HOH A . 
K 8 HOH 143 443 212 HOH HOH A . 
K 8 HOH 144 444 172 HOH HOH A . 
K 8 HOH 145 445 93  HOH HOH A . 
K 8 HOH 146 446 197 HOH HOH A . 
K 8 HOH 147 447 163 HOH HOH A . 
# 
loop_
_software.citation_id 
_software.classification 
_software.compiler_name 
_software.compiler_version 
_software.contact_author 
_software.contact_author_email 
_software.date 
_software.description 
_software.dependencies 
_software.hardware 
_software.language 
_software.location 
_software.mods 
_software.name 
_software.os 
_software.os_version 
_software.type 
_software.version 
_software.pdbx_ordinal 
? refinement       ? ? ? ? ? ? ? ? ? ? ? REFMAC   ? ? ? 5.8.0158 1 
? 'data reduction' ? ? ? ? ? ? ? ? ? ? ? HKL-2000 ? ? ? .        2 
? 'data scaling'   ? ? ? ? ? ? ? ? ? ? ? HKL-2000 ? ? ? .        3 
? phasing          ? ? ? ? ? ? ? ? ? ? ? PHASER   ? ? ? .        4 
# 
_cell.angle_alpha                  90.00 
_cell.angle_alpha_esd              ? 
_cell.angle_beta                   90.00 
_cell.angle_beta_esd               ? 
_cell.angle_gamma                  90.00 
_cell.angle_gamma_esd              ? 
_cell.entry_id                     5OB6 
_cell.details                      ? 
_cell.formula_units_Z              ? 
_cell.length_a                     79.776 
_cell.length_a_esd                 ? 
_cell.length_b                     79.776 
_cell.length_b_esd                 ? 
_cell.length_c                     36.637 
_cell.length_c_esd                 ? 
_cell.volume                       ? 
_cell.volume_esd                   ? 
_cell.Z_PDB                        8 
_cell.reciprocal_angle_alpha       ? 
_cell.reciprocal_angle_beta        ? 
_cell.reciprocal_angle_gamma       ? 
_cell.reciprocal_angle_alpha_esd   ? 
_cell.reciprocal_angle_beta_esd    ? 
_cell.reciprocal_angle_gamma_esd   ? 
_cell.reciprocal_length_a          ? 
_cell.reciprocal_length_b          ? 
_cell.reciprocal_length_c          ? 
_cell.reciprocal_length_a_esd      ? 
_cell.reciprocal_length_b_esd      ? 
_cell.reciprocal_length_c_esd      ? 
_cell.pdbx_unique_axis             ? 
# 
_symmetry.entry_id                         5OB6 
_symmetry.cell_setting                     ? 
_symmetry.Int_Tables_number                96 
_symmetry.space_group_name_Hall            ? 
_symmetry.space_group_name_H-M             'P 43 21 2' 
_symmetry.pdbx_full_space_group_name_H-M   ? 
# 
_exptl.absorpt_coefficient_mu     ? 
_exptl.absorpt_correction_T_max   ? 
_exptl.absorpt_correction_T_min   ? 
_exptl.absorpt_correction_type    ? 
_exptl.absorpt_process_details    ? 
_exptl.entry_id                   5OB6 
_exptl.crystals_number            1 
_exptl.details                    ? 
_exptl.method                     'X-RAY DIFFRACTION' 
_exptl.method_details             ? 
# 
_exptl_crystal.colour                      ? 
_exptl_crystal.density_diffrn              ? 
_exptl_crystal.density_Matthews            2.03 
_exptl_crystal.density_method              ? 
_exptl_crystal.density_percent_sol         39.52 
_exptl_crystal.description                 ? 
_exptl_crystal.F_000                       ? 
_exptl_crystal.id                          1 
_exptl_crystal.preparation                 ? 
_exptl_crystal.size_max                    ? 
_exptl_crystal.size_mid                    ? 
_exptl_crystal.size_min                    ? 
_exptl_crystal.size_rad                    ? 
_exptl_crystal.colour_lustre               ? 
_exptl_crystal.colour_modifier             ? 
_exptl_crystal.colour_primary              ? 
_exptl_crystal.density_meas                ? 
_exptl_crystal.density_meas_esd            ? 
_exptl_crystal.density_meas_gt             ? 
_exptl_crystal.density_meas_lt             ? 
_exptl_crystal.density_meas_temp           ? 
_exptl_crystal.density_meas_temp_esd       ? 
_exptl_crystal.density_meas_temp_gt        ? 
_exptl_crystal.density_meas_temp_lt        ? 
_exptl_crystal.pdbx_crystal_image_url      ? 
_exptl_crystal.pdbx_crystal_image_format   ? 
_exptl_crystal.pdbx_mosaicity              ? 
_exptl_crystal.pdbx_mosaicity_esd          ? 
# 
_exptl_crystal_grow.apparatus       ? 
_exptl_crystal_grow.atmosphere      ? 
_exptl_crystal_grow.crystal_id      1 
_exptl_crystal_grow.details         ? 
_exptl_crystal_grow.method          'VAPOR DIFFUSION, HANGING DROP' 
_exptl_crystal_grow.method_ref      ? 
_exptl_crystal_grow.pH              ? 
_exptl_crystal_grow.pressure        ? 
_exptl_crystal_grow.pressure_esd    ? 
_exptl_crystal_grow.seeding         ? 
_exptl_crystal_grow.seeding_ref     ? 
_exptl_crystal_grow.temp            298 
_exptl_crystal_grow.temp_details    ? 
_exptl_crystal_grow.temp_esd        ? 
_exptl_crystal_grow.time            ? 
_exptl_crystal_grow.pdbx_details    
;1.1 M NaCl, 0.1 M sodium acetate at pH 4.0-4.4. Adduct was prepared by mixing the protein with the metallodrug in a 1:10 molar ratio for 24 h at room temperature before crystallization trials.
;
_exptl_crystal_grow.pdbx_pH_range   ? 
# 
_diffrn.ambient_environment    ? 
_diffrn.ambient_temp           100 
_diffrn.ambient_temp_details   ? 
_diffrn.ambient_temp_esd       ? 
_diffrn.crystal_id             1 
_diffrn.crystal_support        ? 
_diffrn.crystal_treatment      ? 
_diffrn.details                ? 
_diffrn.id                     1 
_diffrn.ambient_pressure       ? 
_diffrn.ambient_pressure_esd   ? 
_diffrn.ambient_pressure_gt    ? 
_diffrn.ambient_pressure_lt    ? 
_diffrn.ambient_temp_gt        ? 
_diffrn.ambient_temp_lt        ? 
# 
_diffrn_detector.details                      mirrors 
_diffrn_detector.detector                     CCD 
_diffrn_detector.diffrn_id                    1 
_diffrn_detector.type                         'RIGAKU SATURN 944' 
_diffrn_detector.area_resol_mean              ? 
_diffrn_detector.dtime                        ? 
_diffrn_detector.pdbx_frames_total            ? 
_diffrn_detector.pdbx_collection_time_total   ? 
_diffrn_detector.pdbx_collection_date         2014-06-26 
# 
_diffrn_radiation.collimation                      ? 
_diffrn_radiation.diffrn_id                        1 
_diffrn_radiation.filter_edge                      ? 
_diffrn_radiation.inhomogeneity                    ? 
_diffrn_radiation.monochromator                    ? 
_diffrn_radiation.polarisn_norm                    ? 
_diffrn_radiation.polarisn_ratio                   ? 
_diffrn_radiation.probe                            ? 
_diffrn_radiation.type                             ? 
_diffrn_radiation.xray_symbol                      ? 
_diffrn_radiation.wavelength_id                    1 
_diffrn_radiation.pdbx_monochromatic_or_laue_m_l   M 
_diffrn_radiation.pdbx_wavelength_list             ? 
_diffrn_radiation.pdbx_wavelength                  ? 
_diffrn_radiation.pdbx_diffrn_protocol             'SINGLE WAVELENGTH' 
_diffrn_radiation.pdbx_analyzer                    ? 
_diffrn_radiation.pdbx_scattering_type             x-ray 
# 
_diffrn_radiation_wavelength.id           1 
_diffrn_radiation_wavelength.wavelength   1.5418 
_diffrn_radiation_wavelength.wt           1.0 
# 
_diffrn_source.current                     ? 
_diffrn_source.details                     ? 
_diffrn_source.diffrn_id                   1 
_diffrn_source.power                       ? 
_diffrn_source.size                        ? 
_diffrn_source.source                      'ROTATING ANODE' 
_diffrn_source.target                      ? 
_diffrn_source.type                        'RIGAKU MICROMAX-007 HF' 
_diffrn_source.voltage                     ? 
_diffrn_source.take-off_angle              ? 
_diffrn_source.pdbx_wavelength_list        1.5418 
_diffrn_source.pdbx_wavelength             ? 
_diffrn_source.pdbx_synchrotron_beamline   ? 
_diffrn_source.pdbx_synchrotron_site       ? 
# 
_reflns.B_iso_Wilson_estimate            ? 
_reflns.entry_id                         5OB6 
_reflns.data_reduction_details           ? 
_reflns.data_reduction_method            ? 
_reflns.d_resolution_high                1.88 
_reflns.d_resolution_low                 56.41 
_reflns.details                          ? 
_reflns.limit_h_max                      ? 
_reflns.limit_h_min                      ? 
_reflns.limit_k_max                      ? 
_reflns.limit_k_min                      ? 
_reflns.limit_l_max                      ? 
_reflns.limit_l_min                      ? 
_reflns.number_all                       ? 
_reflns.number_obs                       9931 
_reflns.observed_criterion               ? 
_reflns.observed_criterion_F_max         ? 
_reflns.observed_criterion_F_min         ? 
_reflns.observed_criterion_I_max         ? 
_reflns.observed_criterion_I_min         ? 
_reflns.observed_criterion_sigma_F       ? 
_reflns.observed_criterion_sigma_I       ? 
_reflns.percent_possible_obs             98.2 
_reflns.R_free_details                   ? 
_reflns.Rmerge_F_all                     ? 
_reflns.Rmerge_F_obs                     ? 
_reflns.Friedel_coverage                 ? 
_reflns.number_gt                        ? 
_reflns.threshold_expression             ? 
_reflns.pdbx_redundancy                  5.1 
_reflns.pdbx_Rmerge_I_obs                0.091 
_reflns.pdbx_Rmerge_I_all                ? 
_reflns.pdbx_Rsym_value                  ? 
_reflns.pdbx_netI_over_av_sigmaI         ? 
_reflns.pdbx_netI_over_sigmaI            13.3 
_reflns.pdbx_res_netI_over_av_sigmaI_2   ? 
_reflns.pdbx_res_netI_over_sigmaI_2      ? 
_reflns.pdbx_chi_squared                 ? 
_reflns.pdbx_scaling_rejects             ? 
_reflns.pdbx_d_res_high_opt              ? 
_reflns.pdbx_d_res_low_opt               ? 
_reflns.pdbx_d_res_opt_method            ? 
_reflns.phase_calculation_details        ? 
_reflns.pdbx_Rrim_I_all                  ? 
_reflns.pdbx_Rpim_I_all                  ? 
_reflns.pdbx_d_opt                       ? 
_reflns.pdbx_number_measured_all         ? 
_reflns.pdbx_diffrn_id                   1 
_reflns.pdbx_ordinal                     1 
_reflns.pdbx_CC_half                     ? 
_reflns.pdbx_R_split                     ? 
# 
_reflns_shell.d_res_high                  1.88 
_reflns_shell.d_res_low                   1.92 
_reflns_shell.meanI_over_sigI_all         ? 
_reflns_shell.meanI_over_sigI_obs         2.7 
_reflns_shell.number_measured_all         ? 
_reflns_shell.number_measured_obs         ? 
_reflns_shell.number_possible             ? 
_reflns_shell.number_unique_all           ? 
_reflns_shell.number_unique_obs           ? 
_reflns_shell.percent_possible_all        100 
_reflns_shell.percent_possible_obs        ? 
_reflns_shell.Rmerge_F_all                ? 
_reflns_shell.Rmerge_F_obs                ? 
_reflns_shell.Rmerge_I_all                ? 
_reflns_shell.Rmerge_I_obs                0.597 
_reflns_shell.meanI_over_sigI_gt          ? 
_reflns_shell.meanI_over_uI_all           ? 
_reflns_shell.meanI_over_uI_gt            ? 
_reflns_shell.number_measured_gt          ? 
_reflns_shell.number_unique_gt            ? 
_reflns_shell.percent_possible_gt         ? 
_reflns_shell.Rmerge_F_gt                 ? 
_reflns_shell.Rmerge_I_gt                 ? 
_reflns_shell.pdbx_redundancy             3.2 
_reflns_shell.pdbx_Rsym_value             ? 
_reflns_shell.pdbx_chi_squared            ? 
_reflns_shell.pdbx_netI_over_sigmaI_all   ? 
_reflns_shell.pdbx_netI_over_sigmaI_obs   ? 
_reflns_shell.pdbx_Rrim_I_all             ? 
_reflns_shell.pdbx_Rpim_I_all             ? 
_reflns_shell.pdbx_rejects                ? 
_reflns_shell.pdbx_ordinal                1 
_reflns_shell.pdbx_diffrn_id              1 
_reflns_shell.pdbx_CC_half                ? 
_reflns_shell.pdbx_R_split                ? 
# 
_refine.aniso_B[1][1]                            -0.22 
_refine.aniso_B[1][2]                            0.00 
_refine.aniso_B[1][3]                            0.00 
_refine.aniso_B[2][2]                            -0.22 
_refine.aniso_B[2][3]                            0.00 
_refine.aniso_B[3][3]                            0.44 
_refine.B_iso_max                                ? 
_refine.B_iso_mean                               32.201 
_refine.B_iso_min                                ? 
_refine.correlation_coeff_Fo_to_Fc               0.965 
_refine.correlation_coeff_Fo_to_Fc_free          0.945 
_refine.details                                  'HYDROGENS HAVE BEEN ADDED IN THE RIDING POSITIONS' 
_refine.diff_density_max                         ? 
_refine.diff_density_max_esd                     ? 
_refine.diff_density_min                         ? 
_refine.diff_density_min_esd                     ? 
_refine.diff_density_rms                         ? 
_refine.diff_density_rms_esd                     ? 
_refine.entry_id                                 5OB6 
_refine.pdbx_refine_id                           'X-RAY DIFFRACTION' 
_refine.ls_abs_structure_details                 ? 
_refine.ls_abs_structure_Flack                   ? 
_refine.ls_abs_structure_Flack_esd               ? 
_refine.ls_abs_structure_Rogers                  ? 
_refine.ls_abs_structure_Rogers_esd              ? 
_refine.ls_d_res_high                            1.88 
_refine.ls_d_res_low                             56.41 
_refine.ls_extinction_coef                       ? 
_refine.ls_extinction_coef_esd                   ? 
_refine.ls_extinction_expression                 ? 
_refine.ls_extinction_method                     ? 
_refine.ls_goodness_of_fit_all                   ? 
_refine.ls_goodness_of_fit_all_esd               ? 
_refine.ls_goodness_of_fit_obs                   ? 
_refine.ls_goodness_of_fit_obs_esd               ? 
_refine.ls_hydrogen_treatment                    ? 
_refine.ls_matrix_type                           ? 
_refine.ls_number_constraints                    ? 
_refine.ls_number_parameters                     ? 
_refine.ls_number_reflns_all                     ? 
_refine.ls_number_reflns_obs                     9428 
_refine.ls_number_reflns_R_free                  477 
_refine.ls_number_reflns_R_work                  ? 
_refine.ls_number_restraints                     ? 
_refine.ls_percent_reflns_obs                    98.13 
_refine.ls_percent_reflns_R_free                 4.8 
_refine.ls_R_factor_all                          ? 
_refine.ls_R_factor_obs                          0.17857 
_refine.ls_R_factor_R_free                       0.24189 
_refine.ls_R_factor_R_free_error                 ? 
_refine.ls_R_factor_R_free_error_details         ? 
_refine.ls_R_factor_R_work                       0.17533 
_refine.ls_R_Fsqd_factor_obs                     ? 
_refine.ls_R_I_factor_obs                        ? 
_refine.ls_redundancy_reflns_all                 ? 
_refine.ls_redundancy_reflns_obs                 ? 
_refine.ls_restrained_S_all                      ? 
_refine.ls_restrained_S_obs                      ? 
_refine.ls_shift_over_esd_max                    ? 
_refine.ls_shift_over_esd_mean                   ? 
_refine.ls_structure_factor_coef                 ? 
_refine.ls_weighting_details                     ? 
_refine.ls_weighting_scheme                      ? 
_refine.ls_wR_factor_all                         ? 
_refine.ls_wR_factor_obs                         ? 
_refine.ls_wR_factor_R_free                      ? 
_refine.ls_wR_factor_R_work                      ? 
_refine.occupancy_max                            ? 
_refine.occupancy_min                            ? 
_refine.solvent_model_details                    ? 
_refine.solvent_model_param_bsol                 ? 
_refine.solvent_model_param_ksol                 ? 
_refine.ls_R_factor_gt                           ? 
_refine.ls_goodness_of_fit_gt                    ? 
_refine.ls_goodness_of_fit_ref                   ? 
_refine.ls_shift_over_su_max                     ? 
_refine.ls_shift_over_su_max_lt                  ? 
_refine.ls_shift_over_su_mean                    ? 
_refine.ls_shift_over_su_mean_lt                 ? 
_refine.pdbx_ls_sigma_I                          ? 
_refine.pdbx_ls_sigma_F                          ? 
_refine.pdbx_ls_sigma_Fsqd                       ? 
_refine.pdbx_data_cutoff_high_absF               ? 
_refine.pdbx_data_cutoff_high_rms_absF           ? 
_refine.pdbx_data_cutoff_low_absF                ? 
_refine.pdbx_isotropic_thermal_model             ? 
_refine.pdbx_ls_cross_valid_method               THROUGHOUT 
_refine.pdbx_method_to_determine_struct          'MOLECULAR REPLACEMENT' 
_refine.pdbx_starting_model                      193L 
_refine.pdbx_stereochemistry_target_values       ? 
_refine.pdbx_R_Free_selection_details            RANDOM 
_refine.pdbx_stereochem_target_val_spec_case     ? 
_refine.pdbx_overall_ESU_R                       0.180 
_refine.pdbx_overall_ESU_R_Free                  0.170 
_refine.pdbx_solvent_vdw_probe_radii             1.20 
_refine.pdbx_solvent_ion_probe_radii             0.80 
_refine.pdbx_solvent_shrinkage_radii             0.80 
_refine.pdbx_real_space_R                        ? 
_refine.pdbx_density_correlation                 ? 
_refine.pdbx_pd_number_of_powder_patterns        ? 
_refine.pdbx_pd_number_of_points                 ? 
_refine.pdbx_pd_meas_number_of_points            ? 
_refine.pdbx_pd_proc_ls_prof_R_factor            ? 
_refine.pdbx_pd_proc_ls_prof_wR_factor           ? 
_refine.pdbx_pd_Marquardt_correlation_coeff      ? 
_refine.pdbx_pd_Fsqrd_R_factor                   ? 
_refine.pdbx_pd_ls_matrix_band_width             ? 
_refine.pdbx_overall_phase_error                 ? 
_refine.pdbx_overall_SU_R_free_Cruickshank_DPI   ? 
_refine.pdbx_overall_SU_R_free_Blow_DPI          ? 
_refine.pdbx_overall_SU_R_Blow_DPI               ? 
_refine.pdbx_TLS_residual_ADP_flag               ? 
_refine.pdbx_diffrn_id                           1 
_refine.overall_SU_B                             4.244 
_refine.overall_SU_ML                            0.124 
_refine.overall_SU_R_Cruickshank_DPI             ? 
_refine.overall_SU_R_free                        ? 
_refine.overall_FOM_free_R_set                   ? 
_refine.overall_FOM_work_R_set                   ? 
_refine.pdbx_average_fsc_overall                 ? 
_refine.pdbx_average_fsc_work                    ? 
_refine.pdbx_average_fsc_free                    ? 
# 
_refine_hist.pdbx_refine_id                   'X-RAY DIFFRACTION' 
_refine_hist.cycle_id                         1 
_refine_hist.pdbx_number_atoms_protein        1001 
_refine_hist.pdbx_number_atoms_nucleic_acid   0 
_refine_hist.pdbx_number_atoms_ligand         35 
_refine_hist.number_atoms_solvent             147 
_refine_hist.number_atoms_total               1183 
_refine_hist.d_res_high                       1.88 
_refine_hist.d_res_low                        56.41 
# 
loop_
_refine_ls_restr.pdbx_refine_id 
_refine_ls_restr.criterion 
_refine_ls_restr.dev_ideal 
_refine_ls_restr.dev_ideal_target 
_refine_ls_restr.number 
_refine_ls_restr.rejects 
_refine_ls_restr.type 
_refine_ls_restr.weight 
_refine_ls_restr.pdbx_restraint_function 
'X-RAY DIFFRACTION' ? 0.021  0.020  1131 ? r_bond_refined_d             ? ? 
'X-RAY DIFFRACTION' ? 0.002  0.020  988  ? r_bond_other_d               ? ? 
'X-RAY DIFFRACTION' ? 1.932  1.966  1543 ? r_angle_refined_deg          ? ? 
'X-RAY DIFFRACTION' ? 1.152  3.000  2282 ? r_angle_other_deg            ? ? 
'X-RAY DIFFRACTION' ? 6.661  5.000  145  ? r_dihedral_angle_1_deg       ? ? 
'X-RAY DIFFRACTION' ? 34.675 22.321 56   ? r_dihedral_angle_2_deg       ? ? 
'X-RAY DIFFRACTION' ? 15.937 15.000 184  ? r_dihedral_angle_3_deg       ? ? 
'X-RAY DIFFRACTION' ? 19.826 15.000 15   ? r_dihedral_angle_4_deg       ? ? 
'X-RAY DIFFRACTION' ? 0.125  0.200  156  ? r_chiral_restr               ? ? 
'X-RAY DIFFRACTION' ? 0.008  0.020  1298 ? r_gen_planes_refined         ? ? 
'X-RAY DIFFRACTION' ? 0.002  0.020  265  ? r_gen_planes_other           ? ? 
'X-RAY DIFFRACTION' ? ?      ?      ?    ? r_nbd_refined                ? ? 
'X-RAY DIFFRACTION' ? ?      ?      ?    ? r_nbd_other                  ? ? 
'X-RAY DIFFRACTION' ? ?      ?      ?    ? r_nbtor_refined              ? ? 
'X-RAY DIFFRACTION' ? ?      ?      ?    ? r_nbtor_other                ? ? 
'X-RAY DIFFRACTION' ? ?      ?      ?    ? r_xyhbond_nbd_refined        ? ? 
'X-RAY DIFFRACTION' ? ?      ?      ?    ? r_xyhbond_nbd_other          ? ? 
'X-RAY DIFFRACTION' ? ?      ?      ?    ? r_metal_ion_refined          ? ? 
'X-RAY DIFFRACTION' ? ?      ?      ?    ? r_metal_ion_other            ? ? 
'X-RAY DIFFRACTION' ? ?      ?      ?    ? r_symmetry_vdw_refined       ? ? 
'X-RAY DIFFRACTION' ? ?      ?      ?    ? r_symmetry_vdw_other         ? ? 
'X-RAY DIFFRACTION' ? ?      ?      ?    ? r_symmetry_hbond_refined     ? ? 
'X-RAY DIFFRACTION' ? ?      ?      ?    ? r_symmetry_hbond_other       ? ? 
'X-RAY DIFFRACTION' ? ?      ?      ?    ? r_symmetry_metal_ion_refined ? ? 
'X-RAY DIFFRACTION' ? ?      ?      ?    ? r_symmetry_metal_ion_other   ? ? 
'X-RAY DIFFRACTION' ? 2.503  2.988  550  ? r_mcbond_it                  ? ? 
'X-RAY DIFFRACTION' ? 2.468  2.979  549  ? r_mcbond_other               ? ? 
'X-RAY DIFFRACTION' ? 3.347  4.466  696  ? r_mcangle_it                 ? ? 
'X-RAY DIFFRACTION' ? 3.366  4.474  697  ? r_mcangle_other              ? ? 
'X-RAY DIFFRACTION' ? 3.414  3.402  579  ? r_scbond_it                  ? ? 
'X-RAY DIFFRACTION' ? 3.339  3.352  558  ? r_scbond_other               ? ? 
'X-RAY DIFFRACTION' ? ?      ?      ?    ? r_scangle_it                 ? ? 
'X-RAY DIFFRACTION' ? 4.782  4.889  812  ? r_scangle_other              ? ? 
'X-RAY DIFFRACTION' ? 6.687  36.316 1365 ? r_long_range_B_refined       ? ? 
'X-RAY DIFFRACTION' ? 6.706  36.352 1366 ? r_long_range_B_other         ? ? 
'X-RAY DIFFRACTION' ? ?      ?      ?    ? r_rigid_bond_restr           ? ? 
'X-RAY DIFFRACTION' ? ?      ?      ?    ? r_sphericity_free            ? ? 
'X-RAY DIFFRACTION' ? ?      ?      ?    ? r_sphericity_bonded          ? ? 
# 
_refine_ls_shell.pdbx_refine_id                   'X-RAY DIFFRACTION' 
_refine_ls_shell.d_res_high                       1.880 
_refine_ls_shell.d_res_low                        1.929 
_refine_ls_shell.number_reflns_all                ? 
_refine_ls_shell.number_reflns_obs                ? 
_refine_ls_shell.number_reflns_R_free             43 
_refine_ls_shell.number_reflns_R_work             679 
_refine_ls_shell.percent_reflns_obs               98.63 
_refine_ls_shell.percent_reflns_R_free            ? 
_refine_ls_shell.R_factor_all                     ? 
_refine_ls_shell.R_factor_obs                     ? 
_refine_ls_shell.R_factor_R_free                  0.340 
_refine_ls_shell.R_factor_R_free_error            ? 
_refine_ls_shell.R_factor_R_work                  0.248 
_refine_ls_shell.redundancy_reflns_all            ? 
_refine_ls_shell.redundancy_reflns_obs            ? 
_refine_ls_shell.wR_factor_all                    ? 
_refine_ls_shell.wR_factor_obs                    ? 
_refine_ls_shell.wR_factor_R_free                 ? 
_refine_ls_shell.wR_factor_R_work                 ? 
_refine_ls_shell.pdbx_total_number_of_bins_used   20 
_refine_ls_shell.pdbx_phase_error                 ? 
_refine_ls_shell.pdbx_fsc_work                    ? 
_refine_ls_shell.pdbx_fsc_free                    ? 
# 
_struct.entry_id                     5OB6 
_struct.title                        
'X-ray structure of the adduct formed upon reaction of lysozyme with the compound fac-[RuII(CO)3Cl2(N3-IM), IM=imidazole' 
_struct.pdbx_model_details           ? 
_struct.pdbx_formula_weight          ? 
_struct.pdbx_formula_weight_method   ? 
_struct.pdbx_model_type_details      ? 
_struct.pdbx_CASP_flag               N 
# 
_struct_keywords.entry_id        5OB6 
_struct_keywords.text            'protein-metallodrug interaction, CO releasing molecules, HYDROLASE' 
_struct_keywords.pdbx_keywords   HYDROLASE 
# 
loop_
_struct_asym.id 
_struct_asym.pdbx_blank_PDB_chainid_flag 
_struct_asym.pdbx_modified 
_struct_asym.entity_id 
_struct_asym.details 
A N N 1 ? 
B N N 2 ? 
C N N 3 ? 
D N N 4 ? 
E N N 3 ? 
F N N 5 ? 
G N N 6 ? 
H N N 6 ? 
I N N 7 ? 
J N N 6 ? 
K N N 8 ? 
# 
_struct_ref.id                         1 
_struct_ref.db_name                    UNP 
_struct_ref.db_code                    LYSC_CHICK 
_struct_ref.pdbx_db_accession          P00698 
_struct_ref.pdbx_db_isoform            ? 
_struct_ref.entity_id                  1 
_struct_ref.pdbx_seq_one_letter_code   
;KVFGRCELAAAMKRHGLDNYRGYSLGNWVCAAKFESNFNTQATNRNTDGSTDYGILQINSRWWCNDGRTPGSRNLCNIPC
SALLSSDITASVNCAKKIVSDGNGMNAWVAWRNRCKGTDVQAWIRGCRL
;
_struct_ref.pdbx_align_begin           19 
# 
_struct_ref_seq.align_id                      1 
_struct_ref_seq.ref_id                        1 
_struct_ref_seq.pdbx_PDB_id_code              5OB6 
_struct_ref_seq.pdbx_strand_id                A 
_struct_ref_seq.seq_align_beg                 1 
_struct_ref_seq.pdbx_seq_align_beg_ins_code   ? 
_struct_ref_seq.seq_align_end                 129 
_struct_ref_seq.pdbx_seq_align_end_ins_code   ? 
_struct_ref_seq.pdbx_db_accession             P00698 
_struct_ref_seq.db_align_beg                  19 
_struct_ref_seq.pdbx_db_align_beg_ins_code    ? 
_struct_ref_seq.db_align_end                  147 
_struct_ref_seq.pdbx_db_align_end_ins_code    ? 
_struct_ref_seq.pdbx_auth_seq_align_beg       1 
_struct_ref_seq.pdbx_auth_seq_align_end       129 
# 
_pdbx_struct_assembly.id                   1 
_pdbx_struct_assembly.details              software_defined_assembly 
_pdbx_struct_assembly.method_details       PISA 
_pdbx_struct_assembly.oligomeric_details   monomeric 
_pdbx_struct_assembly.oligomeric_count     1 
# 
loop_
_pdbx_struct_assembly_prop.biol_id 
_pdbx_struct_assembly_prop.type 
_pdbx_struct_assembly_prop.value 
_pdbx_struct_assembly_prop.details 
1 'ABSA (A^2)' 550  ? 
1 MORE         -31  ? 
1 'SSA (A^2)'  6780 ? 
# 
_pdbx_struct_assembly_gen.assembly_id       1 
_pdbx_struct_assembly_gen.oper_expression   1 
_pdbx_struct_assembly_gen.asym_id_list      A,B,C,D,E,F,G,H,I,J,K 
# 
_pdbx_struct_assembly_auth_evidence.id                     1 
_pdbx_struct_assembly_auth_evidence.assembly_id            1 
_pdbx_struct_assembly_auth_evidence.experimental_support   homology 
_pdbx_struct_assembly_auth_evidence.details                ? 
# 
_pdbx_struct_oper_list.id                   1 
_pdbx_struct_oper_list.type                 'identity operation' 
_pdbx_struct_oper_list.name                 1_555 
_pdbx_struct_oper_list.symmetry_operation   x,y,z 
_pdbx_struct_oper_list.matrix[1][1]         1.0000000000 
_pdbx_struct_oper_list.matrix[1][2]         0.0000000000 
_pdbx_struct_oper_list.matrix[1][3]         0.0000000000 
_pdbx_struct_oper_list.vector[1]            0.0000000000 
_pdbx_struct_oper_list.matrix[2][1]         0.0000000000 
_pdbx_struct_oper_list.matrix[2][2]         1.0000000000 
_pdbx_struct_oper_list.matrix[2][3]         0.0000000000 
_pdbx_struct_oper_list.vector[2]            0.0000000000 
_pdbx_struct_oper_list.matrix[3][1]         0.0000000000 
_pdbx_struct_oper_list.matrix[3][2]         0.0000000000 
_pdbx_struct_oper_list.matrix[3][3]         1.0000000000 
_pdbx_struct_oper_list.vector[3]            0.0000000000 
# 
loop_
_struct_conf.conf_type_id 
_struct_conf.id 
_struct_conf.pdbx_PDB_helix_id 
_struct_conf.beg_label_comp_id 
_struct_conf.beg_label_asym_id 
_struct_conf.beg_label_seq_id 
_struct_conf.pdbx_beg_PDB_ins_code 
_struct_conf.end_label_comp_id 
_struct_conf.end_label_asym_id 
_struct_conf.end_label_seq_id 
_struct_conf.pdbx_end_PDB_ins_code 
_struct_conf.beg_auth_comp_id 
_struct_conf.beg_auth_asym_id 
_struct_conf.beg_auth_seq_id 
_struct_conf.end_auth_comp_id 
_struct_conf.end_auth_asym_id 
_struct_conf.end_auth_seq_id 
_struct_conf.pdbx_PDB_helix_class 
_struct_conf.details 
_struct_conf.pdbx_PDB_helix_length 
HELX_P HELX_P1 AA1 GLY A 4   ? HIS A 15  ? GLY A 4   HIS A 15  1 ? 12 
HELX_P HELX_P2 AA2 ASN A 19  ? TYR A 23  ? ASN A 19  TYR A 23  5 ? 5  
HELX_P HELX_P3 AA3 SER A 24  ? ASN A 37  ? SER A 24  ASN A 37  1 ? 14 
HELX_P HELX_P4 AA4 PRO A 79  ? SER A 85  ? PRO A 79  SER A 85  5 ? 7  
HELX_P HELX_P5 AA5 ILE A 88  ? SER A 100 ? ILE A 88  SER A 100 1 ? 13 
HELX_P HELX_P6 AA6 ASN A 103 ? ALA A 107 ? ASN A 103 ALA A 107 5 ? 5  
HELX_P HELX_P7 AA7 TRP A 108 ? CYS A 115 ? TRP A 108 CYS A 115 1 ? 8  
HELX_P HELX_P8 AA8 ASP A 119 ? ARG A 125 ? ASP A 119 ARG A 125 5 ? 7  
# 
_struct_conf_type.id          HELX_P 
_struct_conf_type.criteria    ? 
_struct_conf_type.reference   ? 
# 
loop_
_struct_conn.id 
_struct_conn.conn_type_id 
_struct_conn.pdbx_leaving_atom_flag 
_struct_conn.pdbx_PDB_id 
_struct_conn.ptnr1_label_asym_id 
_struct_conn.ptnr1_label_comp_id 
_struct_conn.ptnr1_label_seq_id 
_struct_conn.ptnr1_label_atom_id 
_struct_conn.pdbx_ptnr1_label_alt_id 
_struct_conn.pdbx_ptnr1_PDB_ins_code 
_struct_conn.pdbx_ptnr1_standard_comp_id 
_struct_conn.ptnr1_symmetry 
_struct_conn.ptnr2_label_asym_id 
_struct_conn.ptnr2_label_comp_id 
_struct_conn.ptnr2_label_seq_id 
_struct_conn.ptnr2_label_atom_id 
_struct_conn.pdbx_ptnr2_label_alt_id 
_struct_conn.pdbx_ptnr2_PDB_ins_code 
_struct_conn.ptnr1_auth_asym_id 
_struct_conn.ptnr1_auth_comp_id 
_struct_conn.ptnr1_auth_seq_id 
_struct_conn.ptnr2_auth_asym_id 
_struct_conn.ptnr2_auth_comp_id 
_struct_conn.ptnr2_auth_seq_id 
_struct_conn.ptnr2_symmetry 
_struct_conn.pdbx_ptnr3_label_atom_id 
_struct_conn.pdbx_ptnr3_label_seq_id 
_struct_conn.pdbx_ptnr3_label_comp_id 
_struct_conn.pdbx_ptnr3_label_asym_id 
_struct_conn.pdbx_ptnr3_label_alt_id 
_struct_conn.pdbx_ptnr3_PDB_ins_code 
_struct_conn.details 
_struct_conn.pdbx_dist_value 
_struct_conn.pdbx_value_order 
_struct_conn.pdbx_role 
disulf1  disulf ? ? A CYS 6   SG  ? ? ? 1_555 A CYS 127 SG ? ? A CYS 6   A CYS 127 1_555 ? ? ? ? ? ? ? 1.954 ? ? 
disulf2  disulf ? ? A CYS 30  SG  ? ? ? 1_555 A CYS 115 SG ? ? A CYS 30  A CYS 115 1_555 ? ? ? ? ? ? ? 2.088 ? ? 
disulf3  disulf ? ? A CYS 64  SG  ? ? ? 1_555 A CYS 80  SG ? ? A CYS 64  A CYS 80  1_555 ? ? ? ? ? ? ? 2.029 ? ? 
disulf4  disulf ? ? A CYS 76  SG  ? ? ? 1_555 A CYS 94  SG ? ? A CYS 76  A CYS 94  1_555 ? ? ? ? ? ? ? 2.030 ? ? 
metalc1  metalc ? ? A HIS 15  NE2 ? ? ? 1_555 F 9Q8 .   RU A ? A HIS 15  A 9Q8 205 1_555 ? ? ? ? ? ? ? 2.142 ? ? 
metalc2  metalc ? ? A ASP 18  OD2 ? ? ? 1_555 G RU2 .   RU ? ? A ASP 18  A RU2 206 1_555 ? ? ? ? ? ? ? 2.300 ? ? 
metalc3  metalc ? ? A ASN 46  OD1 ? ? ? 1_555 H RU2 .   RU B ? A ASN 46  A RU2 207 1_555 ? ? ? ? ? ? ? 2.422 ? ? 
metalc4  metalc ? ? A ASP 52  OD2 ? ? ? 1_555 H RU2 .   RU A ? A ASP 52  A RU2 207 1_555 ? ? ? ? ? ? ? 2.306 ? ? 
metalc5  metalc ? ? A ASP 52  OD2 ? ? ? 1_555 H RU2 .   RU B ? A ASP 52  A RU2 207 1_555 ? ? ? ? ? ? ? 1.980 ? ? 
metalc6  metalc ? ? A SER 60  O   ? ? ? 1_555 D NA  .   NA ? ? A SER 60  A NA  203 1_555 ? ? ? ? ? ? ? 2.387 ? ? 
metalc7  metalc ? ? A CYS 64  O   ? ? ? 1_555 D NA  .   NA ? ? A CYS 64  A NA  203 1_555 ? ? ? ? ? ? ? 2.350 ? ? 
metalc8  metalc ? ? A SER 72  OG  ? ? ? 1_555 D NA  .   NA ? ? A SER 72  A NA  203 1_555 ? ? ? ? ? ? ? 2.455 ? ? 
metalc9  metalc ? ? A ARG 73  O   ? ? ? 1_555 D NA  .   NA ? ? A ARG 73  A NA  203 1_555 ? ? ? ? ? ? ? 2.518 ? ? 
metalc10 metalc ? ? A ASP 119 OD2 ? ? ? 1_555 I RU1 .   RU ? ? A ASP 119 A RU1 208 1_555 ? ? ? ? ? ? ? 2.454 ? ? 
metalc11 metalc ? ? A ARG 125 NH1 ? ? ? 1_555 I RU1 .   RU ? ? A ARG 125 A RU1 208 1_555 ? ? ? ? ? ? ? 2.778 ? ? 
metalc12 metalc ? ? A ARG 125 NH2 ? ? ? 1_555 I RU1 .   RU ? ? A ARG 125 A RU1 208 1_555 ? ? ? ? ? ? ? 2.725 ? ? 
metalc13 metalc ? ? A LEU 129 O   ? ? ? 1_555 J RU2 .   RU ? ? A LEU 129 A RU2 209 1_555 ? ? ? ? ? ? ? 2.593 ? ? 
metalc14 metalc ? ? A LEU 129 OXT ? ? ? 1_555 J RU2 .   RU ? ? A LEU 129 A RU2 209 1_555 ? ? ? ? ? ? ? 2.385 ? ? 
metalc15 metalc ? ? D NA  .   NA  ? ? ? 1_555 K HOH .   O  ? ? A NA  203 A HOH 379 1_555 ? ? ? ? ? ? ? 2.188 ? ? 
metalc16 metalc ? ? D NA  .   NA  ? ? ? 1_555 K HOH .   O  ? ? A NA  203 A HOH 380 1_555 ? ? ? ? ? ? ? 2.387 ? ? 
metalc17 metalc ? ? H RU2 .   RU  A ? ? 1_555 K HOH .   O  ? ? A RU2 207 A HOH 349 1_555 ? ? ? ? ? ? ? 2.139 ? ? 
# 
loop_
_struct_conn_type.id 
_struct_conn_type.criteria 
_struct_conn_type.reference 
disulf ? ? 
metalc ? ? 
# 
loop_
_pdbx_struct_conn_angle.id 
_pdbx_struct_conn_angle.ptnr1_label_atom_id 
_pdbx_struct_conn_angle.ptnr1_label_alt_id 
_pdbx_struct_conn_angle.ptnr1_label_asym_id 
_pdbx_struct_conn_angle.ptnr1_label_comp_id 
_pdbx_struct_conn_angle.ptnr1_label_seq_id 
_pdbx_struct_conn_angle.ptnr1_auth_atom_id 
_pdbx_struct_conn_angle.ptnr1_auth_asym_id 
_pdbx_struct_conn_angle.ptnr1_auth_comp_id 
_pdbx_struct_conn_angle.ptnr1_auth_seq_id 
_pdbx_struct_conn_angle.ptnr1_PDB_ins_code 
_pdbx_struct_conn_angle.ptnr1_symmetry 
_pdbx_struct_conn_angle.ptnr2_label_atom_id 
_pdbx_struct_conn_angle.ptnr2_label_alt_id 
_pdbx_struct_conn_angle.ptnr2_label_asym_id 
_pdbx_struct_conn_angle.ptnr2_label_comp_id 
_pdbx_struct_conn_angle.ptnr2_label_seq_id 
_pdbx_struct_conn_angle.ptnr2_auth_atom_id 
_pdbx_struct_conn_angle.ptnr2_auth_asym_id 
_pdbx_struct_conn_angle.ptnr2_auth_comp_id 
_pdbx_struct_conn_angle.ptnr2_auth_seq_id 
_pdbx_struct_conn_angle.ptnr2_PDB_ins_code 
_pdbx_struct_conn_angle.ptnr2_symmetry 
_pdbx_struct_conn_angle.ptnr3_label_atom_id 
_pdbx_struct_conn_angle.ptnr3_label_alt_id 
_pdbx_struct_conn_angle.ptnr3_label_asym_id 
_pdbx_struct_conn_angle.ptnr3_label_comp_id 
_pdbx_struct_conn_angle.ptnr3_label_seq_id 
_pdbx_struct_conn_angle.ptnr3_auth_atom_id 
_pdbx_struct_conn_angle.ptnr3_auth_asym_id 
_pdbx_struct_conn_angle.ptnr3_auth_comp_id 
_pdbx_struct_conn_angle.ptnr3_auth_seq_id 
_pdbx_struct_conn_angle.ptnr3_PDB_ins_code 
_pdbx_struct_conn_angle.ptnr3_symmetry 
_pdbx_struct_conn_angle.value 
_pdbx_struct_conn_angle.value_esd 
1  NE2 ? A HIS 15  ? A HIS 15  ? 1_555 RU A F 9Q8 . ? A 9Q8 205 ? 1_555 C3  A F 9Q8 .   ? A 9Q8 205 ? 1_555 102.0 ? 
2  NE2 ? A HIS 15  ? A HIS 15  ? 1_555 RU A F 9Q8 . ? A 9Q8 205 ? 1_555 C1  A F 9Q8 .   ? A 9Q8 205 ? 1_555 173.3 ? 
3  C3  A F 9Q8 .   ? A 9Q8 205 ? 1_555 RU A F 9Q8 . ? A 9Q8 205 ? 1_555 C1  A F 9Q8 .   ? A 9Q8 205 ? 1_555 84.4  ? 
4  NE2 ? A HIS 15  ? A HIS 15  ? 1_555 RU A F 9Q8 . ? A 9Q8 205 ? 1_555 C2  A F 9Q8 .   ? A 9Q8 205 ? 1_555 96.0  ? 
5  C3  A F 9Q8 .   ? A 9Q8 205 ? 1_555 RU A F 9Q8 . ? A 9Q8 205 ? 1_555 C2  A F 9Q8 .   ? A 9Q8 205 ? 1_555 85.4  ? 
6  C1  A F 9Q8 .   ? A 9Q8 205 ? 1_555 RU A F 9Q8 . ? A 9Q8 205 ? 1_555 C2  A F 9Q8 .   ? A 9Q8 205 ? 1_555 86.2  ? 
7  NE2 ? A HIS 15  ? A HIS 15  ? 1_555 RU A F 9Q8 . ? A 9Q8 205 ? 1_555 O4  A F 9Q8 .   ? A 9Q8 205 ? 1_555 83.8  ? 
8  C3  A F 9Q8 .   ? A 9Q8 205 ? 1_555 RU A F 9Q8 . ? A 9Q8 205 ? 1_555 O4  A F 9Q8 .   ? A 9Q8 205 ? 1_555 95.4  ? 
9  C1  A F 9Q8 .   ? A 9Q8 205 ? 1_555 RU A F 9Q8 . ? A 9Q8 205 ? 1_555 O4  A F 9Q8 .   ? A 9Q8 205 ? 1_555 94.0  ? 
10 C2  A F 9Q8 .   ? A 9Q8 205 ? 1_555 RU A F 9Q8 . ? A 9Q8 205 ? 1_555 O4  A F 9Q8 .   ? A 9Q8 205 ? 1_555 179.2 ? 
11 NE2 ? A HIS 15  ? A HIS 15  ? 1_555 RU A F 9Q8 . ? A 9Q8 205 ? 1_555 O5  A F 9Q8 .   ? A 9Q8 205 ? 1_555 79.5  ? 
12 C3  A F 9Q8 .   ? A 9Q8 205 ? 1_555 RU A F 9Q8 . ? A 9Q8 205 ? 1_555 O5  A F 9Q8 .   ? A 9Q8 205 ? 1_555 178.3 ? 
13 C1  A F 9Q8 .   ? A 9Q8 205 ? 1_555 RU A F 9Q8 . ? A 9Q8 205 ? 1_555 O5  A F 9Q8 .   ? A 9Q8 205 ? 1_555 94.0  ? 
14 C2  A F 9Q8 .   ? A 9Q8 205 ? 1_555 RU A F 9Q8 . ? A 9Q8 205 ? 1_555 O5  A F 9Q8 .   ? A 9Q8 205 ? 1_555 95.2  ? 
15 O4  A F 9Q8 .   ? A 9Q8 205 ? 1_555 RU A F 9Q8 . ? A 9Q8 205 ? 1_555 O5  A F 9Q8 .   ? A 9Q8 205 ? 1_555 84.0  ? 
16 OD2 ? A ASP 18  ? A ASP 18  ? 1_555 RU ? G RU2 . ? A RU2 206 ? 1_555 O3  ? G RU2 .   ? A RU2 206 ? 1_555 82.6  ? 
17 OD2 ? A ASP 18  ? A ASP 18  ? 1_555 RU ? G RU2 . ? A RU2 206 ? 1_555 C2  ? G RU2 .   ? A RU2 206 ? 1_555 78.4  ? 
18 O3  ? G RU2 .   ? A RU2 206 ? 1_555 RU ? G RU2 . ? A RU2 206 ? 1_555 C2  ? G RU2 .   ? A RU2 206 ? 1_555 100.1 ? 
19 OD2 ? A ASP 18  ? A ASP 18  ? 1_555 RU ? G RU2 . ? A RU2 206 ? 1_555 O1  ? G RU2 .   ? A RU2 206 ? 1_555 166.7 ? 
20 O3  ? G RU2 .   ? A RU2 206 ? 1_555 RU ? G RU2 . ? A RU2 206 ? 1_555 O1  ? G RU2 .   ? A RU2 206 ? 1_555 88.6  ? 
21 C2  ? G RU2 .   ? A RU2 206 ? 1_555 RU ? G RU2 . ? A RU2 206 ? 1_555 O1  ? G RU2 .   ? A RU2 206 ? 1_555 93.5  ? 
22 OD2 ? A ASP 18  ? A ASP 18  ? 1_555 RU ? G RU2 . ? A RU2 206 ? 1_555 O5  ? G RU2 .   ? A RU2 206 ? 1_555 97.5  ? 
23 O3  ? G RU2 .   ? A RU2 206 ? 1_555 RU ? G RU2 . ? A RU2 206 ? 1_555 O5  ? G RU2 .   ? A RU2 206 ? 1_555 179.4 ? 
24 C2  ? G RU2 .   ? A RU2 206 ? 1_555 RU ? G RU2 . ? A RU2 206 ? 1_555 O5  ? G RU2 .   ? A RU2 206 ? 1_555 80.6  ? 
25 O1  ? G RU2 .   ? A RU2 206 ? 1_555 RU ? G RU2 . ? A RU2 206 ? 1_555 O5  ? G RU2 .   ? A RU2 206 ? 1_555 91.4  ? 
26 OD2 ? A ASP 18  ? A ASP 18  ? 1_555 RU ? G RU2 . ? A RU2 206 ? 1_555 O4  ? G RU2 .   ? A RU2 206 ? 1_555 102.9 ? 
27 O3  ? G RU2 .   ? A RU2 206 ? 1_555 RU ? G RU2 . ? A RU2 206 ? 1_555 O4  ? G RU2 .   ? A RU2 206 ? 1_555 80.5  ? 
28 C2  ? G RU2 .   ? A RU2 206 ? 1_555 RU ? G RU2 . ? A RU2 206 ? 1_555 O4  ? G RU2 .   ? A RU2 206 ? 1_555 178.7 ? 
29 O1  ? G RU2 .   ? A RU2 206 ? 1_555 RU ? G RU2 . ? A RU2 206 ? 1_555 O4  ? G RU2 .   ? A RU2 206 ? 1_555 85.3  ? 
30 O5  ? G RU2 .   ? A RU2 206 ? 1_555 RU ? G RU2 . ? A RU2 206 ? 1_555 O4  ? G RU2 .   ? A RU2 206 ? 1_555 98.9  ? 
31 OD1 ? A ASN 46  ? A ASN 46  ? 1_555 RU B H RU2 . ? A RU2 207 ? 1_555 OD2 ? A ASP 52  ? A ASP 52  ? 1_555 96.1  ? 
32 OD2 ? A ASP 52  ? A ASP 52  ? 1_555 RU A H RU2 . ? A RU2 207 ? 1_555 O   ? K HOH .   ? A HOH 349 ? 1_555 98.7  ? 
33 O   ? A SER 60  ? A SER 60  ? 1_555 NA ? D NA  . ? A NA  203 ? 1_555 O   ? A CYS 64  ? A CYS 64  ? 1_555 87.3  ? 
34 O   ? A SER 60  ? A SER 60  ? 1_555 NA ? D NA  . ? A NA  203 ? 1_555 OG  ? A SER 72  ? A SER 72  ? 1_555 83.9  ? 
35 O   ? A CYS 64  ? A CYS 64  ? 1_555 NA ? D NA  . ? A NA  203 ? 1_555 OG  ? A SER 72  ? A SER 72  ? 1_555 166.1 ? 
36 O   ? A SER 60  ? A SER 60  ? 1_555 NA ? D NA  . ? A NA  203 ? 1_555 O   ? A ARG 73  ? A ARG 73  ? 1_555 89.3  ? 
37 O   ? A CYS 64  ? A CYS 64  ? 1_555 NA ? D NA  . ? A NA  203 ? 1_555 O   ? A ARG 73  ? A ARG 73  ? 1_555 93.0  ? 
38 OG  ? A SER 72  ? A SER 72  ? 1_555 NA ? D NA  . ? A NA  203 ? 1_555 O   ? A ARG 73  ? A ARG 73  ? 1_555 97.6  ? 
39 O   ? A SER 60  ? A SER 60  ? 1_555 NA ? D NA  . ? A NA  203 ? 1_555 O   ? K HOH .   ? A HOH 379 ? 1_555 168.7 ? 
40 O   ? A CYS 64  ? A CYS 64  ? 1_555 NA ? D NA  . ? A NA  203 ? 1_555 O   ? K HOH .   ? A HOH 379 ? 1_555 103.5 ? 
41 OG  ? A SER 72  ? A SER 72  ? 1_555 NA ? D NA  . ? A NA  203 ? 1_555 O   ? K HOH .   ? A HOH 379 ? 1_555 84.9  ? 
42 O   ? A ARG 73  ? A ARG 73  ? 1_555 NA ? D NA  . ? A NA  203 ? 1_555 O   ? K HOH .   ? A HOH 379 ? 1_555 93.1  ? 
43 O   ? A SER 60  ? A SER 60  ? 1_555 NA ? D NA  . ? A NA  203 ? 1_555 O   ? K HOH .   ? A HOH 380 ? 1_555 98.3  ? 
44 O   ? A CYS 64  ? A CYS 64  ? 1_555 NA ? D NA  . ? A NA  203 ? 1_555 O   ? K HOH .   ? A HOH 380 ? 1_555 91.1  ? 
45 OG  ? A SER 72  ? A SER 72  ? 1_555 NA ? D NA  . ? A NA  203 ? 1_555 O   ? K HOH .   ? A HOH 380 ? 1_555 79.5  ? 
46 O   ? A ARG 73  ? A ARG 73  ? 1_555 NA ? D NA  . ? A NA  203 ? 1_555 O   ? K HOH .   ? A HOH 380 ? 1_555 171.5 ? 
47 O   ? K HOH .   ? A HOH 379 ? 1_555 NA ? D NA  . ? A NA  203 ? 1_555 O   ? K HOH .   ? A HOH 380 ? 1_555 78.7  ? 
48 OD2 ? A ASP 119 ? A ASP 119 ? 1_555 RU ? I RU1 . ? A RU1 208 ? 1_555 C1  ? I RU1 .   ? A RU1 208 ? 1_555 145.7 ? 
49 OD2 ? A ASP 119 ? A ASP 119 ? 1_555 RU ? I RU1 . ? A RU1 208 ? 1_555 C2  ? I RU1 .   ? A RU1 208 ? 1_555 126.9 ? 
50 C1  ? I RU1 .   ? A RU1 208 ? 1_555 RU ? I RU1 . ? A RU1 208 ? 1_555 C2  ? I RU1 .   ? A RU1 208 ? 1_555 80.0  ? 
51 OD2 ? A ASP 119 ? A ASP 119 ? 1_555 RU ? I RU1 . ? A RU1 208 ? 1_555 NH1 ? A ARG 125 ? A ARG 125 ? 1_555 95.3  ? 
52 C1  ? I RU1 .   ? A RU1 208 ? 1_555 RU ? I RU1 . ? A RU1 208 ? 1_555 NH1 ? A ARG 125 ? A ARG 125 ? 1_555 82.2  ? 
53 C2  ? I RU1 .   ? A RU1 208 ? 1_555 RU ? I RU1 . ? A RU1 208 ? 1_555 NH1 ? A ARG 125 ? A ARG 125 ? 1_555 124.1 ? 
54 OD2 ? A ASP 119 ? A ASP 119 ? 1_555 RU ? I RU1 . ? A RU1 208 ? 1_555 NH2 ? A ARG 125 ? A ARG 125 ? 1_555 62.9  ? 
55 C1  ? I RU1 .   ? A RU1 208 ? 1_555 RU ? I RU1 . ? A RU1 208 ? 1_555 NH2 ? A ARG 125 ? A ARG 125 ? 1_555 91.2  ? 
56 C2  ? I RU1 .   ? A RU1 208 ? 1_555 RU ? I RU1 . ? A RU1 208 ? 1_555 NH2 ? A ARG 125 ? A ARG 125 ? 1_555 170.3 ? 
57 NH1 ? A ARG 125 ? A ARG 125 ? 1_555 RU ? I RU1 . ? A RU1 208 ? 1_555 NH2 ? A ARG 125 ? A ARG 125 ? 1_555 49.8  ? 
58 O   ? A LEU 129 ? A LEU 129 ? 1_555 RU ? J RU2 . ? A RU2 209 ? 1_555 O3  ? J RU2 .   ? A RU2 209 ? 1_555 96.1  ? 
59 O   ? A LEU 129 ? A LEU 129 ? 1_555 RU ? J RU2 . ? A RU2 209 ? 1_555 O5  ? J RU2 .   ? A RU2 209 ? 1_555 66.0  ? 
60 O3  ? J RU2 .   ? A RU2 209 ? 1_555 RU ? J RU2 . ? A RU2 209 ? 1_555 O5  ? J RU2 .   ? A RU2 209 ? 1_555 75.1  ? 
61 O   ? A LEU 129 ? A LEU 129 ? 1_555 RU ? J RU2 . ? A RU2 209 ? 1_555 O4  ? J RU2 .   ? A RU2 209 ? 1_555 84.9  ? 
62 O3  ? J RU2 .   ? A RU2 209 ? 1_555 RU ? J RU2 . ? A RU2 209 ? 1_555 O4  ? J RU2 .   ? A RU2 209 ? 1_555 179.1 ? 
63 O5  ? J RU2 .   ? A RU2 209 ? 1_555 RU ? J RU2 . ? A RU2 209 ? 1_555 O4  ? J RU2 .   ? A RU2 209 ? 1_555 105.5 ? 
64 O   ? A LEU 129 ? A LEU 129 ? 1_555 RU ? J RU2 . ? A RU2 209 ? 1_555 OXT ? A LEU 129 ? A LEU 129 ? 1_555 49.7  ? 
65 O3  ? J RU2 .   ? A RU2 209 ? 1_555 RU ? J RU2 . ? A RU2 209 ? 1_555 OXT ? A LEU 129 ? A LEU 129 ? 1_555 103.1 ? 
66 O5  ? J RU2 .   ? A RU2 209 ? 1_555 RU ? J RU2 . ? A RU2 209 ? 1_555 OXT ? A LEU 129 ? A LEU 129 ? 1_555 115.3 ? 
67 O4  ? J RU2 .   ? A RU2 209 ? 1_555 RU ? J RU2 . ? A RU2 209 ? 1_555 OXT ? A LEU 129 ? A LEU 129 ? 1_555 77.4  ? 
# 
loop_
_pdbx_modification_feature.ordinal 
_pdbx_modification_feature.label_comp_id 
_pdbx_modification_feature.label_asym_id 
_pdbx_modification_feature.label_seq_id 
_pdbx_modification_feature.label_alt_id 
_pdbx_modification_feature.modified_residue_label_comp_id 
_pdbx_modification_feature.modified_residue_label_asym_id 
_pdbx_modification_feature.modified_residue_label_seq_id 
_pdbx_modification_feature.modified_residue_label_alt_id 
_pdbx_modification_feature.auth_comp_id 
_pdbx_modification_feature.auth_asym_id 
_pdbx_modification_feature.auth_seq_id 
_pdbx_modification_feature.PDB_ins_code 
_pdbx_modification_feature.symmetry 
_pdbx_modification_feature.modified_residue_auth_comp_id 
_pdbx_modification_feature.modified_residue_auth_asym_id 
_pdbx_modification_feature.modified_residue_auth_seq_id 
_pdbx_modification_feature.modified_residue_PDB_ins_code 
_pdbx_modification_feature.modified_residue_symmetry 
_pdbx_modification_feature.comp_id_linking_atom 
_pdbx_modification_feature.modified_residue_id_linking_atom 
_pdbx_modification_feature.modified_residue_id 
_pdbx_modification_feature.ref_pcm_id 
_pdbx_modification_feature.ref_comp_id 
_pdbx_modification_feature.type 
_pdbx_modification_feature.category 
1 CYS A 6  ? CYS A 127 ? CYS A 6  ? 1_555 CYS A 127 ? 1_555 SG SG . . . None 'Disulfide bridge' 
2 CYS A 30 ? CYS A 115 ? CYS A 30 ? 1_555 CYS A 115 ? 1_555 SG SG . . . None 'Disulfide bridge' 
3 CYS A 64 ? CYS A 80  ? CYS A 64 ? 1_555 CYS A 80  ? 1_555 SG SG . . . None 'Disulfide bridge' 
4 CYS A 76 ? CYS A 94  ? CYS A 76 ? 1_555 CYS A 94  ? 1_555 SG SG . . . None 'Disulfide bridge' 
# 
_struct_sheet.id               AA1 
_struct_sheet.type             ? 
_struct_sheet.number_strands   3 
_struct_sheet.details          ? 
# 
loop_
_struct_sheet_order.sheet_id 
_struct_sheet_order.range_id_1 
_struct_sheet_order.range_id_2 
_struct_sheet_order.offset 
_struct_sheet_order.sense 
AA1 1 2 ? anti-parallel 
AA1 2 3 ? anti-parallel 
# 
loop_
_struct_sheet_range.sheet_id 
_struct_sheet_range.id 
_struct_sheet_range.beg_label_comp_id 
_struct_sheet_range.beg_label_asym_id 
_struct_sheet_range.beg_label_seq_id 
_struct_sheet_range.pdbx_beg_PDB_ins_code 
_struct_sheet_range.end_label_comp_id 
_struct_sheet_range.end_label_asym_id 
_struct_sheet_range.end_label_seq_id 
_struct_sheet_range.pdbx_end_PDB_ins_code 
_struct_sheet_range.beg_auth_comp_id 
_struct_sheet_range.beg_auth_asym_id 
_struct_sheet_range.beg_auth_seq_id 
_struct_sheet_range.end_auth_comp_id 
_struct_sheet_range.end_auth_asym_id 
_struct_sheet_range.end_auth_seq_id 
AA1 1 THR A 43 ? ARG A 45 ? THR A 43 ARG A 45 
AA1 2 THR A 51 ? TYR A 53 ? THR A 51 TYR A 53 
AA1 3 ILE A 58 ? ASN A 59 ? ILE A 58 ASN A 59 
# 
loop_
_pdbx_struct_sheet_hbond.sheet_id 
_pdbx_struct_sheet_hbond.range_id_1 
_pdbx_struct_sheet_hbond.range_id_2 
_pdbx_struct_sheet_hbond.range_1_label_atom_id 
_pdbx_struct_sheet_hbond.range_1_label_comp_id 
_pdbx_struct_sheet_hbond.range_1_label_asym_id 
_pdbx_struct_sheet_hbond.range_1_label_seq_id 
_pdbx_struct_sheet_hbond.range_1_PDB_ins_code 
_pdbx_struct_sheet_hbond.range_1_auth_atom_id 
_pdbx_struct_sheet_hbond.range_1_auth_comp_id 
_pdbx_struct_sheet_hbond.range_1_auth_asym_id 
_pdbx_struct_sheet_hbond.range_1_auth_seq_id 
_pdbx_struct_sheet_hbond.range_2_label_atom_id 
_pdbx_struct_sheet_hbond.range_2_label_comp_id 
_pdbx_struct_sheet_hbond.range_2_label_asym_id 
_pdbx_struct_sheet_hbond.range_2_label_seq_id 
_pdbx_struct_sheet_hbond.range_2_PDB_ins_code 
_pdbx_struct_sheet_hbond.range_2_auth_atom_id 
_pdbx_struct_sheet_hbond.range_2_auth_comp_id 
_pdbx_struct_sheet_hbond.range_2_auth_asym_id 
_pdbx_struct_sheet_hbond.range_2_auth_seq_id 
AA1 1 2 N ASN A 44 ? N ASN A 44 O ASP A 52 ? O ASP A 52 
AA1 2 3 N TYR A 53 ? N TYR A 53 O ILE A 58 ? O ILE A 58 
# 
loop_
_struct_site.id 
_struct_site.pdbx_evidence_code 
_struct_site.pdbx_auth_asym_id 
_struct_site.pdbx_auth_comp_id 
_struct_site.pdbx_auth_seq_id 
_struct_site.pdbx_auth_ins_code 
_struct_site.pdbx_num_residues 
_struct_site.details 
AC1 Software A GOL 201 ? 6 'binding site for residue GOL A 201' 
AC2 Software A CL  202 ? 2 'binding site for residue CL A 202'  
AC3 Software A NA  203 ? 6 'binding site for residue NA A 203'  
AC4 Software A CL  204 ? 7 'binding site for residue CL A 204'  
AC5 Software A 9Q8 205 ? 6 'binding site for residue 9Q8 A 205' 
AC6 Software A RU2 206 ? 6 'binding site for residue RU2 A 206' 
AC7 Software A RU2 207 ? 4 'binding site for residue RU2 A 207' 
AC8 Software A RU1 208 ? 2 'binding site for residue RU1 A 208' 
AC9 Software A RU2 209 ? 4 'binding site for residue RU2 A 209' 
# 
loop_
_struct_site_gen.id 
_struct_site_gen.site_id 
_struct_site_gen.pdbx_num_res 
_struct_site_gen.label_comp_id 
_struct_site_gen.label_asym_id 
_struct_site_gen.label_seq_id 
_struct_site_gen.pdbx_auth_ins_code 
_struct_site_gen.auth_comp_id 
_struct_site_gen.auth_asym_id 
_struct_site_gen.auth_seq_id 
_struct_site_gen.label_atom_id 
_struct_site_gen.label_alt_id 
_struct_site_gen.symmetry 
_struct_site_gen.details 
1  AC1 6 LYS A 13  ? LYS A 13  . ? 8_554 ? 
2  AC1 6 LYS A 13  ? LYS A 13  . ? 1_555 ? 
3  AC1 6 LEU A 129 ? LEU A 129 . ? 8_554 ? 
4  AC1 6 LEU A 129 ? LEU A 129 . ? 1_555 ? 
5  AC1 6 RU2 J .   ? RU2 A 209 . ? 8_554 ? 
6  AC1 6 RU2 J .   ? RU2 A 209 . ? 1_555 ? 
7  AC2 2 TYR A 23  ? TYR A 23  . ? 1_555 ? 
8  AC2 2 ASN A 113 ? ASN A 113 . ? 4_545 ? 
9  AC3 6 SER A 60  ? SER A 60  . ? 1_555 ? 
10 AC3 6 CYS A 64  ? CYS A 64  . ? 1_555 ? 
11 AC3 6 SER A 72  ? SER A 72  . ? 1_555 ? 
12 AC3 6 ARG A 73  ? ARG A 73  . ? 1_555 ? 
13 AC3 6 HOH K .   ? HOH A 379 . ? 1_555 ? 
14 AC3 6 HOH K .   ? HOH A 380 . ? 1_555 ? 
15 AC4 7 ASN A 65  ? ASN A 65  . ? 1_555 ? 
16 AC4 7 GLY A 67  ? GLY A 67  . ? 1_555 ? 
17 AC4 7 ARG A 68  ? ARG A 68  . ? 1_555 ? 
18 AC4 7 THR A 69  ? THR A 69  . ? 1_555 ? 
19 AC4 7 HOH K .   ? HOH A 380 . ? 1_555 ? 
20 AC4 7 HOH K .   ? HOH A 400 . ? 1_555 ? 
21 AC4 7 HOH K .   ? HOH A 417 . ? 1_555 ? 
22 AC5 6 ALA A 11  ? ALA A 11  . ? 1_555 ? 
23 AC5 6 HIS A 15  ? HIS A 15  . ? 1_555 ? 
24 AC5 6 ASP A 87  ? ASP A 87  . ? 1_555 ? 
25 AC5 6 ILE A 88  ? ILE A 88  . ? 1_555 ? 
26 AC5 6 THR A 89  ? THR A 89  . ? 1_555 ? 
27 AC5 6 HOH K .   ? HOH A 395 . ? 1_555 ? 
28 AC6 6 LYS A 13  ? LYS A 13  . ? 1_555 ? 
29 AC6 6 ASP A 18  ? ASP A 18  . ? 1_555 ? 
30 AC6 6 LEU A 25  ? LEU A 25  . ? 1_555 ? 
31 AC6 6 ARG A 61  ? ARG A 61  . ? 4_544 ? 
32 AC6 6 PRO A 70  ? PRO A 70  . ? 6_545 ? 
33 AC6 6 ILE A 124 ? ILE A 124 . ? 1_555 ? 
34 AC7 4 ASN A 46  ? ASN A 46  . ? 1_555 ? 
35 AC7 4 ASP A 52  ? ASP A 52  . ? 1_555 ? 
36 AC7 4 HOH K .   ? HOH A 316 . ? 1_555 ? 
37 AC7 4 HOH K .   ? HOH A 349 . ? 1_555 ? 
38 AC8 2 ASP A 119 ? ASP A 119 . ? 1_555 ? 
39 AC8 2 ARG A 125 ? ARG A 125 . ? 1_555 ? 
40 AC9 4 LEU A 129 ? LEU A 129 . ? 1_555 ? 
41 AC9 4 LEU A 129 ? LEU A 129 . ? 8_554 ? 
42 AC9 4 GOL B .   ? GOL A 201 . ? 1_555 ? 
43 AC9 4 GOL B .   ? GOL A 201 . ? 8_554 ? 
# 
_pdbx_entry_details.entry_id                   5OB6 
_pdbx_entry_details.compound_details           ? 
_pdbx_entry_details.source_details             ? 
_pdbx_entry_details.nonpolymer_details         ? 
_pdbx_entry_details.sequence_details           ? 
_pdbx_entry_details.has_ligand_of_interest     ? 
_pdbx_entry_details.has_protein_modification   Y 
# 
loop_
_pdbx_validate_symm_contact.id 
_pdbx_validate_symm_contact.PDB_model_num 
_pdbx_validate_symm_contact.auth_atom_id_1 
_pdbx_validate_symm_contact.auth_asym_id_1 
_pdbx_validate_symm_contact.auth_comp_id_1 
_pdbx_validate_symm_contact.auth_seq_id_1 
_pdbx_validate_symm_contact.PDB_ins_code_1 
_pdbx_validate_symm_contact.label_alt_id_1 
_pdbx_validate_symm_contact.site_symmetry_1 
_pdbx_validate_symm_contact.auth_atom_id_2 
_pdbx_validate_symm_contact.auth_asym_id_2 
_pdbx_validate_symm_contact.auth_comp_id_2 
_pdbx_validate_symm_contact.auth_seq_id_2 
_pdbx_validate_symm_contact.PDB_ins_code_2 
_pdbx_validate_symm_contact.label_alt_id_2 
_pdbx_validate_symm_contact.site_symmetry_2 
_pdbx_validate_symm_contact.dist 
1 1 C1 A GOL 201 ? ? 1_555 C1 A GOL 201 ? ? 8_554 1.71 
2 1 C1 A GOL 201 ? ? 1_555 C2 A GOL 201 ? ? 8_554 1.95 
3 1 O1 A GOL 201 ? ? 1_555 O3 A GOL 201 ? ? 8_554 2.00 
4 1 O  A HOH 435 ? ? 1_555 O  A HOH 435 ? ? 7_556 2.02 
# 
loop_
_pdbx_validate_rmsd_angle.id 
_pdbx_validate_rmsd_angle.PDB_model_num 
_pdbx_validate_rmsd_angle.auth_atom_id_1 
_pdbx_validate_rmsd_angle.auth_asym_id_1 
_pdbx_validate_rmsd_angle.auth_comp_id_1 
_pdbx_validate_rmsd_angle.auth_seq_id_1 
_pdbx_validate_rmsd_angle.PDB_ins_code_1 
_pdbx_validate_rmsd_angle.label_alt_id_1 
_pdbx_validate_rmsd_angle.auth_atom_id_2 
_pdbx_validate_rmsd_angle.auth_asym_id_2 
_pdbx_validate_rmsd_angle.auth_comp_id_2 
_pdbx_validate_rmsd_angle.auth_seq_id_2 
_pdbx_validate_rmsd_angle.PDB_ins_code_2 
_pdbx_validate_rmsd_angle.label_alt_id_2 
_pdbx_validate_rmsd_angle.auth_atom_id_3 
_pdbx_validate_rmsd_angle.auth_asym_id_3 
_pdbx_validate_rmsd_angle.auth_comp_id_3 
_pdbx_validate_rmsd_angle.auth_seq_id_3 
_pdbx_validate_rmsd_angle.PDB_ins_code_3 
_pdbx_validate_rmsd_angle.label_alt_id_3 
_pdbx_validate_rmsd_angle.angle_value 
_pdbx_validate_rmsd_angle.angle_target_value 
_pdbx_validate_rmsd_angle.angle_deviation 
_pdbx_validate_rmsd_angle.angle_standard_deviation 
_pdbx_validate_rmsd_angle.linker_flag 
1 1 NE A ARG 73 ? ? CZ A ARG 73 ? ? NH1 A ARG 73 ? ? 123.73 120.30 3.43  0.50 N 
2 1 NE A ARG 73 ? ? CZ A ARG 73 ? ? NH2 A ARG 73 ? ? 117.08 120.30 -3.22 0.50 N 
# 
_pdbx_validate_torsion.id              1 
_pdbx_validate_torsion.PDB_model_num   1 
_pdbx_validate_torsion.auth_comp_id    ARG 
_pdbx_validate_torsion.auth_asym_id    A 
_pdbx_validate_torsion.auth_seq_id     68 
_pdbx_validate_torsion.PDB_ins_code    ? 
_pdbx_validate_torsion.label_alt_id    B 
_pdbx_validate_torsion.phi             -144.53 
_pdbx_validate_torsion.psi             34.85 
# 
_pdbx_struct_special_symmetry.id              1 
_pdbx_struct_special_symmetry.PDB_model_num   1 
_pdbx_struct_special_symmetry.auth_asym_id    A 
_pdbx_struct_special_symmetry.auth_comp_id    HOH 
_pdbx_struct_special_symmetry.auth_seq_id     341 
_pdbx_struct_special_symmetry.PDB_ins_code    ? 
_pdbx_struct_special_symmetry.label_asym_id   K 
_pdbx_struct_special_symmetry.label_comp_id   HOH 
_pdbx_struct_special_symmetry.label_seq_id    . 
# 
loop_
_pdbx_distant_solvent_atoms.id 
_pdbx_distant_solvent_atoms.PDB_model_num 
_pdbx_distant_solvent_atoms.auth_atom_id 
_pdbx_distant_solvent_atoms.label_alt_id 
_pdbx_distant_solvent_atoms.auth_asym_id 
_pdbx_distant_solvent_atoms.auth_comp_id 
_pdbx_distant_solvent_atoms.auth_seq_id 
_pdbx_distant_solvent_atoms.PDB_ins_code 
_pdbx_distant_solvent_atoms.neighbor_macromolecule_distance 
_pdbx_distant_solvent_atoms.neighbor_ligand_distance 
1 1 O ? A HOH 445 ? 5.89 . 
2 1 O ? A HOH 446 ? 6.24 . 
3 1 O ? A HOH 447 ? 7.33 . 
# 
loop_
_chem_comp_atom.comp_id 
_chem_comp_atom.atom_id 
_chem_comp_atom.type_symbol 
_chem_comp_atom.pdbx_aromatic_flag 
_chem_comp_atom.pdbx_stereo_config 
_chem_comp_atom.pdbx_ordinal 
9Q8 O1   O  N N 1   
9Q8 C1   C  N N 2   
9Q8 RU   RU N N 3   
9Q8 C2   C  N N 4   
9Q8 O2   O  N N 5   
9Q8 C3   C  N N 6   
9Q8 O3   O  N N 7   
9Q8 O5   O  N N 8   
9Q8 O4   O  N N 9   
9Q8 O6   O  N N 10  
9Q8 H1   H  N N 11  
9Q8 H2   H  N N 12  
9Q8 H3   H  N N 13  
ALA N    N  N N 14  
ALA CA   C  N S 15  
ALA C    C  N N 16  
ALA O    O  N N 17  
ALA CB   C  N N 18  
ALA OXT  O  N N 19  
ALA H    H  N N 20  
ALA H2   H  N N 21  
ALA HA   H  N N 22  
ALA HB1  H  N N 23  
ALA HB2  H  N N 24  
ALA HB3  H  N N 25  
ALA HXT  H  N N 26  
ARG N    N  N N 27  
ARG CA   C  N S 28  
ARG C    C  N N 29  
ARG O    O  N N 30  
ARG CB   C  N N 31  
ARG CG   C  N N 32  
ARG CD   C  N N 33  
ARG NE   N  N N 34  
ARG CZ   C  N N 35  
ARG NH1  N  N N 36  
ARG NH2  N  N N 37  
ARG OXT  O  N N 38  
ARG H    H  N N 39  
ARG H2   H  N N 40  
ARG HA   H  N N 41  
ARG HB2  H  N N 42  
ARG HB3  H  N N 43  
ARG HG2  H  N N 44  
ARG HG3  H  N N 45  
ARG HD2  H  N N 46  
ARG HD3  H  N N 47  
ARG HE   H  N N 48  
ARG HH11 H  N N 49  
ARG HH12 H  N N 50  
ARG HH21 H  N N 51  
ARG HH22 H  N N 52  
ARG HXT  H  N N 53  
ASN N    N  N N 54  
ASN CA   C  N S 55  
ASN C    C  N N 56  
ASN O    O  N N 57  
ASN CB   C  N N 58  
ASN CG   C  N N 59  
ASN OD1  O  N N 60  
ASN ND2  N  N N 61  
ASN OXT  O  N N 62  
ASN H    H  N N 63  
ASN H2   H  N N 64  
ASN HA   H  N N 65  
ASN HB2  H  N N 66  
ASN HB3  H  N N 67  
ASN HD21 H  N N 68  
ASN HD22 H  N N 69  
ASN HXT  H  N N 70  
ASP N    N  N N 71  
ASP CA   C  N S 72  
ASP C    C  N N 73  
ASP O    O  N N 74  
ASP CB   C  N N 75  
ASP CG   C  N N 76  
ASP OD1  O  N N 77  
ASP OD2  O  N N 78  
ASP OXT  O  N N 79  
ASP H    H  N N 80  
ASP H2   H  N N 81  
ASP HA   H  N N 82  
ASP HB2  H  N N 83  
ASP HB3  H  N N 84  
ASP HD2  H  N N 85  
ASP HXT  H  N N 86  
CL  CL   CL N N 87  
CYS N    N  N N 88  
CYS CA   C  N R 89  
CYS C    C  N N 90  
CYS O    O  N N 91  
CYS CB   C  N N 92  
CYS SG   S  N N 93  
CYS OXT  O  N N 94  
CYS H    H  N N 95  
CYS H2   H  N N 96  
CYS HA   H  N N 97  
CYS HB2  H  N N 98  
CYS HB3  H  N N 99  
CYS HG   H  N N 100 
CYS HXT  H  N N 101 
GLN N    N  N N 102 
GLN CA   C  N S 103 
GLN C    C  N N 104 
GLN O    O  N N 105 
GLN CB   C  N N 106 
GLN CG   C  N N 107 
GLN CD   C  N N 108 
GLN OE1  O  N N 109 
GLN NE2  N  N N 110 
GLN OXT  O  N N 111 
GLN H    H  N N 112 
GLN H2   H  N N 113 
GLN HA   H  N N 114 
GLN HB2  H  N N 115 
GLN HB3  H  N N 116 
GLN HG2  H  N N 117 
GLN HG3  H  N N 118 
GLN HE21 H  N N 119 
GLN HE22 H  N N 120 
GLN HXT  H  N N 121 
GLU N    N  N N 122 
GLU CA   C  N S 123 
GLU C    C  N N 124 
GLU O    O  N N 125 
GLU CB   C  N N 126 
GLU CG   C  N N 127 
GLU CD   C  N N 128 
GLU OE1  O  N N 129 
GLU OE2  O  N N 130 
GLU OXT  O  N N 131 
GLU H    H  N N 132 
GLU H2   H  N N 133 
GLU HA   H  N N 134 
GLU HB2  H  N N 135 
GLU HB3  H  N N 136 
GLU HG2  H  N N 137 
GLU HG3  H  N N 138 
GLU HE2  H  N N 139 
GLU HXT  H  N N 140 
GLY N    N  N N 141 
GLY CA   C  N N 142 
GLY C    C  N N 143 
GLY O    O  N N 144 
GLY OXT  O  N N 145 
GLY H    H  N N 146 
GLY H2   H  N N 147 
GLY HA2  H  N N 148 
GLY HA3  H  N N 149 
GLY HXT  H  N N 150 
GOL C1   C  N N 151 
GOL O1   O  N N 152 
GOL C2   C  N N 153 
GOL O2   O  N N 154 
GOL C3   C  N N 155 
GOL O3   O  N N 156 
GOL H11  H  N N 157 
GOL H12  H  N N 158 
GOL HO1  H  N N 159 
GOL H2   H  N N 160 
GOL HO2  H  N N 161 
GOL H31  H  N N 162 
GOL H32  H  N N 163 
GOL HO3  H  N N 164 
HIS N    N  N N 165 
HIS CA   C  N S 166 
HIS C    C  N N 167 
HIS O    O  N N 168 
HIS CB   C  N N 169 
HIS CG   C  Y N 170 
HIS ND1  N  Y N 171 
HIS CD2  C  Y N 172 
HIS CE1  C  Y N 173 
HIS NE2  N  Y N 174 
HIS OXT  O  N N 175 
HIS H    H  N N 176 
HIS H2   H  N N 177 
HIS HA   H  N N 178 
HIS HB2  H  N N 179 
HIS HB3  H  N N 180 
HIS HD1  H  N N 181 
HIS HD2  H  N N 182 
HIS HE1  H  N N 183 
HIS HE2  H  N N 184 
HIS HXT  H  N N 185 
HOH O    O  N N 186 
HOH H1   H  N N 187 
HOH H2   H  N N 188 
ILE N    N  N N 189 
ILE CA   C  N S 190 
ILE C    C  N N 191 
ILE O    O  N N 192 
ILE CB   C  N S 193 
ILE CG1  C  N N 194 
ILE CG2  C  N N 195 
ILE CD1  C  N N 196 
ILE OXT  O  N N 197 
ILE H    H  N N 198 
ILE H2   H  N N 199 
ILE HA   H  N N 200 
ILE HB   H  N N 201 
ILE HG12 H  N N 202 
ILE HG13 H  N N 203 
ILE HG21 H  N N 204 
ILE HG22 H  N N 205 
ILE HG23 H  N N 206 
ILE HD11 H  N N 207 
ILE HD12 H  N N 208 
ILE HD13 H  N N 209 
ILE HXT  H  N N 210 
LEU N    N  N N 211 
LEU CA   C  N S 212 
LEU C    C  N N 213 
LEU O    O  N N 214 
LEU CB   C  N N 215 
LEU CG   C  N N 216 
LEU CD1  C  N N 217 
LEU CD2  C  N N 218 
LEU OXT  O  N N 219 
LEU H    H  N N 220 
LEU H2   H  N N 221 
LEU HA   H  N N 222 
LEU HB2  H  N N 223 
LEU HB3  H  N N 224 
LEU HG   H  N N 225 
LEU HD11 H  N N 226 
LEU HD12 H  N N 227 
LEU HD13 H  N N 228 
LEU HD21 H  N N 229 
LEU HD22 H  N N 230 
LEU HD23 H  N N 231 
LEU HXT  H  N N 232 
LYS N    N  N N 233 
LYS CA   C  N S 234 
LYS C    C  N N 235 
LYS O    O  N N 236 
LYS CB   C  N N 237 
LYS CG   C  N N 238 
LYS CD   C  N N 239 
LYS CE   C  N N 240 
LYS NZ   N  N N 241 
LYS OXT  O  N N 242 
LYS H    H  N N 243 
LYS H2   H  N N 244 
LYS HA   H  N N 245 
LYS HB2  H  N N 246 
LYS HB3  H  N N 247 
LYS HG2  H  N N 248 
LYS HG3  H  N N 249 
LYS HD2  H  N N 250 
LYS HD3  H  N N 251 
LYS HE2  H  N N 252 
LYS HE3  H  N N 253 
LYS HZ1  H  N N 254 
LYS HZ2  H  N N 255 
LYS HZ3  H  N N 256 
LYS HXT  H  N N 257 
MET N    N  N N 258 
MET CA   C  N S 259 
MET C    C  N N 260 
MET O    O  N N 261 
MET CB   C  N N 262 
MET CG   C  N N 263 
MET SD   S  N N 264 
MET CE   C  N N 265 
MET OXT  O  N N 266 
MET H    H  N N 267 
MET H2   H  N N 268 
MET HA   H  N N 269 
MET HB2  H  N N 270 
MET HB3  H  N N 271 
MET HG2  H  N N 272 
MET HG3  H  N N 273 
MET HE1  H  N N 274 
MET HE2  H  N N 275 
MET HE3  H  N N 276 
MET HXT  H  N N 277 
NA  NA   NA N N 278 
PHE N    N  N N 279 
PHE CA   C  N S 280 
PHE C    C  N N 281 
PHE O    O  N N 282 
PHE CB   C  N N 283 
PHE CG   C  Y N 284 
PHE CD1  C  Y N 285 
PHE CD2  C  Y N 286 
PHE CE1  C  Y N 287 
PHE CE2  C  Y N 288 
PHE CZ   C  Y N 289 
PHE OXT  O  N N 290 
PHE H    H  N N 291 
PHE H2   H  N N 292 
PHE HA   H  N N 293 
PHE HB2  H  N N 294 
PHE HB3  H  N N 295 
PHE HD1  H  N N 296 
PHE HD2  H  N N 297 
PHE HE1  H  N N 298 
PHE HE2  H  N N 299 
PHE HZ   H  N N 300 
PHE HXT  H  N N 301 
PRO N    N  N N 302 
PRO CA   C  N S 303 
PRO C    C  N N 304 
PRO O    O  N N 305 
PRO CB   C  N N 306 
PRO CG   C  N N 307 
PRO CD   C  N N 308 
PRO OXT  O  N N 309 
PRO H    H  N N 310 
PRO HA   H  N N 311 
PRO HB2  H  N N 312 
PRO HB3  H  N N 313 
PRO HG2  H  N N 314 
PRO HG3  H  N N 315 
PRO HD2  H  N N 316 
PRO HD3  H  N N 317 
PRO HXT  H  N N 318 
RU1 O1   O  N N 319 
RU1 C1   C  N N 320 
RU1 RU   RU N N 321 
RU1 C2   C  N N 322 
RU1 O2   O  N N 323 
RU2 RU   RU N N 324 
RU2 O3   O  N N 325 
RU2 C2   C  N N 326 
RU2 O2   O  N N 327 
RU2 O1   O  N N 328 
RU2 O5   O  N N 329 
RU2 O4   O  N N 330 
RU2 H1   H  N N 331 
RU2 H5   H  N N 332 
RU2 H6   H  N N 333 
RU2 H7   H  N N 334 
RU2 H10  H  N N 335 
RU2 H11  H  N N 336 
RU2 H9   H  N N 337 
RU2 H8   H  N N 338 
RU2 O6   O  N N 339 
RU2 H2   H  N N 340 
RU2 H3   H  N N 341 
SER N    N  N N 342 
SER CA   C  N S 343 
SER C    C  N N 344 
SER O    O  N N 345 
SER CB   C  N N 346 
SER OG   O  N N 347 
SER OXT  O  N N 348 
SER H    H  N N 349 
SER H2   H  N N 350 
SER HA   H  N N 351 
SER HB2  H  N N 352 
SER HB3  H  N N 353 
SER HG   H  N N 354 
SER HXT  H  N N 355 
THR N    N  N N 356 
THR CA   C  N S 357 
THR C    C  N N 358 
THR O    O  N N 359 
THR CB   C  N R 360 
THR OG1  O  N N 361 
THR CG2  C  N N 362 
THR OXT  O  N N 363 
THR H    H  N N 364 
THR H2   H  N N 365 
THR HA   H  N N 366 
THR HB   H  N N 367 
THR HG1  H  N N 368 
THR HG21 H  N N 369 
THR HG22 H  N N 370 
THR HG23 H  N N 371 
THR HXT  H  N N 372 
TRP N    N  N N 373 
TRP CA   C  N S 374 
TRP C    C  N N 375 
TRP O    O  N N 376 
TRP CB   C  N N 377 
TRP CG   C  Y N 378 
TRP CD1  C  Y N 379 
TRP CD2  C  Y N 380 
TRP NE1  N  Y N 381 
TRP CE2  C  Y N 382 
TRP CE3  C  Y N 383 
TRP CZ2  C  Y N 384 
TRP CZ3  C  Y N 385 
TRP CH2  C  Y N 386 
TRP OXT  O  N N 387 
TRP H    H  N N 388 
TRP H2   H  N N 389 
TRP HA   H  N N 390 
TRP HB2  H  N N 391 
TRP HB3  H  N N 392 
TRP HD1  H  N N 393 
TRP HE1  H  N N 394 
TRP HE3  H  N N 395 
TRP HZ2  H  N N 396 
TRP HZ3  H  N N 397 
TRP HH2  H  N N 398 
TRP HXT  H  N N 399 
TYR N    N  N N 400 
TYR CA   C  N S 401 
TYR C    C  N N 402 
TYR O    O  N N 403 
TYR CB   C  N N 404 
TYR CG   C  Y N 405 
TYR CD1  C  Y N 406 
TYR CD2  C  Y N 407 
TYR CE1  C  Y N 408 
TYR CE2  C  Y N 409 
TYR CZ   C  Y N 410 
TYR OH   O  N N 411 
TYR OXT  O  N N 412 
TYR H    H  N N 413 
TYR H2   H  N N 414 
TYR HA   H  N N 415 
TYR HB2  H  N N 416 
TYR HB3  H  N N 417 
TYR HD1  H  N N 418 
TYR HD2  H  N N 419 
TYR HE1  H  N N 420 
TYR HE2  H  N N 421 
TYR HH   H  N N 422 
TYR HXT  H  N N 423 
VAL N    N  N N 424 
VAL CA   C  N S 425 
VAL C    C  N N 426 
VAL O    O  N N 427 
VAL CB   C  N N 428 
VAL CG1  C  N N 429 
VAL CG2  C  N N 430 
VAL OXT  O  N N 431 
VAL H    H  N N 432 
VAL H2   H  N N 433 
VAL HA   H  N N 434 
VAL HB   H  N N 435 
VAL HG11 H  N N 436 
VAL HG12 H  N N 437 
VAL HG13 H  N N 438 
VAL HG21 H  N N 439 
VAL HG22 H  N N 440 
VAL HG23 H  N N 441 
VAL HXT  H  N N 442 
# 
loop_
_chem_comp_bond.comp_id 
_chem_comp_bond.atom_id_1 
_chem_comp_bond.atom_id_2 
_chem_comp_bond.value_order 
_chem_comp_bond.pdbx_aromatic_flag 
_chem_comp_bond.pdbx_stereo_config 
_chem_comp_bond.pdbx_ordinal 
9Q8 O3  C3   trip N N 1   
9Q8 O1  C1   trip N N 2   
9Q8 C3  RU   sing N N 3   
9Q8 C1  RU   sing N N 4   
9Q8 O2  C2   trip N N 5   
9Q8 C2  RU   sing N N 6   
9Q8 RU  O4   sing N N 7   
9Q8 RU  O5   sing N N 8   
9Q8 RU  O6   sing N N 9   
9Q8 O5  H1   sing N N 10  
9Q8 O6  H2   sing N N 11  
9Q8 O4  H3   sing N N 12  
ALA N   CA   sing N N 13  
ALA N   H    sing N N 14  
ALA N   H2   sing N N 15  
ALA CA  C    sing N N 16  
ALA CA  CB   sing N N 17  
ALA CA  HA   sing N N 18  
ALA C   O    doub N N 19  
ALA C   OXT  sing N N 20  
ALA CB  HB1  sing N N 21  
ALA CB  HB2  sing N N 22  
ALA CB  HB3  sing N N 23  
ALA OXT HXT  sing N N 24  
ARG N   CA   sing N N 25  
ARG N   H    sing N N 26  
ARG N   H2   sing N N 27  
ARG CA  C    sing N N 28  
ARG CA  CB   sing N N 29  
ARG CA  HA   sing N N 30  
ARG C   O    doub N N 31  
ARG C   OXT  sing N N 32  
ARG CB  CG   sing N N 33  
ARG CB  HB2  sing N N 34  
ARG CB  HB3  sing N N 35  
ARG CG  CD   sing N N 36  
ARG CG  HG2  sing N N 37  
ARG CG  HG3  sing N N 38  
ARG CD  NE   sing N N 39  
ARG CD  HD2  sing N N 40  
ARG CD  HD3  sing N N 41  
ARG NE  CZ   sing N N 42  
ARG NE  HE   sing N N 43  
ARG CZ  NH1  sing N N 44  
ARG CZ  NH2  doub N N 45  
ARG NH1 HH11 sing N N 46  
ARG NH1 HH12 sing N N 47  
ARG NH2 HH21 sing N N 48  
ARG NH2 HH22 sing N N 49  
ARG OXT HXT  sing N N 50  
ASN N   CA   sing N N 51  
ASN N   H    sing N N 52  
ASN N   H2   sing N N 53  
ASN CA  C    sing N N 54  
ASN CA  CB   sing N N 55  
ASN CA  HA   sing N N 56  
ASN C   O    doub N N 57  
ASN C   OXT  sing N N 58  
ASN CB  CG   sing N N 59  
ASN CB  HB2  sing N N 60  
ASN CB  HB3  sing N N 61  
ASN CG  OD1  doub N N 62  
ASN CG  ND2  sing N N 63  
ASN ND2 HD21 sing N N 64  
ASN ND2 HD22 sing N N 65  
ASN OXT HXT  sing N N 66  
ASP N   CA   sing N N 67  
ASP N   H    sing N N 68  
ASP N   H2   sing N N 69  
ASP CA  C    sing N N 70  
ASP CA  CB   sing N N 71  
ASP CA  HA   sing N N 72  
ASP C   O    doub N N 73  
ASP C   OXT  sing N N 74  
ASP CB  CG   sing N N 75  
ASP CB  HB2  sing N N 76  
ASP CB  HB3  sing N N 77  
ASP CG  OD1  doub N N 78  
ASP CG  OD2  sing N N 79  
ASP OD2 HD2  sing N N 80  
ASP OXT HXT  sing N N 81  
CYS N   CA   sing N N 82  
CYS N   H    sing N N 83  
CYS N   H2   sing N N 84  
CYS CA  C    sing N N 85  
CYS CA  CB   sing N N 86  
CYS CA  HA   sing N N 87  
CYS C   O    doub N N 88  
CYS C   OXT  sing N N 89  
CYS CB  SG   sing N N 90  
CYS CB  HB2  sing N N 91  
CYS CB  HB3  sing N N 92  
CYS SG  HG   sing N N 93  
CYS OXT HXT  sing N N 94  
GLN N   CA   sing N N 95  
GLN N   H    sing N N 96  
GLN N   H2   sing N N 97  
GLN CA  C    sing N N 98  
GLN CA  CB   sing N N 99  
GLN CA  HA   sing N N 100 
GLN C   O    doub N N 101 
GLN C   OXT  sing N N 102 
GLN CB  CG   sing N N 103 
GLN CB  HB2  sing N N 104 
GLN CB  HB3  sing N N 105 
GLN CG  CD   sing N N 106 
GLN CG  HG2  sing N N 107 
GLN CG  HG3  sing N N 108 
GLN CD  OE1  doub N N 109 
GLN CD  NE2  sing N N 110 
GLN NE2 HE21 sing N N 111 
GLN NE2 HE22 sing N N 112 
GLN OXT HXT  sing N N 113 
GLU N   CA   sing N N 114 
GLU N   H    sing N N 115 
GLU N   H2   sing N N 116 
GLU CA  C    sing N N 117 
GLU CA  CB   sing N N 118 
GLU CA  HA   sing N N 119 
GLU C   O    doub N N 120 
GLU C   OXT  sing N N 121 
GLU CB  CG   sing N N 122 
GLU CB  HB2  sing N N 123 
GLU CB  HB3  sing N N 124 
GLU CG  CD   sing N N 125 
GLU CG  HG2  sing N N 126 
GLU CG  HG3  sing N N 127 
GLU CD  OE1  doub N N 128 
GLU CD  OE2  sing N N 129 
GLU OE2 HE2  sing N N 130 
GLU OXT HXT  sing N N 131 
GLY N   CA   sing N N 132 
GLY N   H    sing N N 133 
GLY N   H2   sing N N 134 
GLY CA  C    sing N N 135 
GLY CA  HA2  sing N N 136 
GLY CA  HA3  sing N N 137 
GLY C   O    doub N N 138 
GLY C   OXT  sing N N 139 
GLY OXT HXT  sing N N 140 
GOL C1  O1   sing N N 141 
GOL C1  C2   sing N N 142 
GOL C1  H11  sing N N 143 
GOL C1  H12  sing N N 144 
GOL O1  HO1  sing N N 145 
GOL C2  O2   sing N N 146 
GOL C2  C3   sing N N 147 
GOL C2  H2   sing N N 148 
GOL O2  HO2  sing N N 149 
GOL C3  O3   sing N N 150 
GOL C3  H31  sing N N 151 
GOL C3  H32  sing N N 152 
GOL O3  HO3  sing N N 153 
HIS N   CA   sing N N 154 
HIS N   H    sing N N 155 
HIS N   H2   sing N N 156 
HIS CA  C    sing N N 157 
HIS CA  CB   sing N N 158 
HIS CA  HA   sing N N 159 
HIS C   O    doub N N 160 
HIS C   OXT  sing N N 161 
HIS CB  CG   sing N N 162 
HIS CB  HB2  sing N N 163 
HIS CB  HB3  sing N N 164 
HIS CG  ND1  sing Y N 165 
HIS CG  CD2  doub Y N 166 
HIS ND1 CE1  doub Y N 167 
HIS ND1 HD1  sing N N 168 
HIS CD2 NE2  sing Y N 169 
HIS CD2 HD2  sing N N 170 
HIS CE1 NE2  sing Y N 171 
HIS CE1 HE1  sing N N 172 
HIS NE2 HE2  sing N N 173 
HIS OXT HXT  sing N N 174 
HOH O   H1   sing N N 175 
HOH O   H2   sing N N 176 
ILE N   CA   sing N N 177 
ILE N   H    sing N N 178 
ILE N   H2   sing N N 179 
ILE CA  C    sing N N 180 
ILE CA  CB   sing N N 181 
ILE CA  HA   sing N N 182 
ILE C   O    doub N N 183 
ILE C   OXT  sing N N 184 
ILE CB  CG1  sing N N 185 
ILE CB  CG2  sing N N 186 
ILE CB  HB   sing N N 187 
ILE CG1 CD1  sing N N 188 
ILE CG1 HG12 sing N N 189 
ILE CG1 HG13 sing N N 190 
ILE CG2 HG21 sing N N 191 
ILE CG2 HG22 sing N N 192 
ILE CG2 HG23 sing N N 193 
ILE CD1 HD11 sing N N 194 
ILE CD1 HD12 sing N N 195 
ILE CD1 HD13 sing N N 196 
ILE OXT HXT  sing N N 197 
LEU N   CA   sing N N 198 
LEU N   H    sing N N 199 
LEU N   H2   sing N N 200 
LEU CA  C    sing N N 201 
LEU CA  CB   sing N N 202 
LEU CA  HA   sing N N 203 
LEU C   O    doub N N 204 
LEU C   OXT  sing N N 205 
LEU CB  CG   sing N N 206 
LEU CB  HB2  sing N N 207 
LEU CB  HB3  sing N N 208 
LEU CG  CD1  sing N N 209 
LEU CG  CD2  sing N N 210 
LEU CG  HG   sing N N 211 
LEU CD1 HD11 sing N N 212 
LEU CD1 HD12 sing N N 213 
LEU CD1 HD13 sing N N 214 
LEU CD2 HD21 sing N N 215 
LEU CD2 HD22 sing N N 216 
LEU CD2 HD23 sing N N 217 
LEU OXT HXT  sing N N 218 
LYS N   CA   sing N N 219 
LYS N   H    sing N N 220 
LYS N   H2   sing N N 221 
LYS CA  C    sing N N 222 
LYS CA  CB   sing N N 223 
LYS CA  HA   sing N N 224 
LYS C   O    doub N N 225 
LYS C   OXT  sing N N 226 
LYS CB  CG   sing N N 227 
LYS CB  HB2  sing N N 228 
LYS CB  HB3  sing N N 229 
LYS CG  CD   sing N N 230 
LYS CG  HG2  sing N N 231 
LYS CG  HG3  sing N N 232 
LYS CD  CE   sing N N 233 
LYS CD  HD2  sing N N 234 
LYS CD  HD3  sing N N 235 
LYS CE  NZ   sing N N 236 
LYS CE  HE2  sing N N 237 
LYS CE  HE3  sing N N 238 
LYS NZ  HZ1  sing N N 239 
LYS NZ  HZ2  sing N N 240 
LYS NZ  HZ3  sing N N 241 
LYS OXT HXT  sing N N 242 
MET N   CA   sing N N 243 
MET N   H    sing N N 244 
MET N   H2   sing N N 245 
MET CA  C    sing N N 246 
MET CA  CB   sing N N 247 
MET CA  HA   sing N N 248 
MET C   O    doub N N 249 
MET C   OXT  sing N N 250 
MET CB  CG   sing N N 251 
MET CB  HB2  sing N N 252 
MET CB  HB3  sing N N 253 
MET CG  SD   sing N N 254 
MET CG  HG2  sing N N 255 
MET CG  HG3  sing N N 256 
MET SD  CE   sing N N 257 
MET CE  HE1  sing N N 258 
MET CE  HE2  sing N N 259 
MET CE  HE3  sing N N 260 
MET OXT HXT  sing N N 261 
PHE N   CA   sing N N 262 
PHE N   H    sing N N 263 
PHE N   H2   sing N N 264 
PHE CA  C    sing N N 265 
PHE CA  CB   sing N N 266 
PHE CA  HA   sing N N 267 
PHE C   O    doub N N 268 
PHE C   OXT  sing N N 269 
PHE CB  CG   sing N N 270 
PHE CB  HB2  sing N N 271 
PHE CB  HB3  sing N N 272 
PHE CG  CD1  doub Y N 273 
PHE CG  CD2  sing Y N 274 
PHE CD1 CE1  sing Y N 275 
PHE CD1 HD1  sing N N 276 
PHE CD2 CE2  doub Y N 277 
PHE CD2 HD2  sing N N 278 
PHE CE1 CZ   doub Y N 279 
PHE CE1 HE1  sing N N 280 
PHE CE2 CZ   sing Y N 281 
PHE CE2 HE2  sing N N 282 
PHE CZ  HZ   sing N N 283 
PHE OXT HXT  sing N N 284 
PRO N   CA   sing N N 285 
PRO N   CD   sing N N 286 
PRO N   H    sing N N 287 
PRO CA  C    sing N N 288 
PRO CA  CB   sing N N 289 
PRO CA  HA   sing N N 290 
PRO C   O    doub N N 291 
PRO C   OXT  sing N N 292 
PRO CB  CG   sing N N 293 
PRO CB  HB2  sing N N 294 
PRO CB  HB3  sing N N 295 
PRO CG  CD   sing N N 296 
PRO CG  HG2  sing N N 297 
PRO CG  HG3  sing N N 298 
PRO CD  HD2  sing N N 299 
PRO CD  HD3  sing N N 300 
PRO OXT HXT  sing N N 301 
RU1 O1  C1   trip N N 302 
RU1 C1  RU   sing N N 303 
RU1 RU  C2   sing N N 304 
RU1 C2  O2   trip N N 305 
RU2 RU  O3   sing N N 306 
RU2 RU  C2   sing N N 307 
RU2 RU  O1   sing N N 308 
RU2 RU  O5   sing N N 309 
RU2 C2  O2   trip N N 310 
RU2 RU  O4   sing N N 311 
RU2 O3  H1   sing N N 312 
RU2 O1  H5   sing N N 313 
RU2 O5  H6   sing N N 314 
RU2 O4  H7   sing N N 315 
RU2 O1  H10  sing N N 316 
RU2 O4  H11  sing N N 317 
RU2 O3  H9   sing N N 318 
RU2 O5  H8   sing N N 319 
RU2 RU  O6   sing N N 320 
RU2 O6  H2   sing N N 321 
RU2 O6  H3   sing N N 322 
SER N   CA   sing N N 323 
SER N   H    sing N N 324 
SER N   H2   sing N N 325 
SER CA  C    sing N N 326 
SER CA  CB   sing N N 327 
SER CA  HA   sing N N 328 
SER C   O    doub N N 329 
SER C   OXT  sing N N 330 
SER CB  OG   sing N N 331 
SER CB  HB2  sing N N 332 
SER CB  HB3  sing N N 333 
SER OG  HG   sing N N 334 
SER OXT HXT  sing N N 335 
THR N   CA   sing N N 336 
THR N   H    sing N N 337 
THR N   H2   sing N N 338 
THR CA  C    sing N N 339 
THR CA  CB   sing N N 340 
THR CA  HA   sing N N 341 
THR C   O    doub N N 342 
THR C   OXT  sing N N 343 
THR CB  OG1  sing N N 344 
THR CB  CG2  sing N N 345 
THR CB  HB   sing N N 346 
THR OG1 HG1  sing N N 347 
THR CG2 HG21 sing N N 348 
THR CG2 HG22 sing N N 349 
THR CG2 HG23 sing N N 350 
THR OXT HXT  sing N N 351 
TRP N   CA   sing N N 352 
TRP N   H    sing N N 353 
TRP N   H2   sing N N 354 
TRP CA  C    sing N N 355 
TRP CA  CB   sing N N 356 
TRP CA  HA   sing N N 357 
TRP C   O    doub N N 358 
TRP C   OXT  sing N N 359 
TRP CB  CG   sing N N 360 
TRP CB  HB2  sing N N 361 
TRP CB  HB3  sing N N 362 
TRP CG  CD1  doub Y N 363 
TRP CG  CD2  sing Y N 364 
TRP CD1 NE1  sing Y N 365 
TRP CD1 HD1  sing N N 366 
TRP CD2 CE2  doub Y N 367 
TRP CD2 CE3  sing Y N 368 
TRP NE1 CE2  sing Y N 369 
TRP NE1 HE1  sing N N 370 
TRP CE2 CZ2  sing Y N 371 
TRP CE3 CZ3  doub Y N 372 
TRP CE3 HE3  sing N N 373 
TRP CZ2 CH2  doub Y N 374 
TRP CZ2 HZ2  sing N N 375 
TRP CZ3 CH2  sing Y N 376 
TRP CZ3 HZ3  sing N N 377 
TRP CH2 HH2  sing N N 378 
TRP OXT HXT  sing N N 379 
TYR N   CA   sing N N 380 
TYR N   H    sing N N 381 
TYR N   H2   sing N N 382 
TYR CA  C    sing N N 383 
TYR CA  CB   sing N N 384 
TYR CA  HA   sing N N 385 
TYR C   O    doub N N 386 
TYR C   OXT  sing N N 387 
TYR CB  CG   sing N N 388 
TYR CB  HB2  sing N N 389 
TYR CB  HB3  sing N N 390 
TYR CG  CD1  doub Y N 391 
TYR CG  CD2  sing Y N 392 
TYR CD1 CE1  sing Y N 393 
TYR CD1 HD1  sing N N 394 
TYR CD2 CE2  doub Y N 395 
TYR CD2 HD2  sing N N 396 
TYR CE1 CZ   doub Y N 397 
TYR CE1 HE1  sing N N 398 
TYR CE2 CZ   sing Y N 399 
TYR CE2 HE2  sing N N 400 
TYR CZ  OH   sing N N 401 
TYR OH  HH   sing N N 402 
TYR OXT HXT  sing N N 403 
VAL N   CA   sing N N 404 
VAL N   H    sing N N 405 
VAL N   H2   sing N N 406 
VAL CA  C    sing N N 407 
VAL CA  CB   sing N N 408 
VAL CA  HA   sing N N 409 
VAL C   O    doub N N 410 
VAL C   OXT  sing N N 411 
VAL CB  CG1  sing N N 412 
VAL CB  CG2  sing N N 413 
VAL CB  HB   sing N N 414 
VAL CG1 HG11 sing N N 415 
VAL CG1 HG12 sing N N 416 
VAL CG1 HG13 sing N N 417 
VAL CG2 HG21 sing N N 418 
VAL CG2 HG22 sing N N 419 
VAL CG2 HG23 sing N N 420 
VAL OXT HXT  sing N N 421 
# 
_pdbx_initial_refinement_model.id               1 
_pdbx_initial_refinement_model.entity_id_list   ? 
_pdbx_initial_refinement_model.type             'experimental model' 
_pdbx_initial_refinement_model.source_name      PDB 
_pdbx_initial_refinement_model.accession_code   193L 
_pdbx_initial_refinement_model.details          ? 
# 
_atom_sites.entry_id                    5OB6 
_atom_sites.fract_transf_matrix[1][1]   0.01040501 
_atom_sites.fract_transf_matrix[1][2]   -0.00629659 
_atom_sites.fract_transf_matrix[1][3]   -0.00303561 
_atom_sites.fract_transf_matrix[2][1]   0.00280023 
_atom_sites.fract_transf_matrix[2][2]   -0.00123304 
_atom_sites.fract_transf_matrix[2][3]   0.01215584 
_atom_sites.fract_transf_matrix[3][1]   -0.01394633 
_atom_sites.fract_transf_matrix[3][2]   -0.02344826 
_atom_sites.fract_transf_matrix[3][3]   0.00083420 
_atom_sites.fract_transf_vector[1]      -0.005137 
_atom_sites.fract_transf_vector[2]      -0.260874 
_atom_sites.fract_transf_vector[3]      0.012561 
# 
loop_
_atom_type.symbol 
C  
CL 
N  
NA 
O  
RU 
S  
# 
loop_
_atom_site.group_PDB 
_atom_site.id 
_atom_site.type_symbol 
_atom_site.label_atom_id 
_atom_site.label_alt_id 
_atom_site.label_comp_id 
_atom_site.label_asym_id 
_atom_site.label_entity_id 
_atom_site.label_seq_id 
_atom_site.pdbx_PDB_ins_code 
_atom_site.Cartn_x 
_atom_site.Cartn_y 
_atom_site.Cartn_z 
_atom_site.occupancy 
_atom_site.B_iso_or_equiv 
_atom_site.pdbx_formal_charge 
_atom_site.auth_seq_id 
_atom_site.auth_comp_id 
_atom_site.auth_asym_id 
_atom_site.auth_atom_id 
_atom_site.pdbx_PDB_model_num 
ATOM   1    N  N   . LYS A 1 1   ? 3.986   8.786   10.336  1.00 31.24 ? 1   LYS A N   1 
ATOM   2    C  CA  . LYS A 1 1   ? 5.268   9.242   9.723   1.00 33.56 ? 1   LYS A CA  1 
ATOM   3    C  C   . LYS A 1 1   ? 5.001   9.563   8.262   1.00 33.16 ? 1   LYS A C   1 
ATOM   4    O  O   . LYS A 1 1   ? 4.459   8.757   7.543   1.00 30.71 ? 1   LYS A O   1 
ATOM   5    C  CB  . LYS A 1 1   ? 6.354   8.146   9.819   1.00 32.26 ? 1   LYS A CB  1 
ATOM   6    C  CG  . LYS A 1 1   ? 7.597   8.446   9.036   1.00 33.98 ? 1   LYS A CG  1 
ATOM   7    C  CD  . LYS A 1 1   ? 8.678   7.454   9.289   1.00 37.97 ? 1   LYS A CD  1 
ATOM   8    C  CE  . LYS A 1 1   ? 9.963   7.929   8.611   1.00 39.92 ? 1   LYS A CE  1 
ATOM   9    N  NZ  . LYS A 1 1   ? 10.914  6.808   8.690   1.00 37.69 ? 1   LYS A NZ  1 
ATOM   10   N  N   . VAL A 1 2   ? 5.418   10.739  7.820   1.00 31.11 ? 2   VAL A N   1 
ATOM   11   C  CA  . VAL A 1 2   ? 5.414   11.055  6.408   1.00 28.87 ? 2   VAL A CA  1 
ATOM   12   C  C   . VAL A 1 2   ? 6.799   10.803  5.867   1.00 33.37 ? 2   VAL A C   1 
ATOM   13   O  O   . VAL A 1 2   ? 7.788   11.450  6.314   1.00 31.11 ? 2   VAL A O   1 
ATOM   14   C  CB  . VAL A 1 2   ? 4.947   12.473  6.140   1.00 26.95 ? 2   VAL A CB  1 
ATOM   15   C  CG1 . VAL A 1 2   ? 4.941   12.752  4.641   1.00 28.49 ? 2   VAL A CG1 1 
ATOM   16   C  CG2 . VAL A 1 2   ? 3.558   12.708  6.767   1.00 27.85 ? 2   VAL A CG2 1 
ATOM   17   N  N   . PHE A 1 3   ? 6.912   9.798   5.012   1.00 31.72 ? 3   PHE A N   1 
ATOM   18   C  CA  . PHE A 1 3   ? 8.232   9.460   4.400   1.00 31.19 ? 3   PHE A CA  1 
ATOM   19   C  C   . PHE A 1 3   ? 8.576   10.475  3.317   1.00 32.06 ? 3   PHE A C   1 
ATOM   20   O  O   . PHE A 1 3   ? 7.688   10.946  2.603   1.00 28.26 ? 3   PHE A O   1 
ATOM   21   C  CB  . PHE A 1 3   ? 8.174   8.128   3.732   1.00 29.00 ? 3   PHE A CB  1 
ATOM   22   C  CG  . PHE A 1 3   ? 8.385   6.992   4.632   1.00 26.96 ? 3   PHE A CG  1 
ATOM   23   C  CD1 . PHE A 1 3   ? 7.342   6.450   5.376   1.00 27.67 ? 3   PHE A CD1 1 
ATOM   24   C  CD2 . PHE A 1 3   ? 9.653   6.423   4.733   1.00 28.46 ? 3   PHE A CD2 1 
ATOM   25   C  CE1 . PHE A 1 3   ? 7.566   5.379   6.210   1.00 28.74 ? 3   PHE A CE1 1 
ATOM   26   C  CE2 . PHE A 1 3   ? 9.886   5.348   5.550   1.00 27.18 ? 3   PHE A CE2 1 
ATOM   27   C  CZ  . PHE A 1 3   ? 8.834   4.810   6.284   1.00 29.19 ? 3   PHE A CZ  1 
ATOM   28   N  N   . GLY A 1 4   ? 9.870   10.782  3.186   1.00 34.86 ? 4   GLY A N   1 
ATOM   29   C  CA  . GLY A 1 4   ? 10.417  11.311  1.944   1.00 34.11 ? 4   GLY A CA  1 
ATOM   30   C  C   . GLY A 1 4   ? 10.347  10.239  0.853   1.00 33.12 ? 4   GLY A C   1 
ATOM   31   O  O   . GLY A 1 4   ? 10.318  9.024   1.126   1.00 35.39 ? 4   GLY A O   1 
ATOM   32   N  N   . ARG A 1 5   ? 10.270  10.704  -0.383  1.00 32.80 ? 5   ARG A N   1 
ATOM   33   C  CA  . ARG A 1 5   ? 10.254  9.848   -1.562  1.00 34.85 ? 5   ARG A CA  1 
ATOM   34   C  C   . ARG A 1 5   ? 11.403  8.822   -1.582  1.00 34.94 ? 5   ARG A C   1 
ATOM   35   O  O   . ARG A 1 5   ? 11.132  7.615   -1.610  1.00 33.26 ? 5   ARG A O   1 
ATOM   36   C  CB  . ARG A 1 5   ? 10.249  10.721  -2.844  1.00 35.18 ? 5   ARG A CB  1 
ATOM   37   C  CG  . ARG A 1 5   ? 10.318  9.940   -4.146  1.00 34.45 ? 5   ARG A CG  1 
ATOM   38   C  CD  . ARG A 1 5   ? 10.077  10.856  -5.352  1.00 36.12 ? 5   ARG A CD  1 
ATOM   39   N  NE  . ARG A 1 5   ? 11.226  11.770  -5.523  1.00 37.29 ? 5   ARG A NE  1 
ATOM   40   C  CZ  . ARG A 1 5   ? 12.433  11.471  -5.996  1.00 37.38 ? 5   ARG A CZ  1 
ATOM   41   N  NH1 . ARG A 1 5   ? 12.778  10.241  -6.370  1.00 43.23 ? 5   ARG A NH1 1 
ATOM   42   N  NH2 . ARG A 1 5   ? 13.334  12.454  -6.088  1.00 40.82 ? 5   ARG A NH2 1 
ATOM   43   N  N   . CYS A 1 6   ? 12.670  9.271   -1.566  1.00 36.26 ? 6   CYS A N   1 
ATOM   44   C  CA  . CYS A 1 6   ? 13.825  8.321   -1.608  1.00 37.29 ? 6   CYS A CA  1 
ATOM   45   C  C   . CYS A 1 6   ? 13.932  7.541   -0.328  1.00 31.80 ? 6   CYS A C   1 
ATOM   46   O  O   . CYS A 1 6   ? 14.358  6.401   -0.341  1.00 34.45 ? 6   CYS A O   1 
ATOM   47   C  CB  . CYS A 1 6   ? 15.175  9.045   -1.904  1.00 37.74 ? 6   CYS A CB  1 
ATOM   48   S  SG  . CYS A 1 6   ? 15.166  9.831   -3.555  1.00 37.38 ? 6   CYS A SG  1 
ATOM   49   N  N   . GLU A 1 7   ? 13.529  8.154   0.795   1.00 36.49 ? 7   GLU A N   1 
ATOM   50   C  CA  . GLU A 1 7   ? 13.486  7.437   2.074   1.00 36.73 ? 7   GLU A CA  1 
ATOM   51   C  C   . GLU A 1 7   ? 12.550  6.189   1.984   1.00 32.24 ? 7   GLU A C   1 
ATOM   52   O  O   . GLU A 1 7   ? 12.917  5.096   2.342   1.00 32.45 ? 7   GLU A O   1 
ATOM   53   C  CB  . GLU A 1 7   ? 13.015  8.404   3.200   1.00 38.56 ? 7   GLU A CB  1 
ATOM   54   C  CG  . GLU A 1 7   ? 13.061  7.755   4.563   1.00 39.67 ? 7   GLU A CG  1 
ATOM   55   C  CD  . GLU A 1 7   ? 12.487  8.590   5.698   1.00 41.88 ? 7   GLU A CD  1 
ATOM   56   O  OE1 . GLU A 1 7   ? 11.739  9.595   5.486   1.00 43.05 ? 7   GLU A OE1 1 
ATOM   57   O  OE2 . GLU A 1 7   ? 12.843  8.208   6.847   1.00 40.46 ? 7   GLU A OE2 1 
ATOM   58   N  N   . LEU A 1 8   ? 11.354  6.388   1.454   1.00 32.96 ? 8   LEU A N   1 
ATOM   59   C  CA  . LEU A 1 8   ? 10.410  5.267   1.241   1.00 28.62 ? 8   LEU A CA  1 
ATOM   60   C  C   . LEU A 1 8   ? 10.881  4.273   0.189   1.00 28.60 ? 8   LEU A C   1 
ATOM   61   O  O   . LEU A 1 8   ? 10.821  3.039   0.366   1.00 25.93 ? 8   LEU A O   1 
ATOM   62   C  CB  . LEU A 1 8   ? 9.006   5.845   0.972   1.00 25.31 ? 8   LEU A CB  1 
ATOM   63   C  CG  . LEU A 1 8   ? 7.889   4.790   0.852   1.00 25.74 ? 8   LEU A CG  1 
ATOM   64   C  CD1 . LEU A 1 8   ? 7.651   4.094   2.163   1.00 25.83 ? 8   LEU A CD1 1 
ATOM   65   C  CD2 . LEU A 1 8   ? 6.619   5.436   0.341   1.00 23.22 ? 8   LEU A CD2 1 
ATOM   66   N  N   . ALA A 1 9   ? 11.398  4.761   -0.924  1.00 29.67 ? 9   ALA A N   1 
ATOM   67   C  CA  . ALA A 1 9   ? 12.008  3.833   -1.919  1.00 30.41 ? 9   ALA A CA  1 
ATOM   68   C  C   . ALA A 1 9   ? 13.027  2.890   -1.285  1.00 29.51 ? 9   ALA A C   1 
ATOM   69   O  O   . ALA A 1 9   ? 13.087  1.651   -1.511  1.00 28.99 ? 9   ALA A O   1 
ATOM   70   C  CB  . ALA A 1 9   ? 12.678  4.661   -3.025  1.00 34.11 ? 9   ALA A CB  1 
ATOM   71   N  N   . ALA A 1 10  ? 13.873  3.478   -0.447  1.00 35.39 ? 10  ALA A N   1 
ATOM   72   C  CA  . ALA A 1 10  ? 14.882  2.695   0.248   1.00 33.17 ? 10  ALA A CA  1 
ATOM   73   C  C   . ALA A 1 10  ? 14.241  1.727   1.217   1.00 32.44 ? 10  ALA A C   1 
ATOM   74   O  O   . ALA A 1 10  ? 14.561  0.507   1.187   1.00 38.90 ? 10  ALA A O   1 
ATOM   75   C  CB  . ALA A 1 10  ? 15.904  3.611   0.937   1.00 32.75 ? 10  ALA A CB  1 
ATOM   76   N  N   . ALA A 1 11  ? 13.303  2.211   2.042   1.00 29.28 ? 11  ALA A N   1 
ATOM   77   C  CA  . ALA A 1 11  ? 12.643  1.296   2.975   1.00 27.66 ? 11  ALA A CA  1 
ATOM   78   C  C   . ALA A 1 11  ? 11.933  0.150   2.289   1.00 27.07 ? 11  ALA A C   1 
ATOM   79   O  O   . ALA A 1 11  ? 12.030  -0.968  2.734   1.00 29.97 ? 11  ALA A O   1 
ATOM   80   C  CB  . ALA A 1 11  ? 11.723  2.041   3.927   1.00 31.25 ? 11  ALA A CB  1 
ATOM   81   N  N   . MET A 1 12  ? 11.210  0.446   1.196   1.00 30.45 ? 12  MET A N   1 
ATOM   82   C  CA  . MET A 1 12  ? 10.529  -0.573  0.409   1.00 30.74 ? 12  MET A CA  1 
ATOM   83   C  C   . MET A 1 12  ? 11.526  -1.532  -0.205  1.00 34.09 ? 12  MET A C   1 
ATOM   84   O  O   . MET A 1 12  ? 11.249  -2.730  -0.259  1.00 35.06 ? 12  MET A O   1 
ATOM   85   C  CB  . MET A 1 12  ? 9.661   0.049   -0.687  1.00 32.63 ? 12  MET A CB  1 
ATOM   86   C  CG  . MET A 1 12  ? 8.436   0.777   -0.119  1.00 30.47 ? 12  MET A CG  1 
ATOM   87   S  SD  . MET A 1 12  ? 7.466   1.575   -1.458  1.00 30.52 ? 12  MET A SD  1 
ATOM   88   C  CE  . MET A 1 12  ? 5.865   1.443   -0.656  1.00 29.22 ? 12  MET A CE  1 
ATOM   89   N  N   . LYS A 1 13  ? 12.688  -1.029  -0.675  1.00 32.53 ? 13  LYS A N   1 
ATOM   90   C  CA  . LYS A 1 13  ? 13.714  -1.963  -1.169  1.00 37.12 ? 13  LYS A CA  1 
ATOM   91   C  C   . LYS A 1 13  ? 14.218  -2.934  -0.057  1.00 33.56 ? 13  LYS A C   1 
ATOM   92   O  O   . LYS A 1 13  ? 14.250  -4.157  -0.275  1.00 35.56 ? 13  LYS A O   1 
ATOM   93   C  CB  . LYS A 1 13  ? 14.884  -1.239  -1.836  1.00 39.55 ? 13  LYS A CB  1 
ATOM   94   C  CG  . LYS A 1 13  ? 15.773  -2.191  -2.670  1.00 44.58 ? 13  LYS A CG  1 
ATOM   95   C  CD  . LYS A 1 13  ? 16.461  -1.413  -3.803  1.00 48.77 ? 13  LYS A CD  1 
ATOM   96   C  CE  . LYS A 1 13  ? 17.574  -2.157  -4.537  1.00 54.94 ? 13  LYS A CE  1 
ATOM   97   N  NZ  . LYS A 1 13  ? 17.049  -3.255  -5.378  1.00 58.01 ? 13  LYS A NZ  1 
ATOM   98   N  N   . ARG A 1 14  ? 14.532  -2.377  1.117   1.00 39.12 ? 14  ARG A N   1 
ATOM   99   C  CA  . ARG A 1 14  ? 15.022  -3.166  2.282   1.00 42.51 ? 14  ARG A CA  1 
ATOM   100  C  C   . ARG A 1 14  ? 13.986  -4.220  2.706   1.00 42.79 ? 14  ARG A C   1 
ATOM   101  O  O   . ARG A 1 14  ? 14.345  -5.322  3.130   1.00 42.49 ? 14  ARG A O   1 
ATOM   102  C  CB  . ARG A 1 14  ? 15.356  -2.243  3.487   1.00 45.41 ? 14  ARG A CB  1 
ATOM   103  C  CG  . ARG A 1 14  ? 16.742  -2.391  4.144   1.00 55.55 ? 14  ARG A CG  1 
ATOM   104  C  CD  . ARG A 1 14  ? 17.231  -3.811  4.507   1.00 62.51 ? 14  ARG A CD  1 
ATOM   105  N  NE  . ARG A 1 14  ? 16.914  -4.273  5.875   1.00 59.86 ? 14  ARG A NE  1 
ATOM   106  C  CZ  . ARG A 1 14  ? 17.474  -5.334  6.483   1.00 69.56 ? 14  ARG A CZ  1 
ATOM   107  N  NH1 . ARG A 1 14  ? 18.438  -6.066  5.890   1.00 71.66 ? 14  ARG A NH1 1 
ATOM   108  N  NH2 . ARG A 1 14  ? 17.071  -5.674  7.710   1.00 69.11 ? 14  ARG A NH2 1 
ATOM   109  N  N   . HIS A 1 15  ? 12.694  -3.855  2.582   1.00 39.63 ? 15  HIS A N   1 
ATOM   110  C  CA  . HIS A 1 15  ? 11.539  -4.749  2.943   1.00 35.27 ? 15  HIS A CA  1 
ATOM   111  C  C   . HIS A 1 15  ? 11.078  -5.680  1.838   1.00 33.94 ? 15  HIS A C   1 
ATOM   112  O  O   . HIS A 1 15  ? 10.131  -6.478  2.011   1.00 36.16 ? 15  HIS A O   1 
ATOM   113  C  CB  . HIS A 1 15  ? 10.376  -3.883  3.515   1.00 34.97 ? 15  HIS A CB  1 
ATOM   114  C  CG  . HIS A 1 15  ? 10.612  -3.450  4.931   1.00 36.47 ? 15  HIS A CG  1 
ATOM   115  N  ND1 . HIS A 1 15  ? 10.100  -4.146  5.995   1.00 39.31 ? 15  HIS A ND1 1 
ATOM   116  C  CD2 . HIS A 1 15  ? 11.339  -2.427  5.461   1.00 39.40 ? 15  HIS A CD2 1 
ATOM   117  C  CE1 . HIS A 1 15  ? 10.523  -3.598  7.120   1.00 43.55 ? 15  HIS A CE1 1 
ATOM   118  N  NE2 . HIS A 1 15  ? 11.297  -2.567  6.829   1.00 42.33 ? 15  HIS A NE2 1 
ATOM   119  N  N   . GLY A 1 16  ? 11.774  -5.671  0.715   1.00 35.39 ? 16  GLY A N   1 
ATOM   120  C  CA  . GLY A 1 16  ? 11.623  -6.756  -0.264  1.00 35.54 ? 16  GLY A CA  1 
ATOM   121  C  C   . GLY A 1 16  ? 10.672  -6.502  -1.422  1.00 32.37 ? 16  GLY A C   1 
ATOM   122  O  O   . GLY A 1 16  ? 10.245  -7.448  -2.088  1.00 34.29 ? 16  GLY A O   1 
ATOM   123  N  N   . LEU A 1 17  ? 10.327  -5.245  -1.680  1.00 33.67 ? 17  LEU A N   1 
ATOM   124  C  CA  . LEU A 1 17  ? 9.298   -4.941  -2.729  1.00 34.38 ? 17  LEU A CA  1 
ATOM   125  C  C   . LEU A 1 17  ? 9.892   -4.680  -4.124  1.00 35.24 ? 17  LEU A C   1 
ATOM   126  O  O   . LEU A 1 17  ? 9.203   -4.817  -5.094  1.00 31.15 ? 17  LEU A O   1 
ATOM   127  C  CB  . LEU A 1 17  ? 8.392   -3.748  -2.333  1.00 34.58 ? 17  LEU A CB  1 
ATOM   128  C  CG  . LEU A 1 17  ? 7.234   -3.964  -1.342  1.00 32.87 ? 17  LEU A CG  1 
ATOM   129  C  CD1 . LEU A 1 17  ? 6.539   -2.601  -1.160  1.00 35.13 ? 17  LEU A CD1 1 
ATOM   130  C  CD2 . LEU A 1 17  ? 6.240   -5.012  -1.821  1.00 34.00 ? 17  LEU A CD2 1 
ATOM   131  N  N   . ASP A 1 18  ? 11.158  -4.284  -4.230  1.00 35.99 ? 18  ASP A N   1 
ATOM   132  C  CA  . ASP A 1 18  ? 11.760  -4.178  -5.564  1.00 37.98 ? 18  ASP A CA  1 
ATOM   133  C  C   . ASP A 1 18  ? 11.575  -5.466  -6.335  1.00 36.93 ? 18  ASP A C   1 
ATOM   134  O  O   . ASP A 1 18  ? 12.040  -6.517  -5.918  1.00 34.72 ? 18  ASP A O   1 
ATOM   135  C  CB  . ASP A 1 18  ? 13.221  -3.893  -5.525  1.00 39.57 ? 18  ASP A CB  1 
ATOM   136  C  CG  . ASP A 1 18  ? 13.744  -3.368  -6.839  1.00 40.50 ? 18  ASP A CG  1 
ATOM   137  O  OD1 . ASP A 1 18  ? 12.982  -3.031  -7.783  1.00 41.17 ? 18  ASP A OD1 1 
ATOM   138  O  OD2 . ASP A 1 18  ? 14.959  -3.266  -6.898  1.00 46.30 ? 18  ASP A OD2 1 
ATOM   139  N  N   . ASN A 1 19  ? 10.824  -5.363  -7.426  1.00 30.75 ? 19  ASN A N   1 
ATOM   140  C  CA  . ASN A 1 19  ? 10.599  -6.435  -8.341  1.00 32.36 ? 19  ASN A CA  1 
ATOM   141  C  C   . ASN A 1 19  ? 9.800   -7.585  -7.756  1.00 34.67 ? 19  ASN A C   1 
ATOM   142  O  O   . ASN A 1 19  ? 9.758   -8.648  -8.333  1.00 34.61 ? 19  ASN A O   1 
ATOM   143  C  CB  . ASN A 1 19  ? 11.939  -6.925  -8.938  1.00 40.23 ? 19  ASN A CB  1 
ATOM   144  C  CG  . ASN A 1 19  ? 11.795  -7.405  -10.354 1.00 45.26 ? 19  ASN A CG  1 
ATOM   145  O  OD1 . ASN A 1 19  ? 10.784  -7.117  -11.042 1.00 39.10 ? 19  ASN A OD1 1 
ATOM   146  N  ND2 . ASN A 1 19  ? 12.806  -8.171  -10.813 1.00 53.83 ? 19  ASN A ND2 1 
ATOM   147  N  N   . TYR A 1 20  ? 9.097   -7.344  -6.648  1.00 33.59 ? 20  TYR A N   1 
ATOM   148  C  CA  . TYR A 1 20  ? 8.234   -8.355  -6.040  1.00 31.03 ? 20  TYR A CA  1 
ATOM   149  C  C   . TYR A 1 20  ? 7.050   -8.559  -6.969  1.00 30.25 ? 20  TYR A C   1 
ATOM   150  O  O   . TYR A 1 20  ? 6.432   -7.575  -7.386  1.00 26.33 ? 20  TYR A O   1 
ATOM   151  C  CB  . TYR A 1 20  ? 7.788   -7.917  -4.624  1.00 28.56 ? 20  TYR A CB  1 
ATOM   152  C  CG  . TYR A 1 20  ? 7.061   -9.016  -3.930  1.00 29.81 ? 20  TYR A CG  1 
ATOM   153  C  CD1 . TYR A 1 20  ? 5.734   -9.241  -4.195  1.00 27.19 ? 20  TYR A CD1 1 
ATOM   154  C  CD2 . TYR A 1 20  ? 7.736   -9.904  -3.082  1.00 30.48 ? 20  TYR A CD2 1 
ATOM   155  C  CE1 . TYR A 1 20  ? 5.040   -10.285 -3.590  1.00 32.05 ? 20  TYR A CE1 1 
ATOM   156  C  CE2 . TYR A 1 20  ? 7.052   -10.975 -2.483  1.00 32.67 ? 20  TYR A CE2 1 
ATOM   157  C  CZ  . TYR A 1 20  ? 5.724   -11.151 -2.730  1.00 29.27 ? 20  TYR A CZ  1 
ATOM   158  O  OH  . TYR A 1 20  ? 5.034   -12.199 -2.147  1.00 31.92 ? 20  TYR A OH  1 
ATOM   159  N  N   A ARG A 1 21  ? 6.721   -9.827  -7.287  0.60 32.22 ? 21  ARG A N   1 
ATOM   160  N  N   B ARG A 1 21  ? 6.748   -9.838  -7.257  0.40 31.40 ? 21  ARG A N   1 
ATOM   161  C  CA  A ARG A 1 21  ? 5.719   -10.207 -8.306  0.60 33.18 ? 21  ARG A CA  1 
ATOM   162  C  CA  B ARG A 1 21  ? 5.786   -10.277 -8.277  0.40 32.09 ? 21  ARG A CA  1 
ATOM   163  C  C   A ARG A 1 21  ? 5.960   -9.515  -9.651  0.60 32.71 ? 21  ARG A C   1 
ATOM   164  C  C   B ARG A 1 21  ? 5.967   -9.535  -9.612  0.40 32.27 ? 21  ARG A C   1 
ATOM   165  O  O   A ARG A 1 21  ? 5.040   -9.328  -10.466 0.60 28.51 ? 21  ARG A O   1 
ATOM   166  O  O   B ARG A 1 21  ? 5.011   -9.340  -10.371 0.40 29.85 ? 21  ARG A O   1 
ATOM   167  C  CB  A ARG A 1 21  ? 4.262   -10.011 -7.803  0.60 38.66 ? 21  ARG A CB  1 
ATOM   168  C  CB  B ARG A 1 21  ? 4.333   -10.221 -7.745  0.40 35.05 ? 21  ARG A CB  1 
ATOM   169  C  CG  A ARG A 1 21  ? 3.668   -11.167 -6.985  0.60 41.64 ? 21  ARG A CG  1 
ATOM   170  C  CG  B ARG A 1 21  ? 3.869   -11.466 -6.954  0.40 36.57 ? 21  ARG A CG  1 
ATOM   171  C  CD  A ARG A 1 21  ? 3.357   -12.403 -7.836  0.60 45.52 ? 21  ARG A CD  1 
ATOM   172  C  CD  B ARG A 1 21  ? 3.410   -12.570 -7.906  0.40 38.40 ? 21  ARG A CD  1 
ATOM   173  N  NE  A ARG A 1 21  ? 1.983   -12.492 -8.368  0.60 47.88 ? 21  ARG A NE  1 
ATOM   174  N  NE  B ARG A 1 21  ? 2.785   -13.758 -7.307  0.40 38.44 ? 21  ARG A NE  1 
ATOM   175  C  CZ  A ARG A 1 21  ? 1.595   -13.318 -9.362  0.60 48.92 ? 21  ARG A CZ  1 
ATOM   176  C  CZ  B ARG A 1 21  ? 3.146   -14.335 -6.165  0.40 39.50 ? 21  ARG A CZ  1 
ATOM   177  N  NH1 A ARG A 1 21  ? 2.477   -14.100 -9.989  0.60 49.37 ? 21  ARG A NH1 1 
ATOM   178  N  NH1 B ARG A 1 21  ? 4.138   -13.837 -5.434  0.40 38.86 ? 21  ARG A NH1 1 
ATOM   179  N  NH2 A ARG A 1 21  ? 0.309   -13.347 -9.753  0.60 43.54 ? 21  ARG A NH2 1 
ATOM   180  N  NH2 B ARG A 1 21  ? 2.496   -15.414 -5.748  0.40 35.97 ? 21  ARG A NH2 1 
ATOM   181  N  N   . GLY A 1 22  ? 7.218   -9.165  -9.905  1.00 33.34 ? 22  GLY A N   1 
ATOM   182  C  CA  . GLY A 1 22  ? 7.592   -8.448  -11.178 1.00 33.89 ? 22  GLY A CA  1 
ATOM   183  C  C   . GLY A 1 22  ? 7.416   -6.925  -11.199 1.00 30.05 ? 22  GLY A C   1 
ATOM   184  O  O   . GLY A 1 22  ? 7.642   -6.282  -12.225 1.00 28.62 ? 22  GLY A O   1 
ATOM   185  N  N   . TYR A 1 23  ? 7.008   -6.335  -10.097 1.00 29.45 ? 23  TYR A N   1 
ATOM   186  C  CA  . TYR A 1 23  ? 6.794   -4.880  -10.054 1.00 26.55 ? 23  TYR A CA  1 
ATOM   187  C  C   . TYR A 1 23  ? 8.016   -4.184  -9.512  1.00 28.17 ? 23  TYR A C   1 
ATOM   188  O  O   . TYR A 1 23  ? 8.377   -4.345  -8.344  1.00 26.10 ? 23  TYR A O   1 
ATOM   189  C  CB  . TYR A 1 23  ? 5.545   -4.525  -9.209  1.00 25.61 ? 23  TYR A CB  1 
ATOM   190  C  CG  . TYR A 1 23  ? 4.267   -5.003  -9.841  1.00 23.05 ? 23  TYR A CG  1 
ATOM   191  C  CD1 . TYR A 1 23  ? 3.773   -6.273  -9.599  1.00 24.63 ? 23  TYR A CD1 1 
ATOM   192  C  CD2 . TYR A 1 23  ? 3.552   -4.187  -10.699 1.00 22.97 ? 23  TYR A CD2 1 
ATOM   193  C  CE1 . TYR A 1 23  ? 2.621   -6.716  -10.197 1.00 23.27 ? 23  TYR A CE1 1 
ATOM   194  C  CE2 . TYR A 1 23  ? 2.395   -4.599  -11.287 1.00 23.23 ? 23  TYR A CE2 1 
ATOM   195  C  CZ  . TYR A 1 23  ? 1.942   -5.877  -11.088 1.00 23.96 ? 23  TYR A CZ  1 
ATOM   196  O  OH  . TYR A 1 23  ? 0.768   -6.245  -11.717 1.00 24.84 ? 23  TYR A OH  1 
ATOM   197  N  N   . SER A 1 24  ? 8.628   -3.361  -10.359 1.00 32.50 ? 24  SER A N   1 
ATOM   198  C  CA  . SER A 1 24  ? 9.778   -2.556  -9.949  1.00 32.99 ? 24  SER A CA  1 
ATOM   199  C  C   . SER A 1 24  ? 9.449   -1.561  -8.847  1.00 32.79 ? 24  SER A C   1 
ATOM   200  O  O   . SER A 1 24  ? 8.280   -1.140  -8.691  1.00 31.44 ? 24  SER A O   1 
ATOM   201  C  CB  . SER A 1 24  ? 10.366  -1.820  -11.126 1.00 34.28 ? 24  SER A CB  1 
ATOM   202  O  OG  . SER A 1 24  ? 9.516   -0.783  -11.556 1.00 32.77 ? 24  SER A OG  1 
ATOM   203  N  N   . LEU A 1 25  ? 10.501  -1.189  -8.125  1.00 34.42 ? 25  LEU A N   1 
ATOM   204  C  CA  . LEU A 1 25  ? 10.438  -0.281  -7.005  1.00 30.76 ? 25  LEU A CA  1 
ATOM   205  C  C   . LEU A 1 25  ? 9.598   0.968   -7.296  1.00 29.63 ? 25  LEU A C   1 
ATOM   206  O  O   . LEU A 1 25  ? 8.742   1.363   -6.473  1.00 26.04 ? 25  LEU A O   1 
ATOM   207  C  CB  . LEU A 1 25  ? 11.835  0.061   -6.512  1.00 30.82 ? 25  LEU A CB  1 
ATOM   208  C  CG  . LEU A 1 25  ? 11.969  0.812   -5.177  1.00 32.12 ? 25  LEU A CG  1 
ATOM   209  C  CD1 . LEU A 1 25  ? 11.244  0.100   -4.056  1.00 34.05 ? 25  LEU A CD1 1 
ATOM   210  C  CD2 . LEU A 1 25  ? 13.421  0.982   -4.781  1.00 39.04 ? 25  LEU A CD2 1 
ATOM   211  N  N   . GLY A 1 26  ? 9.753   1.549   -8.480  1.00 26.61 ? 26  GLY A N   1 
ATOM   212  C  CA  . GLY A 1 26  ? 9.051   2.771   -8.805  1.00 27.80 ? 26  GLY A CA  1 
ATOM   213  C  C   . GLY A 1 26  ? 7.533   2.636   -8.832  1.00 27.68 ? 26  GLY A C   1 
ATOM   214  O  O   . GLY A 1 26  ? 6.862   3.582   -8.508  1.00 22.87 ? 26  GLY A O   1 
ATOM   215  N  N   . ASN A 1 27  ? 7.016   1.454   -9.157  1.00 26.97 ? 27  ASN A N   1 
ATOM   216  C  CA  . ASN A 1 27  ? 5.562   1.172   -9.063  1.00 26.77 ? 27  ASN A CA  1 
ATOM   217  C  C   . ASN A 1 27  ? 5.014   1.282   -7.657  1.00 27.39 ? 27  ASN A C   1 
ATOM   218  O  O   . ASN A 1 27  ? 3.937   1.806   -7.462  1.00 26.48 ? 27  ASN A O   1 
ATOM   219  C  CB  . ASN A 1 27  ? 5.211   -0.215  -9.566  1.00 26.65 ? 27  ASN A CB  1 
ATOM   220  C  CG  . ASN A 1 27  ? 5.278   -0.312  -11.062 1.00 26.02 ? 27  ASN A CG  1 
ATOM   221  O  OD1 . ASN A 1 27  ? 4.379   0.194   -11.766 1.00 24.98 ? 27  ASN A OD1 1 
ATOM   222  N  ND2 . ASN A 1 27  ? 6.397   -0.861  -11.575 1.00 31.14 ? 27  ASN A ND2 1 
ATOM   223  N  N   . TRP A 1 28  ? 5.761   0.762   -6.702  1.00 28.16 ? 28  TRP A N   1 
ATOM   224  C  CA  . TRP A 1 28  ? 5.376   0.810   -5.270  1.00 27.50 ? 28  TRP A CA  1 
ATOM   225  C  C   . TRP A 1 28  ? 5.418   2.205   -4.690  1.00 27.81 ? 28  TRP A C   1 
ATOM   226  O  O   . TRP A 1 28  ? 4.529   2.606   -3.940  1.00 22.64 ? 28  TRP A O   1 
ATOM   227  C  CB  . TRP A 1 28  ? 6.221   -0.157  -4.470  1.00 25.99 ? 28  TRP A CB  1 
ATOM   228  C  CG  . TRP A 1 28  ? 6.068   -1.559  -4.902  1.00 25.24 ? 28  TRP A CG  1 
ATOM   229  C  CD1 . TRP A 1 28  ? 6.934   -2.277  -5.713  1.00 23.71 ? 28  TRP A CD1 1 
ATOM   230  C  CD2 . TRP A 1 28  ? 4.964   -2.445  -4.630  1.00 23.56 ? 28  TRP A CD2 1 
ATOM   231  N  NE1 . TRP A 1 28  ? 6.459   -3.532  -5.892  1.00 25.95 ? 28  TRP A NE1 1 
ATOM   232  C  CE2 . TRP A 1 28  ? 5.262   -3.672  -5.237  1.00 25.14 ? 28  TRP A CE2 1 
ATOM   233  C  CE3 . TRP A 1 28  ? 3.791   -2.335  -3.873  1.00 22.95 ? 28  TRP A CE3 1 
ATOM   234  C  CZ2 . TRP A 1 28  ? 4.400   -4.783  -5.142  1.00 28.47 ? 28  TRP A CZ2 1 
ATOM   235  C  CZ3 . TRP A 1 28  ? 2.951   -3.411  -3.791  1.00 22.90 ? 28  TRP A CZ3 1 
ATOM   236  C  CH2 . TRP A 1 28  ? 3.268   -4.632  -4.410  1.00 24.87 ? 28  TRP A CH2 1 
ATOM   237  N  N   . VAL A 1 29  ? 6.431   2.987   -5.077  1.00 26.71 ? 29  VAL A N   1 
ATOM   238  C  CA  . VAL A 1 29  ? 6.562   4.353   -4.594  1.00 25.36 ? 29  VAL A CA  1 
ATOM   239  C  C   . VAL A 1 29  ? 5.456   5.250   -5.167  1.00 24.31 ? 29  VAL A C   1 
ATOM   240  O  O   . VAL A 1 29  ? 4.893   6.110   -4.458  1.00 21.71 ? 29  VAL A O   1 
ATOM   241  C  CB  . VAL A 1 29  ? 7.959   4.954   -4.950  1.00 26.44 ? 29  VAL A CB  1 
ATOM   242  C  CG1 . VAL A 1 29  ? 8.028   6.463   -4.653  1.00 27.92 ? 29  VAL A CG1 1 
ATOM   243  C  CG2 . VAL A 1 29  ? 9.043   4.158   -4.232  1.00 29.50 ? 29  VAL A CG2 1 
ATOM   244  N  N   . CYS A 1 30  ? 5.165   5.057   -6.449  1.00 22.13 ? 30  CYS A N   1 
ATOM   245  C  CA  . CYS A 1 30  ? 4.080   5.789   -7.118  1.00 24.04 ? 30  CYS A CA  1 
ATOM   246  C  C   . CYS A 1 30  ? 2.738   5.489   -6.451  1.00 23.20 ? 30  CYS A C   1 
ATOM   247  O  O   . CYS A 1 30  ? 2.014   6.403   -6.177  1.00 22.31 ? 30  CYS A O   1 
ATOM   248  C  CB  . CYS A 1 30  ? 4.032   5.370   -8.601  1.00 24.27 ? 30  CYS A CB  1 
ATOM   249  S  SG  . CYS A 1 30  ? 2.915   6.328   -9.620  1.00 27.11 ? 30  CYS A SG  1 
ATOM   250  N  N   . ALA A 1 31  ? 2.446   4.192   -6.196  1.00 23.18 ? 31  ALA A N   1 
ATOM   251  C  CA  . ALA A 1 31  ? 1.211   3.797   -5.500  1.00 24.44 ? 31  ALA A CA  1 
ATOM   252  C  C   . ALA A 1 31  ? 1.083   4.425   -4.134  1.00 22.23 ? 31  ALA A C   1 
ATOM   253  O  O   . ALA A 1 31  ? 0.050   5.028   -3.838  1.00 23.53 ? 31  ALA A O   1 
ATOM   254  C  CB  . ALA A 1 31  ? 1.077   2.295   -5.378  1.00 23.44 ? 31  ALA A CB  1 
ATOM   255  N  N   . ALA A 1 32  ? 2.155   4.386   -3.352  1.00 20.82 ? 32  ALA A N   1 
ATOM   256  C  CA  . ALA A 1 32  ? 2.150   5.013   -2.044  1.00 23.43 ? 32  ALA A CA  1 
ATOM   257  C  C   . ALA A 1 32  ? 1.944   6.515   -2.131  1.00 26.86 ? 32  ALA A C   1 
ATOM   258  O  O   . ALA A 1 32  ? 1.153   7.070   -1.389  1.00 24.37 ? 32  ALA A O   1 
ATOM   259  C  CB  . ALA A 1 32  ? 3.435   4.653   -1.300  1.00 25.24 ? 32  ALA A CB  1 
ATOM   260  N  N   . LYS A 1 33  ? 2.570   7.178   -3.129  1.00 27.90 ? 33  LYS A N   1 
ATOM   261  C  CA  . LYS A 1 33  ? 2.361   8.589   -3.322  1.00 26.97 ? 33  LYS A CA  1 
ATOM   262  C  C   . LYS A 1 33  ? 0.884   8.938   -3.467  1.00 25.55 ? 33  LYS A C   1 
ATOM   263  O  O   . LYS A 1 33  ? 0.334   9.821   -2.778  1.00 26.24 ? 33  LYS A O   1 
ATOM   264  C  CB  . LYS A 1 33  ? 3.155   9.110   -4.544  1.00 28.49 ? 33  LYS A CB  1 
ATOM   265  C  CG  . LYS A 1 33  ? 2.883   10.558  -4.874  1.00 31.53 ? 33  LYS A CG  1 
ATOM   266  C  CD  . LYS A 1 33  ? 3.405   11.533  -3.826  1.00 30.96 ? 33  LYS A CD  1 
ATOM   267  C  CE  . LYS A 1 33  ? 3.084   12.942  -4.263  1.00 32.65 ? 33  LYS A CE  1 
ATOM   268  N  NZ  . LYS A 1 33  ? 3.388   13.909  -3.180  1.00 35.65 ? 33  LYS A NZ  1 
ATOM   269  N  N   . PHE A 1 34  ? 0.237   8.319   -4.429  1.00 25.41 ? 34  PHE A N   1 
ATOM   270  C  CA  . PHE A 1 34  ? -1.143  8.632   -4.700  1.00 25.81 ? 34  PHE A CA  1 
ATOM   271  C  C   . PHE A 1 34  ? -2.145  8.037   -3.748  1.00 27.60 ? 34  PHE A C   1 
ATOM   272  O  O   . PHE A 1 34  ? -3.226  8.603   -3.626  1.00 27.19 ? 34  PHE A O   1 
ATOM   273  C  CB  . PHE A 1 34  ? -1.499  8.291   -6.159  1.00 25.72 ? 34  PHE A CB  1 
ATOM   274  C  CG  . PHE A 1 34  ? -0.664  9.070   -7.132  1.00 26.57 ? 34  PHE A CG  1 
ATOM   275  C  CD1 . PHE A 1 34  ? -0.561  10.468  -6.994  1.00 25.43 ? 34  PHE A CD1 1 
ATOM   276  C  CD2 . PHE A 1 34  ? 0.055   8.443   -8.127  1.00 25.11 ? 34  PHE A CD2 1 
ATOM   277  C  CE1 . PHE A 1 34  ? 0.214   11.195  -7.852  1.00 25.45 ? 34  PHE A CE1 1 
ATOM   278  C  CE2 . PHE A 1 34  ? 0.841   9.186   -8.998  1.00 28.58 ? 34  PHE A CE2 1 
ATOM   279  C  CZ  . PHE A 1 34  ? 0.893   10.551  -8.875  1.00 25.78 ? 34  PHE A CZ  1 
ATOM   280  N  N   . GLU A 1 35  ? -1.826  6.899   -3.120  1.00 25.85 ? 35  GLU A N   1 
ATOM   281  C  CA  . GLU A 1 35  ? -2.645  6.355   -2.055  1.00 23.93 ? 35  GLU A CA  1 
ATOM   282  C  C   . GLU A 1 35  ? -2.647  7.208   -0.780  1.00 26.31 ? 35  GLU A C   1 
ATOM   283  O  O   . GLU A 1 35  ? -3.679  7.496   -0.235  1.00 21.81 ? 35  GLU A O   1 
ATOM   284  C  CB  . GLU A 1 35  ? -2.261  4.885   -1.716  1.00 24.97 ? 35  GLU A CB  1 
ATOM   285  C  CG  . GLU A 1 35  ? -2.573  3.821   -2.793  1.00 23.50 ? 35  GLU A CG  1 
ATOM   286  C  CD  . GLU A 1 35  ? -4.047  3.705   -3.190  1.00 30.09 ? 35  GLU A CD  1 
ATOM   287  O  OE1 . GLU A 1 35  ? -4.906  4.315   -2.526  1.00 24.81 ? 35  GLU A OE1 1 
ATOM   288  O  OE2 . GLU A 1 35  ? -4.352  2.924   -4.128  1.00 27.61 ? 35  GLU A OE2 1 
ATOM   289  N  N   . SER A 1 36  ? -1.489  7.586   -0.283  1.00 24.65 ? 36  SER A N   1 
ATOM   290  C  CA  . SER A 1 36  ? -1.361  8.165   1.053   1.00 24.69 ? 36  SER A CA  1 
ATOM   291  C  C   . SER A 1 36  ? -0.528  9.418   1.143   1.00 26.34 ? 36  SER A C   1 
ATOM   292  O  O   . SER A 1 36  ? -0.323  9.950   2.263   1.00 26.73 ? 36  SER A O   1 
ATOM   293  C  CB  . SER A 1 36  ? -0.683  7.135   1.949   1.00 25.71 ? 36  SER A CB  1 
ATOM   294  O  OG  . SER A 1 36  ? 0.670   6.902   1.542   1.00 24.56 ? 36  SER A OG  1 
ATOM   295  N  N   . ASN A 1 37  ? 0.031   9.854   0.019   1.00 24.94 ? 37  ASN A N   1 
ATOM   296  C  CA  . ASN A 1 37  ? 1.023   10.921  0.013   1.00 27.85 ? 37  ASN A CA  1 
ATOM   297  C  C   . ASN A 1 37  ? 2.173   10.584  0.977   1.00 26.58 ? 37  ASN A C   1 
ATOM   298  O  O   . ASN A 1 37  ? 2.620   11.432  1.702   1.00 27.28 ? 37  ASN A O   1 
ATOM   299  C  CB  . ASN A 1 37  ? 0.372   12.307  0.303   1.00 30.07 ? 37  ASN A CB  1 
ATOM   300  C  CG  . ASN A 1 37  ? 1.235   13.477  -0.210  1.00 35.29 ? 37  ASN A CG  1 
ATOM   301  O  OD1 . ASN A 1 37  ? 2.104   13.303  -1.071  1.00 40.92 ? 37  ASN A OD1 1 
ATOM   302  N  ND2 . ASN A 1 37  ? 1.011   14.638  0.319   1.00 38.96 ? 37  ASN A ND2 1 
ATOM   303  N  N   . PHE A 1 38  ? 2.576   9.308   1.000   1.00 24.15 ? 38  PHE A N   1 
ATOM   304  C  CA  . PHE A 1 38  ? 3.659   8.779   1.807   1.00 23.83 ? 38  PHE A CA  1 
ATOM   305  C  C   . PHE A 1 38  ? 3.437   8.859   3.317   1.00 23.68 ? 38  PHE A C   1 
ATOM   306  O  O   . PHE A 1 38  ? 4.367   8.717   4.050   1.00 22.61 ? 38  PHE A O   1 
ATOM   307  C  CB  . PHE A 1 38  ? 5.025   9.453   1.475   1.00 26.22 ? 38  PHE A CB  1 
ATOM   308  C  CG  . PHE A 1 38  ? 5.422   9.442   0.009   1.00 24.79 ? 38  PHE A CG  1 
ATOM   309  C  CD1 . PHE A 1 38  ? 5.233   8.312   -0.786  1.00 24.65 ? 38  PHE A CD1 1 
ATOM   310  C  CD2 . PHE A 1 38  ? 6.034   10.570  -0.555  1.00 27.35 ? 38  PHE A CD2 1 
ATOM   311  C  CE1 . PHE A 1 38  ? 5.670   8.286   -2.088  1.00 24.48 ? 38  PHE A CE1 1 
ATOM   312  C  CE2 . PHE A 1 38  ? 6.464   10.578  -1.866  1.00 24.20 ? 38  PHE A CE2 1 
ATOM   313  C  CZ  . PHE A 1 38  ? 6.253   9.425   -2.642  1.00 25.56 ? 38  PHE A CZ  1 
ATOM   314  N  N   . ASN A 1 39  ? 2.198   9.042   3.758   1.00 23.33 ? 39  ASN A N   1 
ATOM   315  C  CA  . ASN A 1 39  ? 1.839   9.191   5.157   1.00 23.75 ? 39  ASN A CA  1 
ATOM   316  C  C   . ASN A 1 39  ? 1.350   7.850   5.735   1.00 24.30 ? 39  ASN A C   1 
ATOM   317  O  O   . ASN A 1 39  ? 0.313   7.340   5.331   1.00 22.65 ? 39  ASN A O   1 
ATOM   318  C  CB  . ASN A 1 39  ? 0.774   10.248  5.327   1.00 20.72 ? 39  ASN A CB  1 
ATOM   319  C  CG  . ASN A 1 39  ? 0.463   10.523  6.794   1.00 23.61 ? 39  ASN A CG  1 
ATOM   320  O  OD1 . ASN A 1 39  ? 1.022   9.906   7.736   1.00 23.61 ? 39  ASN A OD1 1 
ATOM   321  N  ND2 . ASN A 1 39  ? -0.495  11.421  6.999   1.00 28.01 ? 39  ASN A ND2 1 
ATOM   322  N  N   . THR A 1 40  ? 2.113   7.290   6.675   1.00 25.92 ? 40  THR A N   1 
ATOM   323  C  CA  . THR A 1 40  ? 1.789   5.941   7.267   1.00 23.50 ? 40  THR A CA  1 
ATOM   324  C  C   . THR A 1 40  ? 0.458   5.964   8.047   1.00 21.95 ? 40  THR A C   1 
ATOM   325  O  O   . THR A 1 40  ? -0.205  4.951   8.113   1.00 23.27 ? 40  THR A O   1 
ATOM   326  C  CB  . THR A 1 40  ? 2.848   5.416   8.257   1.00 24.97 ? 40  THR A CB  1 
ATOM   327  O  OG1 . THR A 1 40  ? 3.011   6.351   9.367   1.00 27.06 ? 40  THR A OG1 1 
ATOM   328  C  CG2 . THR A 1 40  ? 4.177   5.207   7.548   1.00 25.22 ? 40  THR A CG2 1 
ATOM   329  N  N   . GLN A 1 41  ? 0.050   7.136   8.523   1.00 23.74 ? 41  GLN A N   1 
ATOM   330  C  CA  . GLN A 1 41  ? -1.199  7.322   9.303   1.00 24.69 ? 41  GLN A CA  1 
ATOM   331  C  C   . GLN A 1 41  ? -2.463  7.626   8.494   1.00 23.13 ? 41  GLN A C   1 
ATOM   332  O  O   . GLN A 1 41  ? -3.504  7.880   9.067   1.00 26.23 ? 41  GLN A O   1 
ATOM   333  C  CB  . GLN A 1 41  ? -0.975  8.417   10.352  1.00 23.54 ? 41  GLN A CB  1 
ATOM   334  C  CG  . GLN A 1 41  ? 0.143   8.053   11.282  1.00 26.15 ? 41  GLN A CG  1 
ATOM   335  C  CD  . GLN A 1 41  ? 0.110   8.881   12.576  1.00 27.84 ? 41  GLN A CD  1 
ATOM   336  O  OE1 . GLN A 1 41  ? -0.586  8.532   13.547  1.00 28.38 ? 41  GLN A OE1 1 
ATOM   337  N  NE2 . GLN A 1 41  ? 0.846   10.000  12.578  1.00 26.33 ? 41  GLN A NE2 1 
ATOM   338  N  N   . ALA A 1 42  ? -2.386  7.599   7.162   1.00 23.42 ? 42  ALA A N   1 
ATOM   339  C  CA  . ALA A 1 42  ? -3.524  7.938   6.323   1.00 22.40 ? 42  ALA A CA  1 
ATOM   340  C  C   . ALA A 1 42  ? -4.612  6.826   6.526   1.00 21.19 ? 42  ALA A C   1 
ATOM   341  O  O   . ALA A 1 42  ? -4.330  5.642   6.541   1.00 19.29 ? 42  ALA A O   1 
ATOM   342  C  CB  . ALA A 1 42  ? -3.113  7.955   4.871   1.00 23.41 ? 42  ALA A CB  1 
ATOM   343  N  N   . THR A 1 43  ? -5.816  7.291   6.695   1.00 23.06 ? 43  THR A N   1 
ATOM   344  C  CA  . THR A 1 43  ? -7.022  6.457   6.708   1.00 25.04 ? 43  THR A CA  1 
ATOM   345  C  C   . THR A 1 43  ? -8.094  7.142   5.900   1.00 26.02 ? 43  THR A C   1 
ATOM   346  O  O   . THR A 1 43  ? -8.129  8.400   5.826   1.00 26.29 ? 43  THR A O   1 
ATOM   347  C  CB  . THR A 1 43  ? -7.544  6.236   8.117   1.00 24.34 ? 43  THR A CB  1 
ATOM   348  O  OG1 . THR A 1 43  ? -7.978  7.488   8.676   1.00 25.92 ? 43  THR A OG1 1 
ATOM   349  C  CG2 . THR A 1 43  ? -6.552  5.543   8.977   1.00 26.67 ? 43  THR A CG2 1 
ATOM   350  N  N   A ASN A 1 44  ? -8.841  6.363   5.124   0.70 22.15 ? 44  ASN A N   1 
ATOM   351  N  N   B ASN A 1 44  ? -9.073  6.349   5.450   0.30 24.24 ? 44  ASN A N   1 
ATOM   352  C  CA  A ASN A 1 44  ? -9.907  6.901   4.307   0.70 21.77 ? 44  ASN A CA  1 
ATOM   353  C  CA  B ASN A 1 44  ? -10.125 6.804   4.539   0.30 25.00 ? 44  ASN A CA  1 
ATOM   354  C  C   A ASN A 1 44  ? -11.035 5.835   4.297   0.70 21.17 ? 44  ASN A C   1 
ATOM   355  C  C   B ASN A 1 44  ? -11.371 5.891   4.640   0.30 24.52 ? 44  ASN A C   1 
ATOM   356  O  O   A ASN A 1 44  ? -10.821 4.630   4.022   0.70 16.76 ? 44  ASN A O   1 
ATOM   357  O  O   B ASN A 1 44  ? -11.252 4.696   4.361   0.30 24.30 ? 44  ASN A O   1 
ATOM   358  C  CB  A ASN A 1 44  ? -9.486  7.272   2.893   0.70 23.43 ? 44  ASN A CB  1 
ATOM   359  C  CB  B ASN A 1 44  ? -9.568  6.727   3.114   0.30 24.65 ? 44  ASN A CB  1 
ATOM   360  C  CG  A ASN A 1 44  ? -8.602  8.550   2.849   0.70 26.16 ? 44  ASN A CG  1 
ATOM   361  C  CG  B ASN A 1 44  ? -10.533 7.229   2.062   0.30 25.02 ? 44  ASN A CG  1 
ATOM   362  O  OD1 A ASN A 1 44  ? -9.100  9.664   3.080   0.70 23.00 ? 44  ASN A OD1 1 
ATOM   363  O  OD1 B ASN A 1 44  ? -10.770 8.425   1.949   0.30 23.97 ? 44  ASN A OD1 1 
ATOM   364  N  ND2 A ASN A 1 44  ? -7.299  8.375   2.583   0.70 22.09 ? 44  ASN A ND2 1 
ATOM   365  N  ND2 B ASN A 1 44  ? -11.068 6.311   1.250   0.30 26.64 ? 44  ASN A ND2 1 
ATOM   366  N  N   A ARG A 1 45  ? -12.212 6.303   4.709   0.50 20.22 ? 45  ARG A N   1 
ATOM   367  N  N   B ARG A 1 45  ? -12.542 6.417   5.021   0.50 26.13 ? 45  ARG A N   1 
ATOM   368  C  CA  A ARG A 1 45  ? -13.445 5.481   4.805   0.50 23.16 ? 45  ARG A CA  1 
ATOM   369  C  CA  B ARG A 1 45  ? -13.789 5.636   4.917   0.50 26.60 ? 45  ARG A CA  1 
ATOM   370  C  C   A ARG A 1 45  ? -14.113 5.371   3.450   0.50 26.26 ? 45  ARG A C   1 
ATOM   371  C  C   B ARG A 1 45  ? -14.198 5.400   3.456   0.50 28.97 ? 45  ARG A C   1 
ATOM   372  O  O   A ARG A 1 45  ? -14.299 6.374   2.725   0.50 25.92 ? 45  ARG A O   1 
ATOM   373  O  O   B ARG A 1 45  ? -14.237 6.349   2.638   0.50 27.86 ? 45  ARG A O   1 
ATOM   374  C  CB  A ARG A 1 45  ? -14.457 6.059   5.804   0.50 22.89 ? 45  ARG A CB  1 
ATOM   375  C  CB  B ARG A 1 45  ? -14.912 6.340   5.659   0.50 28.76 ? 45  ARG A CB  1 
ATOM   376  C  CG  A ARG A 1 45  ? -15.828 5.349   5.823   0.50 24.00 ? 45  ARG A CG  1 
ATOM   377  C  CG  B ARG A 1 45  ? -15.674 5.423   6.597   0.50 29.54 ? 45  ARG A CG  1 
ATOM   378  C  CD  A ARG A 1 45  ? -16.040 4.516   7.064   0.50 22.88 ? 45  ARG A CD  1 
ATOM   379  C  CD  B ARG A 1 45  ? -15.133 5.604   8.001   0.50 30.05 ? 45  ARG A CD  1 
ATOM   380  N  NE  A ARG A 1 45  ? -14.809 4.264   7.797   0.50 24.45 ? 45  ARG A NE  1 
ATOM   381  N  NE  B ARG A 1 45  ? -16.158 5.293   8.988   0.50 32.11 ? 45  ARG A NE  1 
ATOM   382  C  CZ  A ARG A 1 45  ? -14.506 4.801   8.974   0.50 26.47 ? 45  ARG A CZ  1 
ATOM   383  C  CZ  B ARG A 1 45  ? -16.824 4.149   8.956   0.50 30.04 ? 45  ARG A CZ  1 
ATOM   384  N  NH1 A ARG A 1 45  ? -15.343 5.656   9.581   0.50 26.07 ? 45  ARG A NH1 1 
ATOM   385  N  NH1 B ARG A 1 45  ? -16.548 3.279   8.019   0.50 31.44 ? 45  ARG A NH1 1 
ATOM   386  N  NH2 A ARG A 1 45  ? -13.362 4.469   9.538   0.50 28.07 ? 45  ARG A NH2 1 
ATOM   387  N  NH2 B ARG A 1 45  ? -17.706 3.854   9.860   0.50 31.66 ? 45  ARG A NH2 1 
ATOM   388  N  N   . ASN A 1 46  ? -14.489 4.132   3.118   1.00 27.39 ? 46  ASN A N   1 
ATOM   389  C  CA  . ASN A 1 46  ? -15.096 3.822   1.858   1.00 29.67 ? 46  ASN A CA  1 
ATOM   390  C  C   . ASN A 1 46  ? -16.608 3.841   1.993   1.00 31.82 ? 46  ASN A C   1 
ATOM   391  O  O   . ASN A 1 46  ? -17.161 3.671   3.087   1.00 29.87 ? 46  ASN A O   1 
ATOM   392  C  CB  . ASN A 1 46  ? -14.597 2.468   1.356   1.00 31.30 ? 46  ASN A CB  1 
ATOM   393  C  CG  . ASN A 1 46  ? -13.100 2.413   1.256   1.00 33.88 ? 46  ASN A CG  1 
ATOM   394  O  OD1 . ASN A 1 46  ? -12.464 3.295   0.677   1.00 34.78 ? 46  ASN A OD1 1 
ATOM   395  N  ND2 . ASN A 1 46  ? -12.507 1.391   1.884   1.00 32.48 ? 46  ASN A ND2 1 
ATOM   396  N  N   . THR A 1 47  ? -17.281 3.973   0.849   1.00 37.61 ? 47  THR A N   1 
ATOM   397  C  CA  A THR A 1 47  ? -18.734 4.107   0.852   0.50 37.20 ? 47  THR A CA  1 
ATOM   398  C  CA  B THR A 1 47  ? -18.738 4.078   0.787   0.50 39.59 ? 47  THR A CA  1 
ATOM   399  C  C   . THR A 1 47  ? -19.401 2.865   1.446   1.00 38.05 ? 47  THR A C   1 
ATOM   400  O  O   . THR A 1 47  ? -20.405 2.983   2.155   1.00 46.71 ? 47  THR A O   1 
ATOM   401  C  CB  A THR A 1 47  ? -19.288 4.422   -0.547  0.50 36.00 ? 47  THR A CB  1 
ATOM   402  C  CB  B THR A 1 47  ? -19.231 4.174   -0.672  0.50 41.11 ? 47  THR A CB  1 
ATOM   403  O  OG1 A THR A 1 47  ? -18.654 3.568   -1.515  0.50 33.73 ? 47  THR A OG1 1 
ATOM   404  O  OG1 B THR A 1 47  ? -18.345 5.017   -1.433  0.50 45.79 ? 47  THR A OG1 1 
ATOM   405  C  CG2 A THR A 1 47  ? -19.016 5.905   -0.861  0.50 35.66 ? 47  THR A CG2 1 
ATOM   406  C  CG2 B THR A 1 47  ? -20.642 4.723   -0.702  0.50 41.16 ? 47  THR A CG2 1 
ATOM   407  N  N   . ASP A 1 48  ? -18.805 1.705   1.213   1.00 37.86 ? 48  ASP A N   1 
ATOM   408  C  CA  . ASP A 1 48  ? -19.298 0.467   1.800   1.00 39.64 ? 48  ASP A CA  1 
ATOM   409  C  C   . ASP A 1 48  ? -19.067 0.289   3.323   1.00 40.96 ? 48  ASP A C   1 
ATOM   410  O  O   . ASP A 1 48  ? -19.423 -0.756  3.865   1.00 40.27 ? 48  ASP A O   1 
ATOM   411  C  CB  . ASP A 1 48  ? -18.750 -0.705  0.992   1.00 43.05 ? 48  ASP A CB  1 
ATOM   412  C  CG  . ASP A 1 48  ? -17.261 -0.966  1.230   1.00 47.42 ? 48  ASP A CG  1 
ATOM   413  O  OD1 . ASP A 1 48  ? -16.609 -0.240  2.001   1.00 42.66 ? 48  ASP A OD1 1 
ATOM   414  O  OD2 . ASP A 1 48  ? -16.746 -1.950  0.668   1.00 54.70 ? 48  ASP A OD2 1 
ATOM   415  N  N   . GLY A 1 49  ? -18.479 1.290   4.003   1.00 35.59 ? 49  GLY A N   1 
ATOM   416  C  CA  . GLY A 1 49  ? -18.231 1.243   5.438   1.00 33.13 ? 49  GLY A CA  1 
ATOM   417  C  C   . GLY A 1 49  ? -16.905 0.620   5.837   1.00 30.92 ? 49  GLY A C   1 
ATOM   418  O  O   . GLY A 1 49  ? -16.544 0.590   7.015   1.00 33.28 ? 49  GLY A O   1 
ATOM   419  N  N   . SER A 1 50  ? -16.183 0.065   4.865   1.00 29.42 ? 50  SER A N   1 
ATOM   420  C  CA  . SER A 1 50  ? -14.844 -0.385  5.118   1.00 25.55 ? 50  SER A CA  1 
ATOM   421  C  C   . SER A 1 50  ? -13.941 0.863   5.193   1.00 23.74 ? 50  SER A C   1 
ATOM   422  O  O   . SER A 1 50  ? -14.343 1.974   4.816   1.00 21.06 ? 50  SER A O   1 
ATOM   423  C  CB  . SER A 1 50  ? -14.315 -1.327  4.057   1.00 25.28 ? 50  SER A CB  1 
ATOM   424  O  OG  . SER A 1 50  ? -14.222 -0.691  2.746   1.00 24.84 ? 50  SER A OG  1 
ATOM   425  N  N   . THR A 1 51  ? -12.709 0.628   5.576   1.00 22.31 ? 51  THR A N   1 
ATOM   426  C  CA  . THR A 1 51  ? -11.741 1.738   5.707   1.00 22.21 ? 51  THR A CA  1 
ATOM   427  C  C   . THR A 1 51  ? -10.384 1.287   5.070   1.00 20.64 ? 51  THR A C   1 
ATOM   428  O  O   . THR A 1 51  ? -9.978  0.117   5.176   1.00 20.44 ? 51  THR A O   1 
ATOM   429  C  CB  . THR A 1 51  ? -11.568 2.091   7.200   1.00 21.40 ? 51  THR A CB  1 
ATOM   430  O  OG1 . THR A 1 51  ? -12.797 2.491   7.803   1.00 19.15 ? 51  THR A OG1 1 
ATOM   431  C  CG2 . THR A 1 51  ? -10.551 3.236   7.361   1.00 21.73 ? 51  THR A CG2 1 
ATOM   432  N  N   . ASP A 1 52  ? -9.674  2.240   4.475   1.00 22.35 ? 52  ASP A N   1 
ATOM   433  C  CA  . ASP A 1 52  ? -8.350  1.996   3.918   1.00 22.78 ? 52  ASP A CA  1 
ATOM   434  C  C   . ASP A 1 52  ? -7.310  2.541   4.880   1.00 21.33 ? 52  ASP A C   1 
ATOM   435  O  O   . ASP A 1 52  ? -7.496  3.659   5.396   1.00 20.94 ? 52  ASP A O   1 
ATOM   436  C  CB  . ASP A 1 52  ? -8.212  2.675   2.589   1.00 23.15 ? 52  ASP A CB  1 
ATOM   437  C  CG  . ASP A 1 52  ? -9.090  2.052   1.502   1.00 29.96 ? 52  ASP A CG  1 
ATOM   438  O  OD1 . ASP A 1 52  ? -9.620  0.914   1.619   1.00 28.59 ? 52  ASP A OD1 1 
ATOM   439  O  OD2 . ASP A 1 52  ? -9.236  2.707   0.489   1.00 35.72 ? 52  ASP A OD2 1 
ATOM   440  N  N   . TYR A 1 53  ? -6.219  1.784   5.086   1.00 20.28 ? 53  TYR A N   1 
ATOM   441  C  CA  . TYR A 1 53  ? -5.240  2.064   6.128   1.00 22.25 ? 53  TYR A CA  1 
ATOM   442  C  C   . TYR A 1 53  ? -3.808  2.121   5.566   1.00 21.21 ? 53  TYR A C   1 
ATOM   443  O  O   . TYR A 1 53  ? -3.365  1.225   4.855   1.00 22.76 ? 53  TYR A O   1 
ATOM   444  C  CB  . TYR A 1 53  ? -5.305  0.964   7.177   1.00 22.35 ? 53  TYR A CB  1 
ATOM   445  C  CG  . TYR A 1 53  ? -6.551  0.973   7.984   1.00 22.32 ? 53  TYR A CG  1 
ATOM   446  C  CD1 . TYR A 1 53  ? -7.686  0.285   7.537   1.00 21.58 ? 53  TYR A CD1 1 
ATOM   447  C  CD2 . TYR A 1 53  ? -6.629  1.642   9.199   1.00 26.46 ? 53  TYR A CD2 1 
ATOM   448  C  CE1 . TYR A 1 53  ? -8.842  0.248   8.299   1.00 24.01 ? 53  TYR A CE1 1 
ATOM   449  C  CE2 . TYR A 1 53  ? -7.811  1.643   9.965   1.00 24.44 ? 53  TYR A CE2 1 
ATOM   450  C  CZ  . TYR A 1 53  ? -8.900  0.894   9.517   1.00 24.11 ? 53  TYR A CZ  1 
ATOM   451  O  OH  . TYR A 1 53  ? -10.086 0.854   10.186  1.00 23.29 ? 53  TYR A OH  1 
ATOM   452  N  N   . GLY A 1 54  ? -3.099  3.180   5.904   1.00 22.36 ? 54  GLY A N   1 
ATOM   453  C  CA  . GLY A 1 54  ? -1.674  3.173   5.741   1.00 22.95 ? 54  GLY A CA  1 
ATOM   454  C  C   . GLY A 1 54  ? -1.168  3.758   4.455   1.00 23.44 ? 54  GLY A C   1 
ATOM   455  O  O   . GLY A 1 54  ? -1.909  4.267   3.643   1.00 20.96 ? 54  GLY A O   1 
ATOM   456  N  N   . ILE A 1 55  ? 0.141   3.619   4.308   1.00 23.19 ? 55  ILE A N   1 
ATOM   457  C  CA  . ILE A 1 55  ? 0.884   4.093   3.165   1.00 27.05 ? 55  ILE A CA  1 
ATOM   458  C  C   . ILE A 1 55  ? 0.386   3.535   1.809   1.00 24.20 ? 55  ILE A C   1 
ATOM   459  O  O   . ILE A 1 55  ? 0.461   4.227   0.790   1.00 23.83 ? 55  ILE A O   1 
ATOM   460  C  CB  . ILE A 1 55  ? 2.413   3.871   3.470   1.00 30.00 ? 55  ILE A CB  1 
ATOM   461  C  CG1 . ILE A 1 55  ? 3.285   4.819   2.661   1.00 32.33 ? 55  ILE A CG1 1 
ATOM   462  C  CG2 . ILE A 1 55  ? 2.776   2.382   3.386   1.00 26.32 ? 55  ILE A CG2 1 
ATOM   463  C  CD1 . ILE A 1 55  ? 4.363   5.509   3.465   1.00 36.48 ? 55  ILE A CD1 1 
ATOM   464  N  N   . LEU A 1 56  ? -0.198  2.336   1.810   1.00 21.71 ? 56  LEU A N   1 
ATOM   465  C  CA  . LEU A 1 56  ? -0.815  1.720   0.627   1.00 21.43 ? 56  LEU A CA  1 
ATOM   466  C  C   . LEU A 1 56  ? -2.333  1.459   0.738   1.00 20.66 ? 56  LEU A C   1 
ATOM   467  O  O   . LEU A 1 56  ? -2.879  0.744   -0.096  1.00 22.85 ? 56  LEU A O   1 
ATOM   468  C  CB  . LEU A 1 56  ? -0.086  0.442   0.292   1.00 22.79 ? 56  LEU A CB  1 
ATOM   469  C  CG  . LEU A 1 56  ? 1.372   0.599   -0.255  1.00 26.71 ? 56  LEU A CG  1 
ATOM   470  C  CD1 . LEU A 1 56  ? 2.039   -0.754  -0.303  1.00 29.11 ? 56  LEU A CD1 1 
ATOM   471  C  CD2 . LEU A 1 56  ? 1.312   1.202   -1.681  1.00 26.13 ? 56  LEU A CD2 1 
ATOM   472  N  N   . GLN A 1 57  ? -3.000  2.146   1.678   1.00 20.98 ? 57  GLN A N   1 
ATOM   473  C  CA  . GLN A 1 57  ? -4.427  2.195   1.796   1.00 22.29 ? 57  GLN A CA  1 
ATOM   474  C  C   . GLN A 1 57  ? -5.073  0.829   1.608   1.00 24.53 ? 57  GLN A C   1 
ATOM   475  O  O   . GLN A 1 57  ? -5.931  0.678   0.780   1.00 21.26 ? 57  GLN A O   1 
ATOM   476  C  CB  . GLN A 1 57  ? -4.990  3.203   0.794   1.00 25.59 ? 57  GLN A CB  1 
ATOM   477  C  CG  . GLN A 1 57  ? -4.656  4.626   1.172   1.00 23.79 ? 57  GLN A CG  1 
ATOM   478  C  CD  . GLN A 1 57  ? -5.393  5.052   2.392   1.00 21.01 ? 57  GLN A CD  1 
ATOM   479  O  OE1 . GLN A 1 57  ? -6.516  5.554   2.295   1.00 23.41 ? 57  GLN A OE1 1 
ATOM   480  N  NE2 . GLN A 1 57  ? -4.734  4.917   3.565   1.00 21.79 ? 57  GLN A NE2 1 
ATOM   481  N  N   . ILE A 1 58  ? -4.633  -0.099  2.462   1.00 24.21 ? 58  ILE A N   1 
ATOM   482  C  CA  . ILE A 1 58  ? -5.125  -1.471  2.503   1.00 25.16 ? 58  ILE A CA  1 
ATOM   483  C  C   . ILE A 1 58  ? -6.471  -1.497  3.203   1.00 25.79 ? 58  ILE A C   1 
ATOM   484  O  O   . ILE A 1 58  ? -6.638  -0.925  4.281   1.00 23.36 ? 58  ILE A O   1 
ATOM   485  C  CB  . ILE A 1 58  ? -4.079  -2.360  3.177   1.00 26.21 ? 58  ILE A CB  1 
ATOM   486  C  CG1 . ILE A 1 58  ? -2.870  -2.431  2.251   1.00 28.14 ? 58  ILE A CG1 1 
ATOM   487  C  CG2 . ILE A 1 58  ? -4.677  -3.745  3.529   1.00 24.86 ? 58  ILE A CG2 1 
ATOM   488  C  CD1 . ILE A 1 58  ? -1.745  -3.278  2.779   1.00 29.82 ? 58  ILE A CD1 1 
ATOM   489  N  N   . ASN A 1 59  ? -7.418  -2.187  2.561   1.00 23.23 ? 59  ASN A N   1 
ATOM   490  C  CA  . ASN A 1 59  ? -8.801  -2.073  2.822   1.00 24.24 ? 59  ASN A CA  1 
ATOM   491  C  C   . ASN A 1 59  ? -9.173  -3.137  3.898   1.00 24.70 ? 59  ASN A C   1 
ATOM   492  O  O   . ASN A 1 59  ? -8.766  -4.285  3.793   1.00 29.81 ? 59  ASN A O   1 
ATOM   493  C  CB  . ASN A 1 59  ? -9.539  -2.334  1.514   1.00 29.75 ? 59  ASN A CB  1 
ATOM   494  C  CG  . ASN A 1 59  ? -10.997 -1.936  1.560   1.00 34.19 ? 59  ASN A CG  1 
ATOM   495  O  OD1 . ASN A 1 59  ? -11.656 -2.089  2.560   1.00 47.19 ? 59  ASN A OD1 1 
ATOM   496  N  ND2 . ASN A 1 59  ? -11.525 -1.468  0.421   1.00 44.20 ? 59  ASN A ND2 1 
ATOM   497  N  N   . SER A 1 60  ? -9.996  -2.744  4.856   1.00 22.54 ? 60  SER A N   1 
ATOM   498  C  CA  . SER A 1 60  ? -10.510 -3.660  5.907   1.00 22.04 ? 60  SER A CA  1 
ATOM   499  C  C   . SER A 1 60  ? -11.561 -4.674  5.388   1.00 24.12 ? 60  SER A C   1 
ATOM   500  O  O   . SER A 1 60  ? -11.879 -5.607  6.117   1.00 24.39 ? 60  SER A O   1 
ATOM   501  C  CB  . SER A 1 60  ? -11.117 -2.894  7.052   1.00 19.79 ? 60  SER A CB  1 
ATOM   502  O  OG  . SER A 1 60  ? -12.233 -2.154  6.610   1.00 19.19 ? 60  SER A OG  1 
ATOM   503  N  N   . ARG A 1 61  ? -12.094 -4.477  4.190   1.00 27.53 ? 61  ARG A N   1 
ATOM   504  C  CA  A ARG A 1 61  ? -13.088 -5.387  3.600   0.50 30.46 ? 61  ARG A CA  1 
ATOM   505  C  CA  B ARG A 1 61  ? -13.075 -5.395  3.584   0.50 31.52 ? 61  ARG A CA  1 
ATOM   506  C  C   . ARG A 1 61  ? -12.480 -6.779  3.406   1.00 30.63 ? 61  ARG A C   1 
ATOM   507  O  O   . ARG A 1 61  ? -13.160 -7.802  3.623   1.00 32.52 ? 61  ARG A O   1 
ATOM   508  C  CB  A ARG A 1 61  ? -13.622 -4.774  2.281   0.50 31.75 ? 61  ARG A CB  1 
ATOM   509  C  CB  B ARG A 1 61  ? -13.557 -4.834  2.229   0.50 34.57 ? 61  ARG A CB  1 
ATOM   510  C  CG  A ARG A 1 61  ? -14.712 -5.538  1.508   0.50 33.86 ? 61  ARG A CG  1 
ATOM   511  C  CG  B ARG A 1 61  ? -14.422 -5.765  1.371   0.50 38.13 ? 61  ARG A CG  1 
ATOM   512  C  CD  A ARG A 1 61  ? -16.070 -5.662  2.230   0.50 33.46 ? 61  ARG A CD  1 
ATOM   513  C  CD  B ARG A 1 61  ? -15.733 -6.154  2.052   0.50 41.56 ? 61  ARG A CD  1 
ATOM   514  N  NE  A ARG A 1 61  ? -16.693 -4.389  2.596   0.50 35.34 ? 61  ARG A NE  1 
ATOM   515  N  NE  B ARG A 1 61  ? -16.619 -6.919  1.167   0.50 43.83 ? 61  ARG A NE  1 
ATOM   516  C  CZ  A ARG A 1 61  ? -17.597 -4.249  3.573   0.50 32.67 ? 61  ARG A CZ  1 
ATOM   517  C  CZ  B ARG A 1 61  ? -16.718 -8.246  1.170   0.50 44.21 ? 61  ARG A CZ  1 
ATOM   518  N  NH1 A ARG A 1 61  ? -18.004 -5.297  4.282   0.50 33.74 ? 61  ARG A NH1 1 
ATOM   519  N  NH1 B ARG A 1 61  ? -15.985 -8.964  2.009   0.50 41.27 ? 61  ARG A NH1 1 
ATOM   520  N  NH2 A ARG A 1 61  ? -18.091 -3.067  3.845   0.50 31.78 ? 61  ARG A NH2 1 
ATOM   521  N  NH2 B ARG A 1 61  ? -17.554 -8.846  0.333   0.50 45.12 ? 61  ARG A NH2 1 
ATOM   522  N  N   . TRP A 1 62  ? -11.209 -6.834  3.018   1.00 30.00 ? 62  TRP A N   1 
ATOM   523  C  CA  . TRP A 1 62  ? -10.519 -8.097  2.820   1.00 29.90 ? 62  TRP A CA  1 
ATOM   524  C  C   . TRP A 1 62  ? -9.297  -8.388  3.690   1.00 27.44 ? 62  TRP A C   1 
ATOM   525  O  O   . TRP A 1 62  ? -9.110  -9.501  4.090   1.00 32.01 ? 62  TRP A O   1 
ATOM   526  C  CB  . TRP A 1 62  ? -10.090 -8.221  1.375   1.00 32.75 ? 62  TRP A CB  1 
ATOM   527  C  CG  . TRP A 1 62  ? -11.202 -8.166  0.492   1.00 36.79 ? 62  TRP A CG  1 
ATOM   528  C  CD1 . TRP A 1 62  ? -11.582 -7.117  -0.314  1.00 43.52 ? 62  TRP A CD1 1 
ATOM   529  C  CD2 . TRP A 1 62  ? -12.160 -9.198  0.298   1.00 41.43 ? 62  TRP A CD2 1 
ATOM   530  N  NE1 . TRP A 1 62  ? -12.718 -7.457  -1.006  1.00 43.71 ? 62  TRP A NE1 1 
ATOM   531  C  CE2 . TRP A 1 62  ? -13.093 -8.726  -0.642  1.00 43.89 ? 62  TRP A CE2 1 
ATOM   532  C  CE3 . TRP A 1 62  ? -12.306 -10.495 0.822   1.00 47.20 ? 62  TRP A CE3 1 
ATOM   533  C  CZ2 . TRP A 1 62  ? -14.180 -9.502  -1.080  1.00 50.71 ? 62  TRP A CZ2 1 
ATOM   534  C  CZ3 . TRP A 1 62  ? -13.429 -11.289 0.387   1.00 50.36 ? 62  TRP A CZ3 1 
ATOM   535  C  CH2 . TRP A 1 62  ? -14.330 -10.781 -0.555  1.00 47.75 ? 62  TRP A CH2 1 
ATOM   536  N  N   . TRP A 1 63  ? -8.496  -7.385  4.002   1.00 26.21 ? 63  TRP A N   1 
ATOM   537  C  CA  . TRP A 1 63  ? -7.121  -7.611  4.350   1.00 24.74 ? 63  TRP A CA  1 
ATOM   538  C  C   . TRP A 1 63  ? -6.781  -7.448  5.813   1.00 20.92 ? 63  TRP A C   1 
ATOM   539  O  O   . TRP A 1 63  ? -5.825  -8.036  6.242   1.00 27.01 ? 63  TRP A O   1 
ATOM   540  C  CB  . TRP A 1 63  ? -6.238  -6.725  3.447   1.00 25.81 ? 63  TRP A CB  1 
ATOM   541  C  CG  . TRP A 1 63  ? -6.541  -6.902  2.003   1.00 27.99 ? 63  TRP A CG  1 
ATOM   542  C  CD1 . TRP A 1 63  ? -7.216  -6.013  1.190   1.00 34.91 ? 63  TRP A CD1 1 
ATOM   543  C  CD2 . TRP A 1 63  ? -6.267  -8.032  1.206   1.00 26.57 ? 63  TRP A CD2 1 
ATOM   544  N  NE1 . TRP A 1 63  ? -7.377  -6.522  -0.063  1.00 33.16 ? 63  TRP A NE1 1 
ATOM   545  C  CE2 . TRP A 1 63  ? -6.800  -7.770  -0.092  1.00 32.51 ? 63  TRP A CE2 1 
ATOM   546  C  CE3 . TRP A 1 63  ? -5.623  -9.253  1.447   1.00 28.97 ? 63  TRP A CE3 1 
ATOM   547  C  CZ2 . TRP A 1 63  ? -6.723  -8.706  -1.144  1.00 30.50 ? 63  TRP A CZ2 1 
ATOM   548  C  CZ3 . TRP A 1 63  ? -5.517  -10.171 0.406   1.00 29.80 ? 63  TRP A CZ3 1 
ATOM   549  C  CH2 . TRP A 1 63  ? -6.049  -9.898  -0.866  1.00 30.47 ? 63  TRP A CH2 1 
ATOM   550  N  N   . CYS A 1 64  ? -7.489  -6.643  6.587   1.00 22.56 ? 64  CYS A N   1 
ATOM   551  C  CA  . CYS A 1 64  ? -7.137  -6.428  8.006   1.00 22.43 ? 64  CYS A CA  1 
ATOM   552  C  C   . CYS A 1 64  ? -8.397  -6.329  8.849   1.00 23.75 ? 64  CYS A C   1 
ATOM   553  O  O   . CYS A 1 64  ? -9.487  -6.121  8.287   1.00 23.59 ? 64  CYS A O   1 
ATOM   554  C  CB  . CYS A 1 64  ? -6.280  -5.192  8.219   1.00 23.46 ? 64  CYS A CB  1 
ATOM   555  S  SG  . CYS A 1 64  ? -7.051  -3.656  7.652   1.00 24.10 ? 64  CYS A SG  1 
ATOM   556  N  N   . ASN A 1 65  ? -8.274  -6.548  10.156  1.00 25.36 ? 65  ASN A N   1 
ATOM   557  C  CA  . ASN A 1 65  ? -9.415  -6.379  11.069  1.00 25.40 ? 65  ASN A CA  1 
ATOM   558  C  C   . ASN A 1 65  ? -9.372  -5.005  11.762  1.00 24.54 ? 65  ASN A C   1 
ATOM   559  O  O   . ASN A 1 65  ? -8.389  -4.663  12.379  1.00 24.10 ? 65  ASN A O   1 
ATOM   560  C  CB  . ASN A 1 65  ? -9.457  -7.483  12.135  1.00 25.73 ? 65  ASN A CB  1 
ATOM   561  C  CG  . ASN A 1 65  ? -10.627 -7.314  13.064  1.00 27.58 ? 65  ASN A CG  1 
ATOM   562  O  OD1 . ASN A 1 65  ? -11.767 -7.209  12.617  1.00 25.66 ? 65  ASN A OD1 1 
ATOM   563  N  ND2 . ASN A 1 65  ? -10.350 -7.231  14.367  1.00 30.56 ? 65  ASN A ND2 1 
ATOM   564  N  N   . ASP A 1 66  ? -10.472 -4.274  11.664  1.00 24.08 ? 66  ASP A N   1 
ATOM   565  C  CA  . ASP A 1 66  ? -10.714 -3.039  12.450  1.00 27.28 ? 66  ASP A CA  1 
ATOM   566  C  C   . ASP A 1 66  ? -11.954 -3.114  13.348  1.00 25.08 ? 66  ASP A C   1 
ATOM   567  O  O   . ASP A 1 66  ? -12.281 -2.154  13.980  1.00 22.50 ? 66  ASP A O   1 
ATOM   568  C  CB  . ASP A 1 66  ? -10.737 -1.789  11.570  1.00 24.58 ? 66  ASP A CB  1 
ATOM   569  C  CG  . ASP A 1 66  ? -11.876 -1.781  10.557  1.00 24.56 ? 66  ASP A CG  1 
ATOM   570  O  OD1 . ASP A 1 66  ? -12.839 -2.595  10.618  1.00 22.17 ? 66  ASP A OD1 1 
ATOM   571  O  OD2 . ASP A 1 66  ? -11.883 -0.866  9.728   1.00 22.89 ? 66  ASP A OD2 1 
ATOM   572  N  N   . GLY A 1 67  ? -12.609 -4.257  13.376  1.00 26.76 ? 67  GLY A N   1 
ATOM   573  C  CA  . GLY A 1 67  ? -13.765 -4.449  14.228  1.00 28.62 ? 67  GLY A CA  1 
ATOM   574  C  C   . GLY A 1 67  ? -15.037 -3.729  13.896  1.00 32.52 ? 67  GLY A C   1 
ATOM   575  O  O   . GLY A 1 67  ? -15.995 -3.844  14.681  1.00 30.73 ? 67  GLY A O   1 
ATOM   576  N  N   A ARG A 1 68  ? -15.060 -2.967  12.789  0.50 29.60 ? 68  ARG A N   1 
ATOM   577  N  N   B ARG A 1 68  ? -15.093 -3.023  12.767  0.50 29.59 ? 68  ARG A N   1 
ATOM   578  C  CA  A ARG A 1 68  ? -16.217 -2.182  12.377  0.50 28.98 ? 68  ARG A CA  1 
ATOM   579  C  CA  B ARG A 1 68  ? -16.277 -2.293  12.386  0.50 29.00 ? 68  ARG A CA  1 
ATOM   580  C  C   A ARG A 1 68  ? -16.545 -2.325  10.892  0.50 29.97 ? 68  ARG A C   1 
ATOM   581  C  C   B ARG A 1 68  ? -16.487 -2.311  10.891  0.50 30.02 ? 68  ARG A C   1 
ATOM   582  O  O   A ARG A 1 68  ? -17.215 -1.442  10.347  0.50 30.83 ? 68  ARG A O   1 
ATOM   583  O  O   B ARG A 1 68  ? -16.960 -1.314  10.329  0.50 31.54 ? 68  ARG A O   1 
ATOM   584  C  CB  A ARG A 1 68  ? -16.052 -0.681  12.742  0.50 30.77 ? 68  ARG A CB  1 
ATOM   585  C  CB  B ARG A 1 68  ? -16.140 -0.853  12.839  0.50 30.32 ? 68  ARG A CB  1 
ATOM   586  C  CG  A ARG A 1 68  ? -14.729 -0.015  12.313  0.50 28.78 ? 68  ARG A CG  1 
ATOM   587  C  CG  B ARG A 1 68  ? -15.105 -0.118  11.998  0.50 29.15 ? 68  ARG A CG  1 
ATOM   588  C  CD  A ARG A 1 68  ? -14.875 1.448   11.874  0.50 29.52 ? 68  ARG A CD  1 
ATOM   589  C  CD  B ARG A 1 68  ? -15.136 1.356   12.268  0.50 29.60 ? 68  ARG A CD  1 
ATOM   590  N  NE  A ARG A 1 68  ? -15.664 1.572   10.661  0.50 28.27 ? 68  ARG A NE  1 
ATOM   591  N  NE  B ARG A 1 68  ? -14.611 2.137   11.156  0.50 26.55 ? 68  ARG A NE  1 
ATOM   592  C  CZ  A ARG A 1 68  ? -16.878 2.119   10.587  0.50 29.58 ? 68  ARG A CZ  1 
ATOM   593  C  CZ  B ARG A 1 68  ? -14.363 3.443   11.254  0.50 28.49 ? 68  ARG A CZ  1 
ATOM   594  N  NH1 A ARG A 1 68  ? -17.450 2.659   11.664  0.50 28.74 ? 68  ARG A NH1 1 
ATOM   595  N  NH1 B ARG A 1 68  ? -14.630 4.078   12.396  0.50 24.71 ? 68  ARG A NH1 1 
ATOM   596  N  NH2 A ARG A 1 68  ? -17.513 2.134   9.422   0.50 24.13 ? 68  ARG A NH2 1 
ATOM   597  N  NH2 B ARG A 1 68  ? -13.912 4.123   10.215  0.50 27.13 ? 68  ARG A NH2 1 
ATOM   598  N  N   . THR A 1 69  ? -16.127 -3.433  10.252  1.00 27.65 ? 69  THR A N   1 
ATOM   599  C  CA  . THR A 1 69  ? -16.443 -3.699  8.831   1.00 29.06 ? 69  THR A CA  1 
ATOM   600  C  C   . THR A 1 69  ? -17.268 -5.040  8.711   1.00 28.10 ? 69  THR A C   1 
ATOM   601  O  O   . THR A 1 69  ? -16.709 -6.079  8.445   1.00 27.22 ? 69  THR A O   1 
ATOM   602  C  CB  . THR A 1 69  ? -15.158 -3.770  7.973   1.00 28.12 ? 69  THR A CB  1 
ATOM   603  O  OG1 . THR A 1 69  ? -14.324 -2.640  8.279   1.00 25.78 ? 69  THR A OG1 1 
ATOM   604  C  CG2 . THR A 1 69  ? -15.505 -3.705  6.465   1.00 26.69 ? 69  THR A CG2 1 
ATOM   605  N  N   . PRO A 1 70  ? -18.583 -4.985  8.943   1.00 31.43 ? 70  PRO A N   1 
ATOM   606  C  CA  . PRO A 1 70  ? -19.428 -6.165  8.939   1.00 35.42 ? 70  PRO A CA  1 
ATOM   607  C  C   . PRO A 1 70  ? -19.233 -7.047  7.777   1.00 31.60 ? 70  PRO A C   1 
ATOM   608  O  O   . PRO A 1 70  ? -19.283 -6.604  6.624   1.00 31.47 ? 70  PRO A O   1 
ATOM   609  C  CB  . PRO A 1 70  ? -20.851 -5.581  8.953   1.00 36.46 ? 70  PRO A CB  1 
ATOM   610  C  CG  . PRO A 1 70  ? -20.711 -4.379  9.774   1.00 35.59 ? 70  PRO A CG  1 
ATOM   611  C  CD  . PRO A 1 70  ? -19.338 -3.814  9.444   1.00 32.04 ? 70  PRO A CD  1 
ATOM   612  N  N   . GLY A 1 71  ? -18.950 -8.307  8.062   1.00 33.83 ? 71  GLY A N   1 
ATOM   613  C  CA  . GLY A 1 71  ? -18.901 -9.319  6.991   1.00 35.88 ? 71  GLY A CA  1 
ATOM   614  C  C   . GLY A 1 71  ? -17.523 -9.429  6.329   1.00 37.99 ? 71  GLY A C   1 
ATOM   615  O  O   . GLY A 1 71  ? -17.343 -10.134 5.356   1.00 36.41 ? 71  GLY A O   1 
ATOM   616  N  N   . SER A 1 72  ? -16.529 -8.711  6.843   1.00 36.01 ? 72  SER A N   1 
ATOM   617  C  CA  . SER A 1 72  ? -15.270 -8.628  6.143   1.00 36.52 ? 72  SER A CA  1 
ATOM   618  C  C   . SER A 1 72  ? -14.346 -9.777  6.524   1.00 37.70 ? 72  SER A C   1 
ATOM   619  O  O   . SER A 1 72  ? -14.580 -10.511 7.498   1.00 33.35 ? 72  SER A O   1 
ATOM   620  C  CB  . SER A 1 72  ? -14.595 -7.279  6.459   1.00 34.24 ? 72  SER A CB  1 
ATOM   621  O  OG  . SER A 1 72  ? -14.083 -7.294  7.785   1.00 35.67 ? 72  SER A OG  1 
ATOM   622  N  N   . ARG A 1 73  ? -13.243 -9.879  5.777   1.00 35.53 ? 73  ARG A N   1 
ATOM   623  C  CA  . ARG A 1 73  ? -12.222 -10.841 6.056   1.00 33.61 ? 73  ARG A CA  1 
ATOM   624  C  C   . ARG A 1 73  ? -10.957 -10.128 6.559   1.00 39.28 ? 73  ARG A C   1 
ATOM   625  O  O   . ARG A 1 73  ? -10.906 -8.881  6.600   1.00 38.29 ? 73  ARG A O   1 
ATOM   626  C  CB  . ARG A 1 73  ? -11.994 -11.708 4.809   1.00 37.68 ? 73  ARG A CB  1 
ATOM   627  C  CG  . ARG A 1 73  ? -13.019 -12.850 4.610   1.00 43.26 ? 73  ARG A CG  1 
ATOM   628  C  CD  . ARG A 1 73  ? -12.583 -14.129 5.390   1.00 52.32 ? 73  ARG A CD  1 
ATOM   629  N  NE  . ARG A 1 73  ? -12.609 -13.895 6.856   1.00 56.23 ? 73  ARG A NE  1 
ATOM   630  C  CZ  . ARG A 1 73  ? -11.576 -13.818 7.719   1.00 52.88 ? 73  ARG A CZ  1 
ATOM   631  N  NH1 . ARG A 1 73  ? -10.269 -13.987 7.355   1.00 38.78 ? 73  ARG A NH1 1 
ATOM   632  N  NH2 . ARG A 1 73  ? -11.872 -13.553 9.013   1.00 51.13 ? 73  ARG A NH2 1 
ATOM   633  N  N   . ASN A 1 74  ? -9.975  -10.919 6.986   1.00 31.00 ? 74  ASN A N   1 
ATOM   634  C  CA  . ASN A 1 74  ? -8.758  -10.452 7.597   1.00 34.88 ? 74  ASN A CA  1 
ATOM   635  C  C   . ASN A 1 74  ? -7.650  -11.346 7.033   1.00 33.45 ? 74  ASN A C   1 
ATOM   636  O  O   . ASN A 1 74  ? -6.955  -12.018 7.781   1.00 30.26 ? 74  ASN A O   1 
ATOM   637  C  CB  . ASN A 1 74  ? -8.787  -10.481 9.133   1.00 33.86 ? 74  ASN A CB  1 
ATOM   638  C  CG  . ASN A 1 74  ? -7.489  -9.967  9.778   1.00 34.99 ? 74  ASN A CG  1 
ATOM   639  O  OD1 . ASN A 1 74  ? -6.623  -9.395  9.114   1.00 29.50 ? 74  ASN A OD1 1 
ATOM   640  N  ND2 . ASN A 1 74  ? -7.335  -10.204 11.081  1.00 31.83 ? 74  ASN A ND2 1 
ATOM   641  N  N   . LEU A 1 75  ? -7.468  -11.251 5.720   1.00 31.21 ? 75  LEU A N   1 
ATOM   642  C  CA  . LEU A 1 75  ? -6.542  -12.157 5.018   1.00 33.56 ? 75  LEU A CA  1 
ATOM   643  C  C   . LEU A 1 75  ? -5.064  -11.928 5.353   1.00 35.03 ? 75  LEU A C   1 
ATOM   644  O  O   . LEU A 1 75  ? -4.263  -12.881 5.302   1.00 32.13 ? 75  LEU A O   1 
ATOM   645  C  CB  . LEU A 1 75  ? -6.792  -12.125 3.510   1.00 33.78 ? 75  LEU A CB  1 
ATOM   646  C  CG  . LEU A 1 75  ? -8.169  -12.660 3.142   1.00 37.11 ? 75  LEU A CG  1 
ATOM   647  C  CD1 . LEU A 1 75  ? -8.549  -12.265 1.735   1.00 35.05 ? 75  LEU A CD1 1 
ATOM   648  C  CD2 . LEU A 1 75  ? -8.202  -14.178 3.332   1.00 41.88 ? 75  LEU A CD2 1 
ATOM   649  N  N   . CYS A 1 76  ? -4.659  -10.714 5.701   1.00 29.46 ? 76  CYS A N   1 
ATOM   650  C  CA  . CYS A 1 76  ? -3.307  -10.538 6.180   1.00 27.89 ? 76  CYS A CA  1 
ATOM   651  C  C   . CYS A 1 76  ? -3.127  -10.879 7.670   1.00 30.19 ? 76  CYS A C   1 
ATOM   652  O  O   . CYS A 1 76  ? -2.019  -10.798 8.174   1.00 29.68 ? 76  CYS A O   1 
ATOM   653  C  CB  . CYS A 1 76  ? -2.826  -9.114  5.938   1.00 30.44 ? 76  CYS A CB  1 
ATOM   654  S  SG  . CYS A 1 76  ? -2.804  -8.850  4.184   1.00 29.69 ? 76  CYS A SG  1 
ATOM   655  N  N   . ASN A 1 77  ? -4.220  -11.181 8.378   1.00 32.17 ? 77  ASN A N   1 
ATOM   656  C  CA  . ASN A 1 77  ? -4.150  -11.499 9.806   1.00 35.84 ? 77  ASN A CA  1 
ATOM   657  C  C   . ASN A 1 77  ? -3.478  -10.491 10.691  1.00 34.91 ? 77  ASN A C   1 
ATOM   658  O  O   . ASN A 1 77  ? -2.553  -10.809 11.472  1.00 30.33 ? 77  ASN A O   1 
ATOM   659  C  CB  . ASN A 1 77  ? -3.642  -12.919 9.996   1.00 42.92 ? 77  ASN A CB  1 
ATOM   660  C  CG  . ASN A 1 77  ? -4.800  -13.876 10.085  1.00 48.83 ? 77  ASN A CG  1 
ATOM   661  O  OD1 . ASN A 1 77  ? -5.422  -14.005 11.158  1.00 57.54 ? 77  ASN A OD1 1 
ATOM   662  N  ND2 . ASN A 1 77  ? -5.184  -14.443 8.955   1.00 47.71 ? 77  ASN A ND2 1 
ATOM   663  N  N   . ILE A 1 78  ? -3.953  -9.241  10.578  1.00 27.42 ? 78  ILE A N   1 
ATOM   664  C  CA  . ILE A 1 78  ? -3.435  -8.189  11.404  1.00 29.59 ? 78  ILE A CA  1 
ATOM   665  C  C   . ILE A 1 78  ? -4.574  -7.254  11.786  1.00 29.97 ? 78  ILE A C   1 
ATOM   666  O  O   . ILE A 1 78  ? -5.547  -7.133  11.057  1.00 29.80 ? 78  ILE A O   1 
ATOM   667  C  CB  . ILE A 1 78  ? -2.384  -7.304  10.677  1.00 32.88 ? 78  ILE A CB  1 
ATOM   668  C  CG1 . ILE A 1 78  ? -2.864  -7.006  9.225   1.00 30.75 ? 78  ILE A CG1 1 
ATOM   669  C  CG2 . ILE A 1 78  ? -1.002  -7.917  10.810  1.00 35.22 ? 78  ILE A CG2 1 
ATOM   670  C  CD1 . ILE A 1 78  ? -1.984  -6.019  8.492   1.00 32.69 ? 78  ILE A CD1 1 
ATOM   671  N  N   . PRO A 1 79  ? -4.395  -6.546  12.880  1.00 29.00 ? 79  PRO A N   1 
ATOM   672  C  CA  . PRO A 1 79  ? -5.249  -5.399  13.118  1.00 26.23 ? 79  PRO A CA  1 
ATOM   673  C  C   . PRO A 1 79  ? -4.889  -4.323  12.083  1.00 25.80 ? 79  PRO A C   1 
ATOM   674  O  O   . PRO A 1 79  ? -3.701  -4.107  11.802  1.00 23.81 ? 79  PRO A O   1 
ATOM   675  C  CB  . PRO A 1 79  ? -4.841  -4.949  14.490  1.00 28.07 ? 79  PRO A CB  1 
ATOM   676  C  CG  . PRO A 1 79  ? -3.490  -5.479  14.719  1.00 32.39 ? 79  PRO A CG  1 
ATOM   677  C  CD  . PRO A 1 79  ? -3.321  -6.679  13.881  1.00 31.62 ? 79  PRO A CD  1 
ATOM   678  N  N   . CYS A 1 80  ? -5.903  -3.668  11.532  1.00 22.53 ? 80  CYS A N   1 
ATOM   679  C  CA  . CYS A 1 80  ? -5.677  -2.549  10.635  1.00 25.21 ? 80  CYS A CA  1 
ATOM   680  C  C   . CYS A 1 80  ? -4.733  -1.472  11.203  1.00 25.51 ? 80  CYS A C   1 
ATOM   681  O  O   . CYS A 1 80  ? -3.980  -0.881  10.435  1.00 22.63 ? 80  CYS A O   1 
ATOM   682  C  CB  . CYS A 1 80  ? -7.002  -1.946  10.188  1.00 23.98 ? 80  CYS A CB  1 
ATOM   683  S  SG  . CYS A 1 80  ? -8.087  -3.114  9.310   1.00 25.30 ? 80  CYS A SG  1 
ATOM   684  N  N   . SER A 1 81  ? -4.763  -1.231  12.529  1.00 25.58 ? 81  SER A N   1 
ATOM   685  C  CA  . SER A 1 81  ? -3.866  -0.279  13.179  1.00 26.59 ? 81  SER A CA  1 
ATOM   686  C  C   . SER A 1 81  ? -2.411  -0.578  12.891  1.00 26.95 ? 81  SER A C   1 
ATOM   687  O  O   . SER A 1 81  ? -1.567  0.347   12.885  1.00 25.58 ? 81  SER A O   1 
ATOM   688  C  CB  . SER A 1 81  ? -4.066  -0.265  14.705  1.00 29.08 ? 81  SER A CB  1 
ATOM   689  O  OG  . SER A 1 81  ? -3.883  -1.592  15.226  1.00 29.93 ? 81  SER A OG  1 
ATOM   690  N  N   . ALA A 1 82  ? -2.092  -1.858  12.715  1.00 26.17 ? 82  ALA A N   1 
ATOM   691  C  CA  . ALA A 1 82  ? -0.714  -2.254  12.380  1.00 25.58 ? 82  ALA A CA  1 
ATOM   692  C  C   . ALA A 1 82  ? -0.218  -1.625  11.112  1.00 28.46 ? 82  ALA A C   1 
ATOM   693  O  O   . ALA A 1 82  ? 1.000   -1.512  10.930  1.00 29.92 ? 82  ALA A O   1 
ATOM   694  C  CB  . ALA A 1 82  ? -0.577  -3.741  12.209  1.00 27.63 ? 82  ALA A CB  1 
ATOM   695  N  N   . LEU A 1 83  ? -1.145  -1.232  10.232  1.00 28.95 ? 83  LEU A N   1 
ATOM   696  C  CA  . LEU A 1 83  ? -0.808  -0.636  8.947   1.00 29.61 ? 83  LEU A CA  1 
ATOM   697  C  C   . LEU A 1 83  ? -0.534  0.862   9.037   1.00 28.59 ? 83  LEU A C   1 
ATOM   698  O  O   . LEU A 1 83  ? -0.276  1.528   8.016   1.00 29.42 ? 83  LEU A O   1 
ATOM   699  C  CB  . LEU A 1 83  ? -1.939  -0.932  7.963   1.00 29.79 ? 83  LEU A CB  1 
ATOM   700  C  CG  . LEU A 1 83  ? -2.220  -2.427  7.742   1.00 28.69 ? 83  LEU A CG  1 
ATOM   701  C  CD1 . LEU A 1 83  ? -3.488  -2.562  6.945   1.00 26.94 ? 83  LEU A CD1 1 
ATOM   702  C  CD2 . LEU A 1 83  ? -1.049  -3.082  7.008   1.00 32.88 ? 83  LEU A CD2 1 
ATOM   703  N  N   . LEU A 1 84  ? -0.571  1.413   10.245  1.00 26.77 ? 84  LEU A N   1 
ATOM   704  C  CA  . LEU A 1 84  ? -0.394  2.809   10.456  1.00 25.47 ? 84  LEU A CA  1 
ATOM   705  C  C   . LEU A 1 84  ? 0.987   3.161   11.062  1.00 29.20 ? 84  LEU A C   1 
ATOM   706  O  O   . LEU A 1 84  ? 1.305   4.342   11.281  1.00 25.64 ? 84  LEU A O   1 
ATOM   707  C  CB  . LEU A 1 84  ? -1.527  3.343   11.375  1.00 25.67 ? 84  LEU A CB  1 
ATOM   708  C  CG  . LEU A 1 84  ? -2.965  3.248   10.845  1.00 26.99 ? 84  LEU A CG  1 
ATOM   709  C  CD1 . LEU A 1 84  ? -3.979  4.019   11.704  1.00 28.28 ? 84  LEU A CD1 1 
ATOM   710  C  CD2 . LEU A 1 84  ? -3.178  3.714   9.386   1.00 22.99 ? 84  LEU A CD2 1 
ATOM   711  N  N   . SER A 1 85  ? 1.737   2.121   11.356  1.00 29.55 ? 85  SER A N   1 
ATOM   712  C  CA  . SER A 1 85  ? 2.975   2.220   12.041  1.00 30.72 ? 85  SER A CA  1 
ATOM   713  C  C   . SER A 1 85  ? 4.040   2.959   11.218  1.00 32.24 ? 85  SER A C   1 
ATOM   714  O  O   . SER A 1 85  ? 4.024   2.931   9.984   1.00 32.28 ? 85  SER A O   1 
ATOM   715  C  CB  . SER A 1 85  ? 3.413   0.818   12.408  1.00 32.80 ? 85  SER A CB  1 
ATOM   716  O  OG  . SER A 1 85  ? 4.694   0.855   13.031  1.00 39.97 ? 85  SER A OG  1 
ATOM   717  N  N   A SER A 1 86  ? 4.975   3.610   11.908  0.50 30.69 ? 86  SER A N   1 
ATOM   718  N  N   B SER A 1 86  ? 4.980   3.600   11.909  0.50 32.70 ? 86  SER A N   1 
ATOM   719  C  CA  A SER A 1 86  ? 6.167   4.181   11.252  0.50 31.49 ? 86  SER A CA  1 
ATOM   720  C  CA  B SER A 1 86  ? 6.183   4.157   11.263  0.50 34.76 ? 86  SER A CA  1 
ATOM   721  C  C   A SER A 1 86  ? 7.025   3.110   10.590  0.50 31.40 ? 86  SER A C   1 
ATOM   722  C  C   B SER A 1 86  ? 7.019   3.099   10.581  0.50 33.26 ? 86  SER A C   1 
ATOM   723  O  O   A SER A 1 86  ? 7.715   3.385   9.607   0.50 32.76 ? 86  SER A O   1 
ATOM   724  O  O   B SER A 1 86  ? 7.686   3.371   9.580   0.50 34.65 ? 86  SER A O   1 
ATOM   725  C  CB  A SER A 1 86  ? 7.016   4.968   12.257  0.50 31.17 ? 86  SER A CB  1 
ATOM   726  C  CB  B SER A 1 86  ? 7.053   4.894   12.281  0.50 36.76 ? 86  SER A CB  1 
ATOM   727  O  OG  A SER A 1 86  ? 7.424   4.119   13.301  0.50 28.49 ? 86  SER A OG  1 
ATOM   728  O  OG  B SER A 1 86  ? 6.431   6.104   12.634  0.50 39.62 ? 86  SER A OG  1 
ATOM   729  N  N   . ASP A 1 87  ? 6.965   1.892   11.130  1.00 30.25 ? 87  ASP A N   1 
ATOM   730  C  CA  . ASP A 1 87  ? 7.653   0.748   10.621  1.00 35.14 ? 87  ASP A CA  1 
ATOM   731  C  C   . ASP A 1 87  ? 6.694   0.160   9.575   1.00 35.39 ? 87  ASP A C   1 
ATOM   732  O  O   . ASP A 1 87  ? 5.549   -0.182  9.914   1.00 34.65 ? 87  ASP A O   1 
ATOM   733  C  CB  . ASP A 1 87  ? 7.873   -0.228  11.825  1.00 40.86 ? 87  ASP A CB  1 
ATOM   734  C  CG  . ASP A 1 87  ? 8.189   -1.665  11.434  1.00 42.03 ? 87  ASP A CG  1 
ATOM   735  O  OD1 . ASP A 1 87  ? 8.218   -2.041  10.264  1.00 41.91 ? 87  ASP A OD1 1 
ATOM   736  O  OD2 . ASP A 1 87  ? 8.438   -2.470  12.373  1.00 45.26 ? 87  ASP A OD2 1 
ATOM   737  N  N   . ILE A 1 88  ? 7.174   -0.010  8.345   1.00 35.83 ? 88  ILE A N   1 
ATOM   738  C  CA  . ILE A 1 88  ? 6.284   -0.387  7.196   1.00 32.85 ? 88  ILE A CA  1 
ATOM   739  C  C   . ILE A 1 88  ? 6.187   -1.897  7.065   1.00 33.35 ? 88  ILE A C   1 
ATOM   740  O  O   . ILE A 1 88  ? 5.554   -2.368  6.160   1.00 30.76 ? 88  ILE A O   1 
ATOM   741  C  CB  . ILE A 1 88  ? 6.704   0.300   5.847   1.00 33.05 ? 88  ILE A CB  1 
ATOM   742  C  CG1 . ILE A 1 88  ? 8.035   -0.278  5.289   1.00 33.98 ? 88  ILE A CG1 1 
ATOM   743  C  CG2 . ILE A 1 88  ? 6.753   1.816   5.963   1.00 33.56 ? 88  ILE A CG2 1 
ATOM   744  C  CD1 . ILE A 1 88  ? 8.338   0.207   3.870   1.00 32.64 ? 88  ILE A CD1 1 
ATOM   745  N  N   . THR A 1 89  ? 6.755   -2.687  8.008   1.00 33.50 ? 89  THR A N   1 
ATOM   746  C  CA  . THR A 1 89  ? 6.676   -4.137  7.912   1.00 32.65 ? 89  THR A CA  1 
ATOM   747  C  C   . THR A 1 89  ? 5.297   -4.732  7.622   1.00 30.13 ? 89  THR A C   1 
ATOM   748  O  O   . THR A 1 89  ? 5.154   -5.556  6.712   1.00 27.82 ? 89  THR A O   1 
ATOM   749  C  CB  . THR A 1 89  ? 7.232   -4.879  9.182   1.00 35.36 ? 89  THR A CB  1 
ATOM   750  O  OG1 . THR A 1 89  ? 8.568   -4.484  9.381   1.00 33.74 ? 89  THR A OG1 1 
ATOM   751  C  CG2 . THR A 1 89  ? 7.257   -6.373  8.967   1.00 37.78 ? 89  THR A CG2 1 
ATOM   752  N  N   . ALA A 1 90  ? 4.307   -4.373  8.433   1.00 29.73 ? 90  ALA A N   1 
ATOM   753  C  CA  . ALA A 1 90  ? 2.993   -4.950  8.305   1.00 28.07 ? 90  ALA A CA  1 
ATOM   754  C  C   . ALA A 1 90  ? 2.347   -4.562  6.998   1.00 25.59 ? 90  ALA A C   1 
ATOM   755  O  O   . ALA A 1 90  ? 1.689   -5.424  6.328   1.00 26.76 ? 90  ALA A O   1 
ATOM   756  C  CB  . ALA A 1 90  ? 2.097   -4.590  9.488   1.00 29.50 ? 90  ALA A CB  1 
ATOM   757  N  N   . SER A 1 91  ? 2.555   -3.303  6.590   1.00 23.98 ? 91  SER A N   1 
ATOM   758  C  CA  . SER A 1 91  ? 2.037   -2.881  5.270   1.00 25.47 ? 91  SER A CA  1 
ATOM   759  C  C   . SER A 1 91  ? 2.656   -3.622  4.098   1.00 24.20 ? 91  SER A C   1 
ATOM   760  O  O   . SER A 1 91  ? 1.985   -4.032  3.154   1.00 23.12 ? 91  SER A O   1 
ATOM   761  C  CB  . SER A 1 91  ? 2.167   -1.386  5.068   1.00 24.42 ? 91  SER A CB  1 
ATOM   762  O  OG  . SER A 1 91  ? 1.157   -0.721  5.765   1.00 23.64 ? 91  SER A OG  1 
ATOM   763  N  N   . VAL A 1 92  ? 3.965   -3.751  4.148   1.00 28.20 ? 92  VAL A N   1 
ATOM   764  C  CA  . VAL A 1 92  ? 4.676   -4.433  3.064   1.00 26.40 ? 92  VAL A CA  1 
ATOM   765  C  C   . VAL A 1 92  ? 4.305   -5.904  3.007   1.00 26.83 ? 92  VAL A C   1 
ATOM   766  O  O   . VAL A 1 92  ? 4.013   -6.453  1.935   1.00 29.40 ? 92  VAL A O   1 
ATOM   767  C  CB  . VAL A 1 92  ? 6.175   -4.288  3.232   1.00 25.78 ? 92  VAL A CB  1 
ATOM   768  C  CG1 . VAL A 1 92  ? 6.919   -5.285  2.338   1.00 28.21 ? 92  VAL A CG1 1 
ATOM   769  C  CG2 . VAL A 1 92  ? 6.613   -2.842  3.081   1.00 25.69 ? 92  VAL A CG2 1 
ATOM   770  N  N   . ASN A 1 93  ? 4.286   -6.578  4.166   1.00 29.46 ? 93  ASN A N   1 
ATOM   771  C  CA  . ASN A 1 93  ? 3.937   -7.989  4.139   1.00 29.93 ? 93  ASN A CA  1 
ATOM   772  C  C   . ASN A 1 93  ? 2.528   -8.234  3.677   1.00 27.50 ? 93  ASN A C   1 
ATOM   773  O  O   . ASN A 1 93  ? 2.232   -9.221  3.001   1.00 30.77 ? 93  ASN A O   1 
ATOM   774  C  CB  . ASN A 1 93  ? 4.192   -8.641  5.527   1.00 35.55 ? 93  ASN A CB  1 
ATOM   775  C  CG  . ASN A 1 93  ? 5.671   -8.605  5.912   1.00 37.12 ? 93  ASN A CG  1 
ATOM   776  O  OD1 . ASN A 1 93  ? 6.537   -8.366  5.072   1.00 43.75 ? 93  ASN A OD1 1 
ATOM   777  N  ND2 . ASN A 1 93  ? 5.958   -8.789  7.195   1.00 41.84 ? 93  ASN A ND2 1 
ATOM   778  N  N   . CYS A 1 94  ? 1.597   -7.341  4.029   1.00 26.57 ? 94  CYS A N   1 
ATOM   779  C  CA  . CYS A 1 94  ? 0.207   -7.523  3.590   1.00 24.03 ? 94  CYS A CA  1 
ATOM   780  C  C   . CYS A 1 94  ? 0.129   -7.197  2.075   1.00 25.33 ? 94  CYS A C   1 
ATOM   781  O  O   . CYS A 1 94  ? -0.584  -7.882  1.329   1.00 25.16 ? 94  CYS A O   1 
ATOM   782  C  CB  . CYS A 1 94  ? -0.762  -6.600  4.377   1.00 24.06 ? 94  CYS A CB  1 
ATOM   783  S  SG  . CYS A 1 94  ? -2.491  -6.855  3.981   1.00 29.26 ? 94  CYS A SG  1 
ATOM   784  N  N   . ALA A 1 95  ? 0.814   -6.127  1.639   1.00 25.13 ? 95  ALA A N   1 
ATOM   785  C  CA  . ALA A 1 95  ? 0.840   -5.764  0.204   1.00 27.45 ? 95  ALA A CA  1 
ATOM   786  C  C   . ALA A 1 95  ? 1.394   -6.897  -0.692  1.00 27.62 ? 95  ALA A C   1 
ATOM   787  O  O   . ALA A 1 95  ? 0.886   -7.148  -1.782  1.00 26.44 ? 95  ALA A O   1 
ATOM   788  C  CB  . ALA A 1 95  ? 1.633   -4.499  -0.052  1.00 30.50 ? 95  ALA A CB  1 
ATOM   789  N  N   . LYS A 1 96  ? 2.418   -7.597  -0.202  1.00 29.98 ? 96  LYS A N   1 
ATOM   790  C  CA  . LYS A 1 96  ? 2.854   -8.843  -0.853  1.00 26.58 ? 96  LYS A CA  1 
ATOM   791  C  C   . LYS A 1 96  ? 1.755   -9.839  -1.053  1.00 26.29 ? 96  LYS A C   1 
ATOM   792  O  O   . LYS A 1 96  ? 1.643   -10.444 -2.110  1.00 26.57 ? 96  LYS A O   1 
ATOM   793  C  CB  . LYS A 1 96  ? 3.962   -9.488  -0.053  1.00 27.96 ? 96  LYS A CB  1 
ATOM   794  C  CG  . LYS A 1 96  ? 5.269   -8.751  -0.207  1.00 31.39 ? 96  LYS A CG  1 
ATOM   795  C  CD  . LYS A 1 96  ? 6.356   -9.238  0.713   1.00 33.37 ? 96  LYS A CD  1 
ATOM   796  C  CE  . LYS A 1 96  ? 7.644   -8.461  0.461   1.00 34.33 ? 96  LYS A CE  1 
ATOM   797  N  NZ  . LYS A 1 96  ? 8.787   -8.882  1.345   1.00 34.56 ? 96  LYS A NZ  1 
ATOM   798  N  N   . LYS A 1 97  ? 0.901   -10.031 -0.050  1.00 28.81 ? 97  LYS A N   1 
ATOM   799  C  CA  . LYS A 1 97  ? -0.227  -10.946 -0.227  1.00 28.99 ? 97  LYS A CA  1 
ATOM   800  C  C   . LYS A 1 97  ? -1.225  -10.440 -1.240  1.00 28.76 ? 97  LYS A C   1 
ATOM   801  O  O   . LYS A 1 97  ? -1.692  -11.179 -2.113  1.00 27.43 ? 97  LYS A O   1 
ATOM   802  C  CB  . LYS A 1 97  ? -0.984  -11.200 1.105   1.00 33.36 ? 97  LYS A CB  1 
ATOM   803  C  CG  . LYS A 1 97  ? -0.218  -12.028 2.128   1.00 39.06 ? 97  LYS A CG  1 
ATOM   804  C  CD  . LYS A 1 97  ? -1.072  -12.327 3.373   1.00 48.50 ? 97  LYS A CD  1 
ATOM   805  C  CE  . LYS A 1 97  ? -0.345  -13.164 4.429   1.00 52.84 ? 97  LYS A CE  1 
ATOM   806  N  NZ  . LYS A 1 97  ? 0.839   -12.456 5.010   1.00 60.79 ? 97  LYS A NZ  1 
ATOM   807  N  N   . ILE A 1 98  ? -1.553  -9.156  -1.138  1.00 25.97 ? 98  ILE A N   1 
ATOM   808  C  CA  . ILE A 1 98  ? -2.482  -8.540  -2.079  1.00 26.69 ? 98  ILE A CA  1 
ATOM   809  C  C   . ILE A 1 98  ? -2.022  -8.640  -3.550  1.00 27.86 ? 98  ILE A C   1 
ATOM   810  O  O   . ILE A 1 98  ? -2.777  -9.062  -4.457  1.00 30.89 ? 98  ILE A O   1 
ATOM   811  C  CB  . ILE A 1 98  ? -2.752  -7.052  -1.698  1.00 25.71 ? 98  ILE A CB  1 
ATOM   812  C  CG1 . ILE A 1 98  ? -3.345  -6.911  -0.268  1.00 25.72 ? 98  ILE A CG1 1 
ATOM   813  C  CG2 . ILE A 1 98  ? -3.700  -6.399  -2.700  1.00 25.55 ? 98  ILE A CG2 1 
ATOM   814  C  CD1 . ILE A 1 98  ? -3.352  -5.448  0.225   1.00 24.85 ? 98  ILE A CD1 1 
ATOM   815  N  N   . VAL A 1 99  ? -0.788  -8.250  -3.807  1.00 28.62 ? 99  VAL A N   1 
ATOM   816  C  CA  . VAL A 1 99  ? -0.310  -8.220  -5.163  1.00 29.04 ? 99  VAL A CA  1 
ATOM   817  C  C   . VAL A 1 99  ? -0.165  -9.650  -5.741  1.00 32.12 ? 99  VAL A C   1 
ATOM   818  O  O   . VAL A 1 99  ? -0.086  -9.808  -6.940  1.00 30.15 ? 99  VAL A O   1 
ATOM   819  C  CB  . VAL A 1 99  ? 1.001   -7.451  -5.277  1.00 28.01 ? 99  VAL A CB  1 
ATOM   820  C  CG1 . VAL A 1 99  ? 2.167   -8.176  -4.621  1.00 26.64 ? 99  VAL A CG1 1 
ATOM   821  C  CG2 . VAL A 1 99  ? 1.319   -7.111  -6.737  1.00 28.82 ? 99  VAL A CG2 1 
ATOM   822  N  N   . SER A 1 100 ? -0.125  -10.650 -4.872  1.00 30.84 ? 100 SER A N   1 
ATOM   823  C  CA  . SER A 1 100 ? -0.008  -12.064 -5.269  1.00 34.82 ? 100 SER A CA  1 
ATOM   824  C  C   . SER A 1 100 ? -1.306  -12.724 -5.597  1.00 33.04 ? 100 SER A C   1 
ATOM   825  O  O   . SER A 1 100 ? -1.304  -13.867 -6.049  1.00 39.96 ? 100 SER A O   1 
ATOM   826  C  CB  . SER A 1 100 ? 0.699   -12.844 -4.146  1.00 33.44 ? 100 SER A CB  1 
ATOM   827  O  OG  . SER A 1 100 ? 2.052   -12.417 -4.077  1.00 32.17 ? 100 SER A OG  1 
ATOM   828  N  N   . ASP A 1 101 ? -2.424  -12.047 -5.392  1.00 40.84 ? 101 ASP A N   1 
ATOM   829  C  CA  . ASP A 1 101 ? -3.724  -12.709 -5.376  1.00 43.02 ? 101 ASP A CA  1 
ATOM   830  C  C   . ASP A 1 101 ? -4.456  -12.780 -6.737  1.00 42.03 ? 101 ASP A C   1 
ATOM   831  O  O   . ASP A 1 101 ? -5.555  -13.262 -6.792  1.00 45.75 ? 101 ASP A O   1 
ATOM   832  C  CB  . ASP A 1 101 ? -4.615  -12.152 -4.215  1.00 48.86 ? 101 ASP A CB  1 
ATOM   833  C  CG  . ASP A 1 101 ? -5.698  -11.182 -4.660  1.00 54.02 ? 101 ASP A CG  1 
ATOM   834  O  OD1 . ASP A 1 101 ? -5.415  -10.244 -5.441  1.00 67.45 ? 101 ASP A OD1 1 
ATOM   835  O  OD2 . ASP A 1 101 ? -6.858  -11.340 -4.180  1.00 58.23 ? 101 ASP A OD2 1 
ATOM   836  N  N   . GLY A 1 102 ? -3.864  -12.308 -7.821  1.00 41.68 ? 102 GLY A N   1 
ATOM   837  C  CA  . GLY A 1 102 ? -4.433  -12.566 -9.162  1.00 37.73 ? 102 GLY A CA  1 
ATOM   838  C  C   . GLY A 1 102 ? -4.476  -11.325 -10.045 1.00 33.72 ? 102 GLY A C   1 
ATOM   839  O  O   . GLY A 1 102 ? -4.218  -11.436 -11.242 1.00 31.98 ? 102 GLY A O   1 
ATOM   840  N  N   . ASN A 1 103 ? -4.743  -10.139 -9.471  1.00 33.74 ? 103 ASN A N   1 
ATOM   841  C  CA  . ASN A 1 103 ? -4.851  -8.946  -10.299 1.00 36.75 ? 103 ASN A CA  1 
ATOM   842  C  C   . ASN A 1 103 ? -3.658  -8.029  -10.174 1.00 32.44 ? 103 ASN A C   1 
ATOM   843  O  O   . ASN A 1 103 ? -3.677  -6.947  -10.695 1.00 34.01 ? 103 ASN A O   1 
ATOM   844  C  CB  . ASN A 1 103 ? -6.172  -8.243  -10.074 1.00 40.09 ? 103 ASN A CB  1 
ATOM   845  C  CG  . ASN A 1 103 ? -7.331  -9.223  -10.126 1.00 46.36 ? 103 ASN A CG  1 
ATOM   846  O  OD1 . ASN A 1 103 ? -7.950  -9.488  -9.112  1.00 53.11 ? 103 ASN A OD1 1 
ATOM   847  N  ND2 . ASN A 1 103 ? -7.544  -9.855  -11.282 1.00 42.34 ? 103 ASN A ND2 1 
ATOM   848  N  N   . GLY A 1 104 ? -2.600  -8.521  -9.543  1.00 32.08 ? 104 GLY A N   1 
ATOM   849  C  CA  . GLY A 1 104 ? -1.390  -7.782  -9.375  1.00 29.05 ? 104 GLY A CA  1 
ATOM   850  C  C   . GLY A 1 104 ? -1.660  -6.426  -8.741  1.00 26.56 ? 104 GLY A C   1 
ATOM   851  O  O   . GLY A 1 104 ? -2.494  -6.304  -7.828  1.00 24.20 ? 104 GLY A O   1 
ATOM   852  N  N   . MET A 1 105 ? -0.979  -5.404  -9.259  1.00 25.95 ? 105 MET A N   1 
ATOM   853  C  CA  . MET A 1 105 ? -1.111  -4.078  -8.643  1.00 24.79 ? 105 MET A CA  1 
ATOM   854  C  C   . MET A 1 105 ? -2.397  -3.347  -9.011  1.00 26.11 ? 105 MET A C   1 
ATOM   855  O  O   . MET A 1 105 ? -2.641  -2.270  -8.472  1.00 28.43 ? 105 MET A O   1 
ATOM   856  C  CB  . MET A 1 105 ? 0.113   -3.245  -8.916  1.00 25.23 ? 105 MET A CB  1 
ATOM   857  C  CG  . MET A 1 105 ? 1.317   -3.687  -8.142  1.00 24.52 ? 105 MET A CG  1 
ATOM   858  S  SD  . MET A 1 105 ? 2.615   -2.428  -8.050  1.00 25.53 ? 105 MET A SD  1 
ATOM   859  C  CE  . MET A 1 105 ? 1.992   -1.246  -6.815  1.00 23.00 ? 105 MET A CE  1 
ATOM   860  N  N   . ASN A 1 106 ? -3.225  -3.926  -9.881  1.00 25.61 ? 106 ASN A N   1 
ATOM   861  C  CA  . ASN A 1 106 ? -4.558  -3.378  -10.203 1.00 27.19 ? 106 ASN A CA  1 
ATOM   862  C  C   . ASN A 1 106 ? -5.478  -3.377  -8.981  1.00 26.60 ? 106 ASN A C   1 
ATOM   863  O  O   . ASN A 1 106 ? -6.468  -2.636  -8.962  1.00 25.70 ? 106 ASN A O   1 
ATOM   864  C  CB  . ASN A 1 106 ? -5.262  -4.161  -11.334 1.00 27.32 ? 106 ASN A CB  1 
ATOM   865  C  CG  . ASN A 1 106 ? -4.490  -4.112  -12.667 1.00 28.87 ? 106 ASN A CG  1 
ATOM   866  O  OD1 . ASN A 1 106 ? -4.390  -3.052  -13.260 1.00 26.78 ? 106 ASN A OD1 1 
ATOM   867  N  ND2 . ASN A 1 106 ? -3.876  -5.271  -13.100 1.00 28.87 ? 106 ASN A ND2 1 
ATOM   868  N  N   . ALA A 1 107 ? -5.156  -4.177  -7.979  1.00 26.46 ? 107 ALA A N   1 
ATOM   869  C  CA  . ALA A 1 107 ? -5.816  -4.058  -6.646  1.00 27.11 ? 107 ALA A CA  1 
ATOM   870  C  C   . ALA A 1 107 ? -5.819  -2.637  -6.132  1.00 25.46 ? 107 ALA A C   1 
ATOM   871  O  O   . ALA A 1 107 ? -6.812  -2.222  -5.490  1.00 27.80 ? 107 ALA A O   1 
ATOM   872  C  CB  . ALA A 1 107 ? -5.160  -4.933  -5.620  1.00 28.46 ? 107 ALA A CB  1 
ATOM   873  N  N   . TRP A 1 108 ? -4.754  -1.869  -6.393  1.00 23.17 ? 108 TRP A N   1 
ATOM   874  C  CA  . TRP A 1 108 ? -4.732  -0.479  -5.982  1.00 25.37 ? 108 TRP A CA  1 
ATOM   875  C  C   . TRP A 1 108 ? -5.275  0.346   -7.112  1.00 27.53 ? 108 TRP A C   1 
ATOM   876  O  O   . TRP A 1 108 ? -4.571  0.571   -8.123  1.00 25.47 ? 108 TRP A O   1 
ATOM   877  C  CB  . TRP A 1 108 ? -3.307  -0.028  -5.640  1.00 24.12 ? 108 TRP A CB  1 
ATOM   878  C  CG  . TRP A 1 108 ? -2.820  -0.617  -4.386  1.00 23.00 ? 108 TRP A CG  1 
ATOM   879  C  CD1 . TRP A 1 108 ? -3.067  -0.154  -3.156  1.00 24.34 ? 108 TRP A CD1 1 
ATOM   880  C  CD2 . TRP A 1 108 ? -2.111  -1.854  -4.220  1.00 21.97 ? 108 TRP A CD2 1 
ATOM   881  N  NE1 . TRP A 1 108 ? -2.482  -0.935  -2.239  1.00 23.30 ? 108 TRP A NE1 1 
ATOM   882  C  CE2 . TRP A 1 108 ? -1.884  -2.001  -2.848  1.00 22.30 ? 108 TRP A CE2 1 
ATOM   883  C  CE3 . TRP A 1 108 ? -1.624  -2.818  -5.088  1.00 21.50 ? 108 TRP A CE3 1 
ATOM   884  C  CZ2 . TRP A 1 108 ? -1.233  -3.124  -2.290  1.00 21.59 ? 108 TRP A CZ2 1 
ATOM   885  C  CZ3 . TRP A 1 108 ? -0.927  -3.950  -4.548  1.00 22.34 ? 108 TRP A CZ3 1 
ATOM   886  C  CH2 . TRP A 1 108 ? -0.744  -4.087  -3.158  1.00 21.47 ? 108 TRP A CH2 1 
ATOM   887  N  N   A VAL A 1 109 ? -6.500  0.853   -6.954  0.50 24.33 ? 109 VAL A N   1 
ATOM   888  N  N   B VAL A 1 109 ? -6.511  0.833   -7.026  0.50 25.90 ? 109 VAL A N   1 
ATOM   889  C  CA  A VAL A 1 109 ? -7.105  1.624   -8.050  0.50 26.57 ? 109 VAL A CA  1 
ATOM   890  C  CA  B VAL A 1 109 ? -7.017  1.551   -8.218  0.50 28.61 ? 109 VAL A CA  1 
ATOM   891  C  C   A VAL A 1 109 ? -6.249  2.790   -8.486  0.50 23.69 ? 109 VAL A C   1 
ATOM   892  C  C   B VAL A 1 109 ? -6.235  2.819   -8.524  0.50 25.08 ? 109 VAL A C   1 
ATOM   893  O  O   A VAL A 1 109 ? -6.134  3.067   -9.684  0.50 26.86 ? 109 VAL A O   1 
ATOM   894  O  O   B VAL A 1 109 ? -6.159  3.212   -9.692  0.50 28.47 ? 109 VAL A O   1 
ATOM   895  C  CB  A VAL A 1 109 ? -8.528  2.130   -7.717  0.50 28.01 ? 109 VAL A CB  1 
ATOM   896  C  CB  B VAL A 1 109 ? -8.521  1.874   -8.161  0.50 32.63 ? 109 VAL A CB  1 
ATOM   897  C  CG1 A VAL A 1 109 ? -9.171  2.716   -8.967  0.50 26.66 ? 109 VAL A CG1 1 
ATOM   898  C  CG1 B VAL A 1 109 ? -9.342  0.581   -8.219  0.50 35.23 ? 109 VAL A CG1 1 
ATOM   899  C  CG2 A VAL A 1 109 ? -9.376  0.975   -7.223  0.50 30.25 ? 109 VAL A CG2 1 
ATOM   900  C  CG2 B VAL A 1 109 ? -8.807  2.679   -6.918  0.50 32.89 ? 109 VAL A CG2 1 
ATOM   901  N  N   . ALA A 1 110 ? -5.623  3.446   -7.524  1.00 26.26 ? 110 ALA A N   1 
ATOM   902  C  CA  . ALA A 1 110 ? -4.790  4.624   -7.810  1.00 25.74 ? 110 ALA A CA  1 
ATOM   903  C  C   . ALA A 1 110 ? -3.529  4.246   -8.611  1.00 26.19 ? 110 ALA A C   1 
ATOM   904  O  O   . ALA A 1 110 ? -3.070  5.042   -9.444  1.00 26.66 ? 110 ALA A O   1 
ATOM   905  C  CB  . ALA A 1 110 ? -4.449  5.382   -6.571  1.00 27.52 ? 110 ALA A CB  1 
ATOM   906  N  N   . TRP A 1 111 ? -2.984  3.050   -8.386  1.00 23.04 ? 111 TRP A N   1 
ATOM   907  C  CA  . TRP A 1 111 ? -1.906  2.558   -9.269  1.00 24.41 ? 111 TRP A CA  1 
ATOM   908  C  C   . TRP A 1 111 ? -2.451  2.396   -10.679 1.00 22.94 ? 111 TRP A C   1 
ATOM   909  O  O   . TRP A 1 111 ? -1.828  2.799   -11.661 1.00 23.98 ? 111 TRP A O   1 
ATOM   910  C  CB  . TRP A 1 111 ? -1.304  1.223   -8.729  1.00 23.95 ? 111 TRP A CB  1 
ATOM   911  C  CG  . TRP A 1 111 ? -0.265  0.721   -9.568  1.00 24.24 ? 111 TRP A CG  1 
ATOM   912  C  CD1 . TRP A 1 111 ? 1.034   1.078   -9.551  1.00 25.18 ? 111 TRP A CD1 1 
ATOM   913  C  CD2 . TRP A 1 111 ? -0.420  -0.218  -10.668 1.00 26.05 ? 111 TRP A CD2 1 
ATOM   914  N  NE1 . TRP A 1 111 ? 1.706   0.443   -10.571 1.00 24.67 ? 111 TRP A NE1 1 
ATOM   915  C  CE2 . TRP A 1 111 ? 0.842   -0.375  -11.252 1.00 24.40 ? 111 TRP A CE2 1 
ATOM   916  C  CE3 . TRP A 1 111 ? -1.508  -0.951  -11.182 1.00 25.31 ? 111 TRP A CE3 1 
ATOM   917  C  CZ2 . TRP A 1 111 ? 1.062   -1.245  -12.364 1.00 25.29 ? 111 TRP A CZ2 1 
ATOM   918  C  CZ3 . TRP A 1 111 ? -1.301  -1.795  -12.256 1.00 28.01 ? 111 TRP A CZ3 1 
ATOM   919  C  CH2 . TRP A 1 111 ? 0.015   -1.947  -12.829 1.00 23.05 ? 111 TRP A CH2 1 
ATOM   920  N  N   . ARG A 1 112 ? -3.606  1.740   -10.822 1.00 24.62 ? 112 ARG A N   1 
ATOM   921  C  CA  . ARG A 1 112 ? -4.089  1.436   -12.150 1.00 28.53 ? 112 ARG A CA  1 
ATOM   922  C  C   . ARG A 1 112 ? -4.342  2.744   -12.900 1.00 24.87 ? 112 ARG A C   1 
ATOM   923  O  O   . ARG A 1 112 ? -4.004  2.857   -14.076 1.00 27.65 ? 112 ARG A O   1 
ATOM   924  C  CB  . ARG A 1 112 ? -5.365  0.543   -12.124 1.00 30.25 ? 112 ARG A CB  1 
ATOM   925  C  CG  . ARG A 1 112 ? -5.878  0.266   -13.529 1.00 35.30 ? 112 ARG A CG  1 
ATOM   926  C  CD  . ARG A 1 112 ? -7.059  -0.668  -13.548 1.00 43.36 ? 112 ARG A CD  1 
ATOM   927  N  NE  . ARG A 1 112 ? -8.103  -0.221  -12.623 1.00 45.95 ? 112 ARG A NE  1 
ATOM   928  C  CZ  . ARG A 1 112 ? -8.980  0.769   -12.853 1.00 50.42 ? 112 ARG A CZ  1 
ATOM   929  N  NH1 . ARG A 1 112 ? -8.976  1.470   -14.003 1.00 41.42 ? 112 ARG A NH1 1 
ATOM   930  N  NH2 . ARG A 1 112 ? -9.899  1.048   -11.907 1.00 51.26 ? 112 ARG A NH2 1 
ATOM   931  N  N   . ASN A 1 113 ? -4.937  3.736   -12.218 1.00 25.01 ? 113 ASN A N   1 
ATOM   932  C  CA  . ASN A 1 113 ? -5.307  5.001   -12.867 1.00 26.33 ? 113 ASN A CA  1 
ATOM   933  C  C   . ASN A 1 113 ? -4.241  6.041   -12.967 1.00 25.33 ? 113 ASN A C   1 
ATOM   934  O  O   . ASN A 1 113 ? -4.386  6.960   -13.814 1.00 27.73 ? 113 ASN A O   1 
ATOM   935  C  CB  . ASN A 1 113 ? -6.515  5.641   -12.163 1.00 25.13 ? 113 ASN A CB  1 
ATOM   936  C  CG  . ASN A 1 113 ? -7.796  4.848   -12.332 1.00 25.57 ? 113 ASN A CG  1 
ATOM   937  O  OD1 . ASN A 1 113 ? -8.015  4.178   -13.366 1.00 28.66 ? 113 ASN A OD1 1 
ATOM   938  N  ND2 . ASN A 1 113 ? -8.676  4.938   -11.338 1.00 26.87 ? 113 ASN A ND2 1 
ATOM   939  N  N   . ARG A 1 114 ? -3.165  5.935   -12.175 1.00 24.79 ? 114 ARG A N   1 
ATOM   940  C  CA  . ARG A 1 114 ? -2.155  6.999   -12.095 1.00 26.42 ? 114 ARG A CA  1 
ATOM   941  C  C   . ARG A 1 114 ? -0.656  6.602   -12.320 1.00 26.75 ? 114 ARG A C   1 
ATOM   942  O  O   . ARG A 1 114 ? 0.161   7.452   -12.589 1.00 30.08 ? 114 ARG A O   1 
ATOM   943  C  CB  . ARG A 1 114 ? -2.316  7.800   -10.826 1.00 28.69 ? 114 ARG A CB  1 
ATOM   944  C  CG  . ARG A 1 114 ? -3.755  8.333   -10.680 1.00 29.02 ? 114 ARG A CG  1 
ATOM   945  C  CD  . ARG A 1 114 ? -3.977  9.101   -9.419  1.00 27.50 ? 114 ARG A CD  1 
ATOM   946  N  NE  . ARG A 1 114 ? -3.385  10.425  -9.386  1.00 27.02 ? 114 ARG A NE  1 
ATOM   947  C  CZ  . ARG A 1 114 ? -3.444  11.241  -8.345  1.00 26.92 ? 114 ARG A CZ  1 
ATOM   948  N  NH1 . ARG A 1 114 ? -4.098  10.903  -7.254  1.00 26.54 ? 114 ARG A NH1 1 
ATOM   949  N  NH2 . ARG A 1 114 ? -2.880  12.467  -8.409  1.00 27.80 ? 114 ARG A NH2 1 
ATOM   950  N  N   . CYS A 1 115 ? -0.329  5.332   -12.183 1.00 27.14 ? 115 CYS A N   1 
ATOM   951  C  CA  . CYS A 1 115 ? 1.033   4.821   -12.280 1.00 27.10 ? 115 CYS A CA  1 
ATOM   952  C  C   . CYS A 1 115 ? 1.209   3.833   -13.451 1.00 31.61 ? 115 CYS A C   1 
ATOM   953  O  O   . CYS A 1 115 ? 2.231   3.864   -14.167 1.00 31.02 ? 115 CYS A O   1 
ATOM   954  C  CB  . CYS A 1 115 ? 1.353   4.087   -10.978 1.00 26.14 ? 115 CYS A CB  1 
ATOM   955  S  SG  . CYS A 1 115 ? 1.219   5.116   -9.509  1.00 25.98 ? 115 CYS A SG  1 
ATOM   956  N  N   . LYS A 1 116 ? 0.261   2.919   -13.574 1.00 29.96 ? 116 LYS A N   1 
ATOM   957  C  CA  . LYS A 1 116 ? 0.252   1.899   -14.620 1.00 31.22 ? 116 LYS A CA  1 
ATOM   958  C  C   . LYS A 1 116 ? 0.505   2.529   -15.978 1.00 32.51 ? 116 LYS A C   1 
ATOM   959  O  O   . LYS A 1 116 ? -0.195  3.450   -16.360 1.00 28.14 ? 116 LYS A O   1 
ATOM   960  C  CB  . LYS A 1 116 ? -1.071  1.187   -14.646 1.00 30.74 ? 116 LYS A CB  1 
ATOM   961  C  CG  . LYS A 1 116 ? -1.118  -0.015  -15.564 1.00 29.69 ? 116 LYS A CG  1 
ATOM   962  C  CD  . LYS A 1 116 ? -2.452  -0.664  -15.516 1.00 30.59 ? 116 LYS A CD  1 
ATOM   963  C  CE  . LYS A 1 116 ? -2.485  -1.986  -16.272 1.00 29.84 ? 116 LYS A CE  1 
ATOM   964  N  NZ  . LYS A 1 116 ? -3.813  -2.585  -16.009 1.00 27.60 ? 116 LYS A NZ  1 
ATOM   965  N  N   . GLY A 1 117 ? 1.531   2.015   -16.652 1.00 33.36 ? 117 GLY A N   1 
ATOM   966  C  CA  . GLY A 1 117 ? 1.979   2.477   -17.975 1.00 38.98 ? 117 GLY A CA  1 
ATOM   967  C  C   . GLY A 1 117 ? 2.700   3.823   -18.043 1.00 35.88 ? 117 GLY A C   1 
ATOM   968  O  O   . GLY A 1 117 ? 2.884   4.359   -19.117 1.00 39.32 ? 117 GLY A O   1 
ATOM   969  N  N   . THR A 1 118 ? 3.045   4.399   -16.912 1.00 30.05 ? 118 THR A N   1 
ATOM   970  C  CA  . THR A 1 118 ? 3.746   5.674   -16.883 1.00 34.44 ? 118 THR A CA  1 
ATOM   971  C  C   . THR A 1 118 ? 5.217   5.369   -16.665 1.00 30.96 ? 118 THR A C   1 
ATOM   972  O  O   . THR A 1 118 ? 5.570   4.207   -16.469 1.00 29.74 ? 118 THR A O   1 
ATOM   973  C  CB  . THR A 1 118 ? 3.200   6.579   -15.801 1.00 30.20 ? 118 THR A CB  1 
ATOM   974  O  OG1 . THR A 1 118 ? 3.587   6.073   -14.505 1.00 27.62 ? 118 THR A OG1 1 
ATOM   975  C  CG2 . THR A 1 118 ? 1.654   6.665   -15.979 1.00 32.15 ? 118 THR A CG2 1 
ATOM   976  N  N   . ASP A 1 119 ? 6.044   6.410   -16.635 1.00 34.20 ? 119 ASP A N   1 
ATOM   977  C  CA  . ASP A 1 119 ? 7.463   6.212   -16.432 1.00 36.53 ? 119 ASP A CA  1 
ATOM   978  C  C   . ASP A 1 119 ? 7.638   6.154   -14.928 1.00 35.37 ? 119 ASP A C   1 
ATOM   979  O  O   . ASP A 1 119 ? 7.959   7.147   -14.276 1.00 36.11 ? 119 ASP A O   1 
ATOM   980  C  CB  . ASP A 1 119 ? 8.280   7.343   -17.054 1.00 47.00 ? 119 ASP A CB  1 
ATOM   981  C  CG  . ASP A 1 119 ? 9.817   7.134   -16.916 1.00 52.92 ? 119 ASP A CG  1 
ATOM   982  O  OD1 . ASP A 1 119 ? 10.290  6.110   -16.334 1.00 58.74 ? 119 ASP A OD1 1 
ATOM   983  O  OD2 . ASP A 1 119 ? 10.554  8.028   -17.397 1.00 66.14 ? 119 ASP A OD2 1 
ATOM   984  N  N   . VAL A 1 120 ? 7.393   4.983   -14.360 1.00 35.36 ? 120 VAL A N   1 
ATOM   985  C  CA  . VAL A 1 120 ? 7.438   4.887   -12.887 1.00 36.89 ? 120 VAL A CA  1 
ATOM   986  C  C   . VAL A 1 120 ? 8.885   5.027   -12.322 1.00 37.82 ? 120 VAL A C   1 
ATOM   987  O  O   . VAL A 1 120 ? 9.050   5.343   -11.172 1.00 36.22 ? 120 VAL A O   1 
ATOM   988  C  CB  . VAL A 1 120 ? 6.762   3.609   -12.370 1.00 32.62 ? 120 VAL A CB  1 
ATOM   989  C  CG1 . VAL A 1 120 ? 5.255   3.660   -12.617 1.00 29.99 ? 120 VAL A CG1 1 
ATOM   990  C  CG2 . VAL A 1 120 ? 7.405   2.386   -12.976 1.00 35.72 ? 120 VAL A CG2 1 
ATOM   991  N  N   . GLN A 1 121 ? 9.919   4.822   -13.157 1.00 36.11 ? 121 GLN A N   1 
ATOM   992  C  CA  A GLN A 1 121 ? 11.303  4.920   -12.707 0.50 37.27 ? 121 GLN A CA  1 
ATOM   993  C  CA  B GLN A 1 121 ? 11.298  4.932   -12.693 0.50 37.04 ? 121 GLN A CA  1 
ATOM   994  C  C   . GLN A 1 121 ? 11.605  6.339   -12.211 1.00 35.40 ? 121 GLN A C   1 
ATOM   995  O  O   . GLN A 1 121 ? 12.496  6.539   -11.347 1.00 31.62 ? 121 GLN A O   1 
ATOM   996  C  CB  A GLN A 1 121 ? 12.279  4.465   -13.824 0.50 42.98 ? 121 GLN A CB  1 
ATOM   997  C  CB  B GLN A 1 121 ? 12.270  4.533   -13.803 0.50 42.41 ? 121 GLN A CB  1 
ATOM   998  C  CG  A GLN A 1 121 ? 12.142  2.981   -14.198 0.50 44.16 ? 121 GLN A CG  1 
ATOM   999  C  CG  B GLN A 1 121 ? 13.688  4.241   -13.316 0.50 44.00 ? 121 GLN A CG  1 
ATOM   1000 C  CD  A GLN A 1 121 ? 13.457  2.256   -14.516 0.50 50.59 ? 121 GLN A CD  1 
ATOM   1001 C  CD  B GLN A 1 121 ? 14.400  3.304   -14.267 0.50 46.83 ? 121 GLN A CD  1 
ATOM   1002 O  OE1 A GLN A 1 121 ? 13.500  1.328   -15.357 0.50 45.66 ? 121 GLN A OE1 1 
ATOM   1003 O  OE1 B GLN A 1 121 ? 14.209  3.383   -15.502 0.50 46.21 ? 121 GLN A OE1 1 
ATOM   1004 N  NE2 A GLN A 1 121 ? 14.534  2.655   -13.828 0.50 54.49 ? 121 GLN A NE2 1 
ATOM   1005 N  NE2 B GLN A 1 121 ? 15.212  2.393   -13.710 0.50 48.76 ? 121 GLN A NE2 1 
ATOM   1006 N  N   . ALA A 1 122 ? 10.862  7.322   -12.736 1.00 31.90 ? 122 ALA A N   1 
ATOM   1007 C  CA  . ALA A 1 122 ? 10.975  8.702   -12.246 1.00 35.86 ? 122 ALA A CA  1 
ATOM   1008 C  C   . ALA A 1 122 ? 10.824  8.800   -10.734 1.00 34.09 ? 122 ALA A C   1 
ATOM   1009 O  O   . ALA A 1 122 ? 11.530  9.544   -10.096 1.00 29.52 ? 122 ALA A O   1 
ATOM   1010 C  CB  . ALA A 1 122 ? 9.951   9.589   -12.924 1.00 37.77 ? 122 ALA A CB  1 
ATOM   1011 N  N   . TRP A 1 123 ? 9.937   7.985   -10.156 1.00 30.78 ? 123 TRP A N   1 
ATOM   1012 C  CA  . TRP A 1 123 ? 9.732   7.982   -8.684  1.00 28.93 ? 123 TRP A CA  1 
ATOM   1013 C  C   . TRP A 1 123 ? 10.975  7.550   -7.897  1.00 27.84 ? 123 TRP A C   1 
ATOM   1014 O  O   . TRP A 1 123 ? 11.136  7.912   -6.746  1.00 32.11 ? 123 TRP A O   1 
ATOM   1015 C  CB  . TRP A 1 123 ? 8.528   7.054   -8.352  1.00 29.89 ? 123 TRP A CB  1 
ATOM   1016 C  CG  . TRP A 1 123 ? 7.277   7.677   -8.831  1.00 27.30 ? 123 TRP A CG  1 
ATOM   1017 C  CD1 . TRP A 1 123 ? 6.602   7.379   -9.971  1.00 29.71 ? 123 TRP A CD1 1 
ATOM   1018 C  CD2 . TRP A 1 123 ? 6.618   8.776   -8.254  1.00 28.42 ? 123 TRP A CD2 1 
ATOM   1019 N  NE1 . TRP A 1 123 ? 5.509   8.189   -10.100 1.00 28.31 ? 123 TRP A NE1 1 
ATOM   1020 C  CE2 . TRP A 1 123 ? 5.506   9.069   -9.067  1.00 29.65 ? 123 TRP A CE2 1 
ATOM   1021 C  CE3 . TRP A 1 123 ? 6.855   9.561   -7.120  1.00 31.29 ? 123 TRP A CE3 1 
ATOM   1022 C  CZ2 . TRP A 1 123 ? 4.642   10.104  -8.792  1.00 33.93 ? 123 TRP A CZ2 1 
ATOM   1023 C  CZ3 . TRP A 1 123 ? 6.000   10.568  -6.837  1.00 34.49 ? 123 TRP A CZ3 1 
ATOM   1024 C  CH2 . TRP A 1 123 ? 4.913   10.865  -7.678  1.00 32.50 ? 123 TRP A CH2 1 
ATOM   1025 N  N   . ILE A 1 124 ? 11.888  6.799   -8.508  1.00 32.59 ? 124 ILE A N   1 
ATOM   1026 C  CA  . ILE A 1 124 ? 13.164  6.465   -7.829  1.00 34.03 ? 124 ILE A CA  1 
ATOM   1027 C  C   . ILE A 1 124 ? 14.404  7.231   -8.314  1.00 37.95 ? 124 ILE A C   1 
ATOM   1028 O  O   . ILE A 1 124 ? 15.502  6.998   -7.818  1.00 36.25 ? 124 ILE A O   1 
ATOM   1029 C  CB  . ILE A 1 124 ? 13.412  4.938   -7.792  1.00 39.62 ? 124 ILE A CB  1 
ATOM   1030 C  CG1 . ILE A 1 124 ? 13.702  4.340   -9.185  1.00 42.06 ? 124 ILE A CG1 1 
ATOM   1031 C  CG2 . ILE A 1 124 ? 12.221  4.248   -7.091  1.00 43.39 ? 124 ILE A CG2 1 
ATOM   1032 C  CD1 . ILE A 1 124 ? 14.314  2.960   -9.104  1.00 43.38 ? 124 ILE A CD1 1 
ATOM   1033 N  N   . ARG A 1 125 ? 14.217  8.190   -9.223  1.00 43.22 ? 125 ARG A N   1 
ATOM   1034 C  CA  . ARG A 1 125 ? 15.349  8.844   -9.831  1.00 45.87 ? 125 ARG A CA  1 
ATOM   1035 C  C   . ARG A 1 125 ? 16.099  9.631   -8.787  1.00 41.67 ? 125 ARG A C   1 
ATOM   1036 O  O   . ARG A 1 125 ? 15.530  10.406  -8.052  1.00 40.87 ? 125 ARG A O   1 
ATOM   1037 C  CB  . ARG A 1 125 ? 14.977  9.616   -11.115 1.00 47.93 ? 125 ARG A CB  1 
ATOM   1038 C  CG  . ARG A 1 125 ? 14.931  8.625   -12.317 1.00 59.16 ? 125 ARG A CG  1 
ATOM   1039 C  CD  . ARG A 1 125 ? 15.410  9.158   -13.677 1.00 63.90 ? 125 ARG A CD  1 
ATOM   1040 N  NE  . ARG A 1 125 ? 14.308  9.554   -14.577 1.00 70.23 ? 125 ARG A NE  1 
ATOM   1041 C  CZ  . ARG A 1 125 ? 13.552  8.727   -15.316 1.00 72.73 ? 125 ARG A CZ  1 
ATOM   1042 N  NH1 . ARG A 1 125 ? 13.729  7.398   -15.274 1.00 72.69 ? 125 ARG A NH1 1 
ATOM   1043 N  NH2 . ARG A 1 125 ? 12.608  9.242   -16.112 1.00 71.82 ? 125 ARG A NH2 1 
ATOM   1044 N  N   . GLY A 1 126 ? 17.373  9.301   -8.644  1.00 42.16 ? 126 GLY A N   1 
ATOM   1045 C  CA  . GLY A 1 126 ? 18.270  10.085  -7.801  1.00 46.65 ? 126 GLY A CA  1 
ATOM   1046 C  C   . GLY A 1 126 ? 18.361  9.659   -6.349  1.00 45.13 ? 126 GLY A C   1 
ATOM   1047 O  O   . GLY A 1 126 ? 19.035  10.325  -5.545  1.00 46.08 ? 126 GLY A O   1 
ATOM   1048 N  N   . CYS A 1 127 ? 17.674  8.566   -6.009  1.00 36.93 ? 127 CYS A N   1 
ATOM   1049 C  CA  . CYS A 1 127 ? 17.716  8.019   -4.687  1.00 37.57 ? 127 CYS A CA  1 
ATOM   1050 C  C   . CYS A 1 127 ? 18.939  7.103   -4.542  1.00 36.96 ? 127 CYS A C   1 
ATOM   1051 O  O   . CYS A 1 127 ? 19.213  6.291   -5.426  1.00 40.63 ? 127 CYS A O   1 
ATOM   1052 C  CB  . CYS A 1 127 ? 16.399  7.242   -4.424  1.00 34.61 ? 127 CYS A CB  1 
ATOM   1053 S  SG  . CYS A 1 127 ? 14.917  8.279   -4.716  1.00 34.51 ? 127 CYS A SG  1 
ATOM   1054 N  N   . ARG A 1 128 ? 19.658  7.228   -3.435  1.00 44.07 ? 128 ARG A N   1 
ATOM   1055 C  CA  . ARG A 1 128 ? 20.663  6.209   -3.060  1.00 49.15 ? 128 ARG A CA  1 
ATOM   1056 C  C   . ARG A 1 128 ? 19.962  4.869   -2.754  1.00 52.05 ? 128 ARG A C   1 
ATOM   1057 O  O   . ARG A 1 128 ? 19.342  4.689   -1.693  1.00 53.82 ? 128 ARG A O   1 
ATOM   1058 C  CB  . ARG A 1 128 ? 21.503  6.645   -1.855  1.00 56.81 ? 128 ARG A CB  1 
ATOM   1059 C  CG  . ARG A 1 128 ? 22.657  5.680   -1.524  1.00 61.38 ? 128 ARG A CG  1 
ATOM   1060 C  CD  . ARG A 1 128 ? 23.212  5.866   -0.117  1.00 63.16 ? 128 ARG A CD  1 
ATOM   1061 N  NE  . ARG A 1 128 ? 24.006  7.084   0.002   1.00 67.37 ? 128 ARG A NE  1 
ATOM   1062 C  CZ  . ARG A 1 128 ? 25.273  7.221   -0.399  1.00 75.38 ? 128 ARG A CZ  1 
ATOM   1063 N  NH1 . ARG A 1 128 ? 25.935  6.205   -0.966  1.00 78.12 ? 128 ARG A NH1 1 
ATOM   1064 N  NH2 . ARG A 1 128 ? 25.894  8.395   -0.234  1.00 75.26 ? 128 ARG A NH2 1 
ATOM   1065 N  N   . LEU A 1 129 ? 20.030  3.976   -3.736  1.00 55.46 ? 129 LEU A N   1 
ATOM   1066 C  CA  . LEU A 1 129 ? 19.614  2.579   -3.633  1.00 65.02 ? 129 LEU A CA  1 
ATOM   1067 C  C   . LEU A 1 129 ? 20.815  1.712   -4.095  1.00 75.14 ? 129 LEU A C   1 
ATOM   1068 O  O   . LEU A 1 129 ? 20.914  1.214   -5.237  1.00 74.08 ? 129 LEU A O   1 
ATOM   1069 C  CB  . LEU A 1 129 ? 18.413  2.295   -4.553  1.00 66.61 ? 129 LEU A CB  1 
ATOM   1070 C  CG  . LEU A 1 129 ? 16.967  2.781   -4.351  1.00 65.65 ? 129 LEU A CG  1 
ATOM   1071 C  CD1 . LEU A 1 129 ? 16.794  4.004   -3.462  1.00 66.40 ? 129 LEU A CD1 1 
ATOM   1072 C  CD2 . LEU A 1 129 ? 16.327  2.998   -5.718  1.00 62.41 ? 129 LEU A CD2 1 
ATOM   1073 O  OXT . LEU A 1 129 ? 21.762  1.489   -3.337  1.00 81.02 ? 129 LEU A OXT 1 
HETATM 1074 C  C1  . GOL B 2 .   ? 19.875  0.314   0.082   1.00 12.61 ? 201 GOL A C1  1 
HETATM 1075 O  O1  . GOL B 2 .   ? 20.935  1.105   0.612   1.00 54.80 ? 201 GOL A O1  1 
HETATM 1076 C  C2  . GOL B 2 .   ? 20.324  -0.517  -1.137  0.50 68.08 ? 201 GOL A C2  1 
HETATM 1077 O  O2  . GOL B 2 .   ? 21.321  -1.510  -0.855  0.50 79.97 ? 201 GOL A O2  1 
HETATM 1078 C  C3  . GOL B 2 .   ? 19.141  -1.173  -1.847  0.50 75.20 ? 201 GOL A C3  1 
HETATM 1079 O  O3  . GOL B 2 .   ? 18.963  -2.557  -1.484  0.50 77.15 ? 201 GOL A O3  1 
HETATM 1080 CL CL  . CL  C 3 .   ? 1.067   -9.101  -12.474 1.00 32.77 ? 202 CL  A CL  1 
HETATM 1081 NA NA  . NA  D 4 .   ? -11.664 -6.976  8.061   1.00 28.42 ? 203 NA  A NA  1 
HETATM 1082 CL CL  . CL  E 3 .   ? -14.981 -6.270  11.304  1.00 35.46 ? 204 CL  A CL  1 
HETATM 1083 O  O1  A 9Q8 F 5 .   ? 13.604  0.497   10.012  0.80 42.52 ? 205 9Q8 A O1  1 
HETATM 1084 C  C1  A 9Q8 F 5 .   ? 13.152  -0.118  9.319   0.80 42.42 ? 205 9Q8 A C1  1 
HETATM 1085 RU RU  A 9Q8 F 5 .   ? 12.317  -1.168  8.090   0.80 38.59 ? 205 9Q8 A RU  1 
HETATM 1086 C  C2  A 9Q8 F 5 .   ? 11.039  0.026   8.108   0.80 35.93 ? 205 9Q8 A C2  1 
HETATM 1087 O  O2  A 9Q8 F 5 .   ? 10.286  0.676   8.094   0.80 36.08 ? 205 9Q8 A O2  1 
HETATM 1088 C  C3  A 9Q8 F 5 .   ? 13.079  -0.130  6.934   0.80 40.71 ? 205 9Q8 A C3  1 
HETATM 1089 O  O3  A 9Q8 F 5 .   ? 13.564  0.428   6.229   0.80 44.22 ? 205 9Q8 A O3  1 
HETATM 1090 O  O5  A 9Q8 F 5 .   ? 11.342  -2.547  9.690   0.80 40.36 ? 205 9Q8 A O5  1 
HETATM 1091 O  O4  A 9Q8 F 5 .   ? 13.973  -2.751  8.083   0.80 43.17 ? 205 9Q8 A O4  1 
HETATM 1092 RU RU  . RU2 G 6 .   ? 15.787  -2.232  -8.778  0.50 54.83 ? 206 RU2 A RU  1 
HETATM 1093 O  O3  . RU2 G 6 .   ? 16.352  -0.513  -7.206  0.50 44.29 ? 206 RU2 A O3  1 
HETATM 1094 C  C2  . RU2 G 6 .   ? 17.159  -3.493  -8.398  0.50 49.57 ? 206 RU2 A C2  1 
HETATM 1095 O  O2  . RU2 G 6 .   ? 17.916  -4.167  -8.106  0.50 50.25 ? 206 RU2 A O2  1 
HETATM 1096 O  O1  . RU2 G 6 .   ? 17.076  -1.101  -10.391 0.50 46.85 ? 206 RU2 A O1  1 
HETATM 1097 O  O5  . RU2 G 6 .   ? 15.223  -3.875  -10.301 0.50 48.04 ? 206 RU2 A O5  1 
HETATM 1098 O  O4  . RU2 G 6 .   ? 14.039  -0.594  -9.320  0.50 49.17 ? 206 RU2 A O4  1 
HETATM 1099 RU RU  A RU2 H 6 .   ? -8.980  2.299   -1.766  0.30 52.09 ? 207 RU2 A RU  1 
HETATM 1100 RU RU  B RU2 H 6 .   ? -10.679 2.749   -0.867  0.30 52.48 ? 207 RU2 A RU  1 
HETATM 1101 O  O1  . RU1 I 7 .   ? 15.808  7.951   -18.548 0.50 52.30 ? 208 RU1 A O1  1 
HETATM 1102 C  C1  . RU1 I 7 .   ? 14.710  7.674   -18.308 0.50 57.86 ? 208 RU1 A C1  1 
HETATM 1103 RU RU  . RU1 I 7 .   ? 12.805  7.182   -17.884 0.50 58.48 ? 208 RU1 A RU  1 
HETATM 1104 C  C2  . RU1 I 7 .   ? 13.275  5.714   -19.099 0.50 55.73 ? 208 RU1 A C2  1 
HETATM 1105 O  O2  . RU1 I 7 .   ? 13.594  4.871   -19.880 0.50 52.96 ? 208 RU1 A O2  1 
HETATM 1106 RU RU  . RU2 J 6 .   ? 22.813  -0.354  -4.427  0.30 49.95 ? 209 RU2 A RU  1 
HETATM 1107 O  O3  . RU2 J 6 .   ? 21.470  -2.100  -3.894  0.30 41.46 ? 209 RU2 A O3  1 
HETATM 1108 O  O5  . RU2 J 6 .   ? 21.869  -0.987  -6.390  0.30 37.83 ? 209 RU2 A O5  1 
HETATM 1109 O  O4  . RU2 J 6 .   ? 24.179  1.366   -4.944  0.30 41.17 ? 209 RU2 A O4  1 
HETATM 1110 O  O   . HOH K 8 .   ? 7.678   -9.979  3.849   1.00 43.39 ? 301 HOH A O   1 
HETATM 1111 O  O   . HOH K 8 .   ? -14.600 -1.620  -0.286  1.00 42.14 ? 302 HOH A O   1 
HETATM 1112 O  O   . HOH K 8 .   ? 13.540  5.948   7.150   1.00 46.22 ? 303 HOH A O   1 
HETATM 1113 O  O   . HOH K 8 .   ? -6.638  3.061   -4.920  1.00 39.35 ? 304 HOH A O   1 
HETATM 1114 O  O   . HOH K 8 .   ? 7.257   13.165  1.579   1.00 35.10 ? 305 HOH A O   1 
HETATM 1115 O  O   . HOH K 8 .   ? 6.559   9.202   -14.033 1.00 42.75 ? 306 HOH A O   1 
HETATM 1116 O  O   . HOH K 8 .   ? -3.401  11.007  -2.950  1.00 29.89 ? 307 HOH A O   1 
HETATM 1117 O  O   . HOH K 8 .   ? 10.126  4.036   9.420   1.00 38.16 ? 308 HOH A O   1 
HETATM 1118 O  O   . HOH K 8 .   ? 1.587   2.170   6.428   1.00 28.45 ? 309 HOH A O   1 
HETATM 1119 O  O   . HOH K 8 .   ? 20.368  2.212   -7.504  1.00 57.86 ? 310 HOH A O   1 
HETATM 1120 O  O   . HOH K 8 .   ? -4.648  3.051   -16.531 1.00 55.18 ? 311 HOH A O   1 
HETATM 1121 O  O   . HOH K 8 .   ? 5.514   14.248  -1.805  1.00 56.52 ? 312 HOH A O   1 
HETATM 1122 O  O   . HOH K 8 .   ? 4.269   7.473   12.887  1.00 29.48 ? 313 HOH A O   1 
HETATM 1123 O  O   . HOH K 8 .   ? 5.233   8.591   -17.732 1.00 40.12 ? 314 HOH A O   1 
HETATM 1124 O  O   . HOH K 8 .   ? 3.543   -11.444 3.120   1.00 38.63 ? 315 HOH A O   1 
HETATM 1125 O  O   A HOH K 8 .   ? -10.633 5.129   0.462   0.70 40.52 ? 316 HOH A O   1 
HETATM 1126 O  O   . HOH K 8 .   ? -0.732  12.164  -3.157  1.00 43.91 ? 317 HOH A O   1 
HETATM 1127 O  O   . HOH K 8 .   ? -1.430  -11.182 -8.696  1.00 37.87 ? 318 HOH A O   1 
HETATM 1128 O  O   . HOH K 8 .   ? -5.109  -2.154  17.459  1.00 30.23 ? 319 HOH A O   1 
HETATM 1129 O  O   . HOH K 8 .   ? -16.610 -5.896  16.176  1.00 45.10 ? 320 HOH A O   1 
HETATM 1130 O  O   . HOH K 8 .   ? -7.774  4.090   -15.977 1.00 47.03 ? 321 HOH A O   1 
HETATM 1131 O  O   . HOH K 8 .   ? 1.662   13.394  3.163   1.00 45.66 ? 322 HOH A O   1 
HETATM 1132 O  O   . HOH K 8 .   ? -2.040  -13.727 -1.577  1.00 47.37 ? 323 HOH A O   1 
HETATM 1133 O  O   . HOH K 8 .   ? -14.168 0.436   8.700   1.00 21.26 ? 324 HOH A O   1 
HETATM 1134 O  O   . HOH K 8 .   ? -6.000  9.105   9.319   1.00 21.66 ? 325 HOH A O   1 
HETATM 1135 O  O   . HOH K 8 .   ? 2.172   10.673  9.987   1.00 25.13 ? 326 HOH A O   1 
HETATM 1136 O  O   A HOH K 8 .   ? -12.519 7.206   0.956   0.70 56.82 ? 327 HOH A O   1 
HETATM 1137 O  O   . HOH K 8 .   ? 0.455   10.042  -13.094 1.00 32.56 ? 328 HOH A O   1 
HETATM 1138 O  O   . HOH K 8 .   ? -5.691  7.705   -4.081  1.00 30.47 ? 329 HOH A O   1 
HETATM 1139 O  O   . HOH K 8 .   ? -2.109  -10.837 14.099  1.00 52.26 ? 330 HOH A O   1 
HETATM 1140 O  O   . HOH K 8 .   ? 8.317   -6.420  5.469   1.00 36.32 ? 331 HOH A O   1 
HETATM 1141 O  O   . HOH K 8 .   ? -18.438 -9.579  10.349  0.50 27.93 ? 332 HOH A O   1 
HETATM 1142 O  O   . HOH K 8 .   ? 10.169  11.292  7.519   1.00 48.48 ? 333 HOH A O   1 
HETATM 1143 O  O   . HOH K 8 .   ? 1.173   -7.683  7.687   1.00 35.17 ? 334 HOH A O   1 
HETATM 1144 O  O   . HOH K 8 .   ? 4.312   8.146   -12.939 1.00 39.87 ? 335 HOH A O   1 
HETATM 1145 O  O   . HOH K 8 .   ? -7.881  5.661   -0.032  1.00 29.76 ? 336 HOH A O   1 
HETATM 1146 O  O   . HOH K 8 .   ? -4.069  -8.493  -7.001  1.00 38.22 ? 337 HOH A O   1 
HETATM 1147 O  O   . HOH K 8 .   ? -6.261  -15.968 12.827  1.00 60.51 ? 338 HOH A O   1 
HETATM 1148 O  O   . HOH K 8 .   ? -6.123  -3.974  -15.710 1.00 41.15 ? 339 HOH A O   1 
HETATM 1149 O  O   . HOH K 8 .   ? 3.553   1.443   7.747   1.00 29.35 ? 340 HOH A O   1 
HETATM 1150 O  O   . HOH K 8 .   ? -10.662 7.201   9.097   0.50 38.83 ? 341 HOH A O   1 
HETATM 1151 O  O   . HOH K 8 .   ? -2.736  13.983  -6.131  1.00 33.68 ? 342 HOH A O   1 
HETATM 1152 O  O   . HOH K 8 .   ? 0.098   -10.257 6.513   1.00 39.09 ? 343 HOH A O   1 
HETATM 1153 O  O   . HOH K 8 .   ? 13.465  -5.436  -2.578  1.00 39.09 ? 344 HOH A O   1 
HETATM 1154 O  O   . HOH K 8 .   ? 12.513  11.641  -14.512 1.00 56.52 ? 345 HOH A O   1 
HETATM 1155 O  O   . HOH K 8 .   ? -0.910  0.327   3.938   1.00 18.94 ? 346 HOH A O   1 
HETATM 1156 O  O   . HOH K 8 .   ? 3.652   0.363   -14.452 1.00 41.96 ? 347 HOH A O   1 
HETATM 1157 O  O   . HOH K 8 .   ? -15.695 4.076   -1.441  1.00 49.15 ? 348 HOH A O   1 
HETATM 1158 O  O   . HOH K 8 .   ? -7.656  3.911   -2.239  0.30 9.73  ? 349 HOH A O   1 
HETATM 1159 O  O   . HOH K 8 .   ? 9.974   3.496   12.336  1.00 52.31 ? 350 HOH A O   1 
HETATM 1160 O  O   . HOH K 8 .   ? 0.044   1.741   14.705  1.00 36.61 ? 351 HOH A O   1 
HETATM 1161 O  O   . HOH K 8 .   ? -7.548  0.816   -16.325 1.00 49.31 ? 352 HOH A O   1 
HETATM 1162 O  O   . HOH K 8 .   ? -1.201  -1.983  15.949  1.00 39.22 ? 353 HOH A O   1 
HETATM 1163 O  O   . HOH K 8 .   ? -17.054 1.320   -0.945  1.00 44.21 ? 354 HOH A O   1 
HETATM 1164 O  O   . HOH K 8 .   ? 5.018   1.455   -16.419 1.00 35.72 ? 355 HOH A O   1 
HETATM 1165 O  O   . HOH K 8 .   ? -16.574 3.840   14.419  1.00 27.02 ? 356 HOH A O   1 
HETATM 1166 O  O   . HOH K 8 .   ? -2.353  4.969   -15.319 1.00 36.29 ? 357 HOH A O   1 
HETATM 1167 O  O   . HOH K 8 .   ? 9.764   -11.260 0.142   1.00 47.00 ? 358 HOH A O   1 
HETATM 1168 O  O   . HOH K 8 .   ? 11.094  1.581   -11.296 1.00 25.77 ? 359 HOH A O   1 
HETATM 1169 O  O   B HOH K 8 .   ? 15.374  -9.418  -10.573 0.50 36.62 ? 360 HOH A O   1 
HETATM 1170 O  O   . HOH K 8 .   ? -13.017 -10.939 9.864   1.00 50.73 ? 361 HOH A O   1 
HETATM 1171 O  O   . HOH K 8 .   ? 8.659   7.863   13.037  1.00 47.21 ? 362 HOH A O   1 
HETATM 1172 O  O   . HOH K 8 .   ? -14.195 -8.464  13.490  1.00 53.36 ? 363 HOH A O   1 
HETATM 1173 O  O   . HOH K 8 .   ? 8.253   -12.120 -6.296  1.00 38.48 ? 364 HOH A O   1 
HETATM 1174 O  O   . HOH K 8 .   ? -5.437  -0.607  -17.380 1.00 33.87 ? 365 HOH A O   1 
HETATM 1175 O  O   . HOH K 8 .   ? 8.609   -9.649  8.020   1.00 55.50 ? 366 HOH A O   1 
HETATM 1176 O  O   . HOH K 8 .   ? 3.042   -1.076  8.720   1.00 25.29 ? 367 HOH A O   1 
HETATM 1177 O  O   . HOH K 8 .   ? -2.070  -15.032 -9.900  1.00 54.61 ? 368 HOH A O   1 
HETATM 1178 O  O   . HOH K 8 .   ? -12.525 9.310   5.417   1.00 31.87 ? 369 HOH A O   1 
HETATM 1179 O  O   . HOH K 8 .   ? 10.783  0.424   -13.899 1.00 58.16 ? 370 HOH A O   1 
HETATM 1180 O  O   . HOH K 8 .   ? 2.884   -2.767  12.793  1.00 36.02 ? 371 HOH A O   1 
HETATM 1181 O  O   . HOH K 8 .   ? 11.031  -6.059  9.088   1.00 54.03 ? 372 HOH A O   1 
HETATM 1182 O  O   . HOH K 8 .   ? -5.992  8.727   -6.682  1.00 35.32 ? 373 HOH A O   1 
HETATM 1183 O  O   . HOH K 8 .   ? 4.496   13.666  1.167   1.00 40.94 ? 374 HOH A O   1 
HETATM 1184 O  O   . HOH K 8 .   ? -19.209 5.224   4.574   1.00 45.45 ? 375 HOH A O   1 
HETATM 1185 O  O   . HOH K 8 .   ? -2.380  11.467  3.788   1.00 35.66 ? 376 HOH A O   1 
HETATM 1186 O  O   . HOH K 8 .   ? 4.883   -2.905  10.959  1.00 27.08 ? 377 HOH A O   1 
HETATM 1187 O  O   . HOH K 8 .   ? -7.898  0.453   -4.349  1.00 34.45 ? 378 HOH A O   1 
HETATM 1188 O  O   . HOH K 8 .   ? -11.894 -8.259  9.818   1.00 30.03 ? 379 HOH A O   1 
HETATM 1189 O  O   . HOH K 8 .   ? -12.494 -5.419  9.670   1.00 22.88 ? 380 HOH A O   1 
HETATM 1190 O  O   . HOH K 8 .   ? 2.285   16.419  -1.958  1.00 52.10 ? 381 HOH A O   1 
HETATM 1191 O  O   . HOH K 8 .   ? 18.707  9.217   -1.391  1.00 38.54 ? 382 HOH A O   1 
HETATM 1192 O  O   . HOH K 8 .   ? 13.531  12.155  -1.402  1.00 39.18 ? 383 HOH A O   1 
HETATM 1193 O  O   . HOH K 8 .   ? 6.901   12.365  9.892   1.00 32.85 ? 384 HOH A O   1 
HETATM 1194 O  O   . HOH K 8 .   ? -0.876  14.740  -8.544  1.00 39.07 ? 385 HOH A O   1 
HETATM 1195 O  O   . HOH K 8 .   ? -11.828 -6.189  16.823  1.00 26.32 ? 386 HOH A O   1 
HETATM 1196 O  O   . HOH K 8 .   ? 4.495   3.728   14.925  1.00 38.35 ? 387 HOH A O   1 
HETATM 1197 O  O   . HOH K 8 .   ? 13.274  -8.086  -13.837 1.00 55.52 ? 388 HOH A O   1 
HETATM 1198 O  O   . HOH K 8 .   ? 3.154   -11.694 6.869   1.00 53.65 ? 389 HOH A O   1 
HETATM 1199 O  O   . HOH K 8 .   ? -12.034 8.375   7.328   0.50 31.91 ? 390 HOH A O   1 
HETATM 1200 O  O   . HOH K 8 .   ? 13.772  11.216  0.940   1.00 38.88 ? 391 HOH A O   1 
HETATM 1201 O  O   . HOH K 8 .   ? -1.512  11.457  -11.626 1.00 32.26 ? 392 HOH A O   1 
HETATM 1202 O  O   . HOH K 8 .   ? -8.920  -5.517  -2.573  1.00 44.16 ? 393 HOH A O   1 
HETATM 1203 O  O   A HOH K 8 .   ? -12.139 9.552   2.334   0.70 46.86 ? 394 HOH A O   1 
HETATM 1204 O  O   B HOH K 8 .   ? 13.688  -4.570  7.164   0.20 13.76 ? 395 HOH A O   1 
HETATM 1205 O  O   . HOH K 8 .   ? -9.843  -14.002 11.368  1.00 48.29 ? 396 HOH A O   1 
HETATM 1206 O  O   . HOH K 8 .   ? -6.562  -2.960  -0.378  1.00 32.53 ? 397 HOH A O   1 
HETATM 1207 O  O   . HOH K 8 .   ? 9.461   13.751  -0.583  1.00 51.55 ? 398 HOH A O   1 
HETATM 1208 O  O   . HOH K 8 .   ? 1.026   -16.139 -11.956 1.00 54.37 ? 399 HOH A O   1 
HETATM 1209 O  O   . HOH K 8 .   ? -15.442 -9.089  10.218  1.00 41.82 ? 400 HOH A O   1 
HETATM 1210 O  O   . HOH K 8 .   ? 25.216  9.808   2.559   1.00 43.27 ? 401 HOH A O   1 
HETATM 1211 O  O   . HOH K 8 .   ? -9.537  -1.826  -2.078  1.00 45.28 ? 402 HOH A O   1 
HETATM 1212 O  O   . HOH K 8 .   ? 9.479   3.021   -15.870 1.00 46.14 ? 403 HOH A O   1 
HETATM 1213 O  O   . HOH K 8 .   ? -10.075 -11.168 12.534  1.00 28.63 ? 404 HOH A O   1 
HETATM 1214 O  O   . HOH K 8 .   ? -5.518  -9.666  13.743  1.00 36.09 ? 405 HOH A O   1 
HETATM 1215 O  O   . HOH K 8 .   ? 16.213  -5.769  -3.438  1.00 51.59 ? 406 HOH A O   1 
HETATM 1216 O  O   . HOH K 8 .   ? -7.204  -7.646  15.291  1.00 25.98 ? 407 HOH A O   1 
HETATM 1217 O  O   . HOH K 8 .   ? -6.814  8.076   -1.131  1.00 43.38 ? 408 HOH A O   1 
HETATM 1218 O  O   . HOH K 8 .   ? 7.090   -13.445 0.207   1.00 48.73 ? 409 HOH A O   1 
HETATM 1219 O  O   . HOH K 8 .   ? 9.272   1.843   15.025  1.00 47.78 ? 410 HOH A O   1 
HETATM 1220 O  O   . HOH K 8 .   ? -0.710  13.503  4.281   1.00 33.83 ? 411 HOH A O   1 
HETATM 1221 O  O   . HOH K 8 .   ? -12.730 0.246   -10.031 1.00 61.15 ? 412 HOH A O   1 
HETATM 1222 O  O   . HOH K 8 .   ? 2.847   1.731   15.906  1.00 44.51 ? 413 HOH A O   1 
HETATM 1223 O  O   . HOH K 8 .   ? -7.778  5.454   -4.301  1.00 46.47 ? 414 HOH A O   1 
HETATM 1224 O  O   . HOH K 8 .   ? 18.333  -8.933  8.481   1.00 53.39 ? 415 HOH A O   1 
HETATM 1225 O  O   . HOH K 8 .   ? 10.984  -7.761  5.249   1.00 48.25 ? 416 HOH A O   1 
HETATM 1226 O  O   . HOH K 8 .   ? -17.872 -6.639  12.103  1.00 35.87 ? 417 HOH A O   1 
HETATM 1227 O  O   . HOH K 8 .   ? -14.771 -15.507 10.057  1.00 49.37 ? 418 HOH A O   1 
HETATM 1228 O  O   . HOH K 8 .   ? -0.690  0.953   -19.365 1.00 38.22 ? 419 HOH A O   1 
HETATM 1229 O  O   . HOH K 8 .   ? 4.484   1.023   -19.911 1.00 51.02 ? 420 HOH A O   1 
HETATM 1230 O  O   . HOH K 8 .   ? 3.117   10.401  -12.213 1.00 38.90 ? 421 HOH A O   1 
HETATM 1231 O  O   . HOH K 8 .   ? 2.912   -8.408  9.576   1.00 32.14 ? 422 HOH A O   1 
HETATM 1232 O  O   . HOH K 8 .   ? -19.531 -3.967  13.065  1.00 45.64 ? 423 HOH A O   1 
HETATM 1233 O  O   . HOH K 8 .   ? -0.785  17.113  -2.233  1.00 53.23 ? 424 HOH A O   1 
HETATM 1234 O  O   . HOH K 8 .   ? 7.291   13.253  -4.060  1.00 41.78 ? 425 HOH A O   1 
HETATM 1235 O  O   . HOH K 8 .   ? 7.127   11.301  -12.180 1.00 51.08 ? 426 HOH A O   1 
HETATM 1236 O  O   . HOH K 8 .   ? 7.886   11.471  -9.618  1.00 48.15 ? 427 HOH A O   1 
HETATM 1237 O  O   A HOH K 8 .   ? -8.128  -2.494  -16.092 0.70 50.84 ? 428 HOH A O   1 
HETATM 1238 O  O   . HOH K 8 .   ? 1.742   -1.242  15.279  1.00 47.29 ? 429 HOH A O   1 
HETATM 1239 O  O   . HOH K 8 .   ? 4.658   10.411  -16.013 1.00 49.77 ? 430 HOH A O   1 
HETATM 1240 O  O   . HOH K 8 .   ? -21.781 6.443   -3.593  1.00 53.08 ? 431 HOH A O   1 
HETATM 1241 O  O   . HOH K 8 .   ? 1.725   -10.343 11.446  1.00 45.74 ? 432 HOH A O   1 
HETATM 1242 O  O   . HOH K 8 .   ? 0.687   -14.733 -0.683  1.00 54.62 ? 433 HOH A O   1 
HETATM 1243 O  O   . HOH K 8 .   ? 4.143   15.647  -7.079  1.00 55.18 ? 434 HOH A O   1 
HETATM 1244 O  O   . HOH K 8 .   ? -15.116 -10.989 11.815  1.00 41.34 ? 435 HOH A O   1 
HETATM 1245 O  O   . HOH K 8 .   ? 6.189   -12.251 2.719   1.00 58.49 ? 436 HOH A O   1 
HETATM 1246 O  O   . HOH K 8 .   ? -3.595  1.289   -18.380 1.00 33.20 ? 437 HOH A O   1 
HETATM 1247 O  O   . HOH K 8 .   ? -15.128 10.275  5.358   0.50 31.89 ? 438 HOH A O   1 
HETATM 1248 O  O   . HOH K 8 .   ? -9.268  -16.562 11.853  1.00 53.79 ? 439 HOH A O   1 
HETATM 1249 O  O   . HOH K 8 .   ? 2.686   -5.250  13.225  1.00 53.48 ? 440 HOH A O   1 
HETATM 1250 O  O   . HOH K 8 .   ? 0.191   -6.985  14.328  1.00 48.54 ? 441 HOH A O   1 
HETATM 1251 O  O   . HOH K 8 .   ? -0.283  -4.835  16.324  1.00 45.39 ? 442 HOH A O   1 
HETATM 1252 O  O   . HOH K 8 .   ? -13.758 -12.024 13.395  0.50 41.53 ? 443 HOH A O   1 
HETATM 1253 O  O   . HOH K 8 .   ? 5.990   7.037   17.705  1.00 68.45 ? 444 HOH A O   1 
HETATM 1254 O  O   . HOH K 8 .   ? 7.999   2.329   -21.492 1.00 50.38 ? 445 HOH A O   1 
HETATM 1255 O  O   . HOH K 8 .   ? 5.494   -12.109 12.456  0.50 37.33 ? 446 HOH A O   1 
HETATM 1256 O  O   . HOH K 8 .   ? 2.105   -8.737  16.745  1.00 59.19 ? 447 HOH A O   1 
# 
